data_7QVQ
# 
_entry.id   7QVQ 
# 
_audit_conform.dict_name       mmcif_pdbx.dic 
_audit_conform.dict_version    5.385 
_audit_conform.dict_location   http://mmcif.pdb.org/dictionaries/ascii/mmcif_pdbx.dic 
# 
loop_
_database_2.database_id 
_database_2.database_code 
_database_2.pdbx_database_accession 
_database_2.pdbx_DOI 
PDB   7QVQ         pdb_00007qvq 10.2210/pdb7qvq/pdb 
WWPDB D_1292120442 ?            ?                   
# 
loop_
_pdbx_audit_revision_history.ordinal 
_pdbx_audit_revision_history.data_content_type 
_pdbx_audit_revision_history.major_revision 
_pdbx_audit_revision_history.minor_revision 
_pdbx_audit_revision_history.revision_date 
1 'Structure model' 1 0 2022-12-28 
2 'Structure model' 1 1 2023-03-01 
3 'Structure model' 1 2 2024-02-07 
# 
_pdbx_audit_revision_details.ordinal             1 
_pdbx_audit_revision_details.revision_ordinal    1 
_pdbx_audit_revision_details.data_content_type   'Structure model' 
_pdbx_audit_revision_details.provider            repository 
_pdbx_audit_revision_details.type                'Initial release' 
_pdbx_audit_revision_details.description         ? 
_pdbx_audit_revision_details.details             ? 
# 
loop_
_pdbx_audit_revision_group.ordinal 
_pdbx_audit_revision_group.revision_ordinal 
_pdbx_audit_revision_group.data_content_type 
_pdbx_audit_revision_group.group 
1 2 'Structure model' 'Data collection'        
2 3 'Structure model' 'Data collection'        
3 3 'Structure model' 'Refinement description' 
# 
loop_
_pdbx_audit_revision_category.ordinal 
_pdbx_audit_revision_category.revision_ordinal 
_pdbx_audit_revision_category.data_content_type 
_pdbx_audit_revision_category.category 
1 2 'Structure model' diffrn_source                 
2 3 'Structure model' chem_comp_atom                
3 3 'Structure model' chem_comp_bond                
4 3 'Structure model' pdbx_initial_refinement_model 
# 
loop_
_pdbx_audit_revision_item.ordinal 
_pdbx_audit_revision_item.revision_ordinal 
_pdbx_audit_revision_item.data_content_type 
_pdbx_audit_revision_item.item 
1 2 'Structure model' '_diffrn_source.pdbx_synchrotron_beamline' 
2 2 'Structure model' '_diffrn_source.type'                      
# 
_pdbx_database_status.status_code                     REL 
_pdbx_database_status.status_code_sf                  REL 
_pdbx_database_status.status_code_mr                  ? 
_pdbx_database_status.entry_id                        7QVQ 
_pdbx_database_status.recvd_initial_deposition_date   2022-01-23 
_pdbx_database_status.SG_entry                        N 
_pdbx_database_status.deposit_site                    PDBE 
_pdbx_database_status.process_site                    PDBE 
_pdbx_database_status.status_code_cs                  ? 
_pdbx_database_status.status_code_nmr_data            ? 
_pdbx_database_status.methods_development_category    ? 
_pdbx_database_status.pdb_format_compatible           Y 
# 
_pdbx_contact_author.id                 2 
_pdbx_contact_author.email              carla.bazzicalupi@unifi.it 
_pdbx_contact_author.name_first         Carla 
_pdbx_contact_author.name_last          Bazzicalupi 
_pdbx_contact_author.name_mi            ? 
_pdbx_contact_author.role               'principal investigator/group leader' 
_pdbx_contact_author.identifier_ORCID   0000-0003-4602-0405 
# 
loop_
_audit_author.name 
_audit_author.pdbx_ordinal 
_audit_author.identifier_ORCID 
'Bazzicalupi, C.' 1 0000-0003-4602-0405 
'Ryde, U.'        2 0000-0001-7653-8489 
'Gratteri, P.'    3 0000-0002-9137-2509 
'Bergmann, J.'    4 ?                   
# 
_citation.abstract                  ? 
_citation.abstract_id_CAS           ? 
_citation.book_id_ISBN              ? 
_citation.book_publisher            ? 
_citation.book_publisher_city       ? 
_citation.book_title                ? 
_citation.coordinate_linkage        ? 
_citation.country                   CH 
_citation.database_id_Medline       ? 
_citation.details                   ? 
_citation.id                        primary 
_citation.journal_abbrev            'Int J Mol Sci' 
_citation.journal_id_ASTM           ? 
_citation.journal_id_CSD            ? 
_citation.journal_id_ISSN           1422-0067 
_citation.journal_full              ? 
_citation.journal_issue             ? 
_citation.journal_volume            23 
_citation.language                  ? 
_citation.page_first                ? 
_citation.page_last                 ? 
_citation.title                     
;Probing the Efficiency of 13-Pyridylalkyl Berberine Derivatives to Human Telomeric G-Quadruplexes Binding: Spectroscopic, Solid State and In Silico Analysis.
;
_citation.year                      2022 
_citation.database_id_CSD           ? 
_citation.pdbx_database_id_DOI      10.3390/ijms232214061 
_citation.pdbx_database_id_PubMed   36430540 
_citation.pdbx_database_id_patent   ? 
_citation.unpublished_flag          ? 
# 
loop_
_citation_author.citation_id 
_citation_author.name 
_citation_author.ordinal 
_citation_author.identifier_ORCID 
primary 'Bazzicalupi, C.' 1 0000-0003-4602-0405 
primary 'Bonardi, A.'     2 0000-0002-5520-740X 
primary 'Biver, T.'       3 0000-0001-8512-8422 
primary 'Ferraroni, M.'   4 0000-0001-7258-738X 
primary 'Papi, F.'        5 ?                   
primary 'Savastano, M.'   6 0000-0002-9780-7542 
primary 'Lombardi, P.'    7 0000-0002-7971-7404 
primary 'Gratteri, P.'    8 0000-0002-9137-2509 
# 
loop_
_entity.id 
_entity.type 
_entity.src_method 
_entity.pdbx_description 
_entity.formula_weight 
_entity.pdbx_number_of_molecules 
_entity.pdbx_ec 
_entity.pdbx_mutation 
_entity.pdbx_fragment 
_entity.details 
1 polymer     syn 'human telomeric DNA'                                       7591.883 1  ? ? ? ? 
2 non-polymer syn 'POTASSIUM ION'                                             39.098   3  ? ? ? ? 
3 non-polymer syn '2,4,6-tris (2-pyrimidyl)-1,3,5-triazine gold(III) complex' 547.712  4  ? ? ? ? 
4 water       nat water                                                       18.015   52 ? ? ? ? 
# 
_entity_poly.entity_id                      1 
_entity_poly.type                           polydeoxyribonucleotide 
_entity_poly.nstd_linkage                   no 
_entity_poly.nstd_monomer                   no 
_entity_poly.pdbx_seq_one_letter_code       
;(DT)(DA)(DG)(DG)(DG)(DT)(DT)(DA)(DG)(DG)(DG)(DT)(DT)(DA)(DG)(DG)(DG)(DT)(DT)(DA)
(DG)(DG)(DG)(DT)
;
_entity_poly.pdbx_seq_one_letter_code_can   TAGGGTTAGGGTTAGGGTTAGGGT 
_entity_poly.pdbx_strand_id                 A 
_entity_poly.pdbx_target_identifier         ? 
# 
loop_
_pdbx_entity_nonpoly.entity_id 
_pdbx_entity_nonpoly.name 
_pdbx_entity_nonpoly.comp_id 
2 'POTASSIUM ION'                                             K   
3 '2,4,6-tris (2-pyrimidyl)-1,3,5-triazine gold(III) complex' I6K 
4 water                                                       HOH 
# 
loop_
_entity_poly_seq.entity_id 
_entity_poly_seq.num 
_entity_poly_seq.mon_id 
_entity_poly_seq.hetero 
1 1  DT n 
1 2  DA n 
1 3  DG n 
1 4  DG n 
1 5  DG n 
1 6  DT n 
1 7  DT n 
1 8  DA n 
1 9  DG n 
1 10 DG n 
1 11 DG n 
1 12 DT n 
1 13 DT n 
1 14 DA n 
1 15 DG n 
1 16 DG n 
1 17 DG n 
1 18 DT n 
1 19 DT n 
1 20 DA n 
1 21 DG n 
1 22 DG n 
1 23 DG n 
1 24 DT n 
# 
_pdbx_entity_src_syn.entity_id              1 
_pdbx_entity_src_syn.pdbx_src_id            1 
_pdbx_entity_src_syn.pdbx_alt_source_flag   sample 
_pdbx_entity_src_syn.pdbx_beg_seq_num       1 
_pdbx_entity_src_syn.pdbx_end_seq_num       24 
_pdbx_entity_src_syn.organism_scientific    'Homo sapiens' 
_pdbx_entity_src_syn.organism_common_name   ? 
_pdbx_entity_src_syn.ncbi_taxonomy_id       9606 
_pdbx_entity_src_syn.details                ? 
# 
loop_
_chem_comp.id 
_chem_comp.type 
_chem_comp.mon_nstd_flag 
_chem_comp.name 
_chem_comp.pdbx_synonyms 
_chem_comp.formula 
_chem_comp.formula_weight 
DA  'DNA linking' y "2'-DEOXYADENOSINE-5'-MONOPHOSPHATE"                        ? 'C10 H14 N5 O6 P'   331.222 
DG  'DNA linking' y "2'-DEOXYGUANOSINE-5'-MONOPHOSPHATE"                        ? 'C10 H14 N5 O7 P'   347.221 
DT  'DNA linking' y "THYMIDINE-5'-MONOPHOSPHATE"                                ? 'C10 H15 N2 O8 P'   322.208 
HOH non-polymer   . WATER                                                       ? 'H2 O'              18.015  
I6K non-polymer   . '2,4,6-tris (2-pyrimidyl)-1,3,5-triazine gold(III) complex' ? 'C15 H9 Au Cl N9 2' 547.712 
K   non-polymer   . 'POTASSIUM ION'                                             ? 'K 1'               39.098  
# 
loop_
_pdbx_poly_seq_scheme.asym_id 
_pdbx_poly_seq_scheme.entity_id 
_pdbx_poly_seq_scheme.seq_id 
_pdbx_poly_seq_scheme.mon_id 
_pdbx_poly_seq_scheme.ndb_seq_num 
_pdbx_poly_seq_scheme.pdb_seq_num 
_pdbx_poly_seq_scheme.auth_seq_num 
_pdbx_poly_seq_scheme.pdb_mon_id 
_pdbx_poly_seq_scheme.auth_mon_id 
_pdbx_poly_seq_scheme.pdb_strand_id 
_pdbx_poly_seq_scheme.pdb_ins_code 
_pdbx_poly_seq_scheme.hetero 
A 1 1  DT 1  1  1  DT DT A . n 
A 1 2  DA 2  2  2  DA DA A . n 
A 1 3  DG 3  3  3  DG DG A . n 
A 1 4  DG 4  4  4  DG DG A . n 
A 1 5  DG 5  5  5  DG DG A . n 
A 1 6  DT 6  6  6  DT DT A . n 
A 1 7  DT 7  7  7  DT DT A . n 
A 1 8  DA 8  8  8  DA DA A . n 
A 1 9  DG 9  9  9  DG DG A . n 
A 1 10 DG 10 10 10 DG DG A . n 
A 1 11 DG 11 11 11 DG DG A . n 
A 1 12 DT 12 12 12 DT DT A . n 
A 1 13 DT 13 13 13 DT DT A . n 
A 1 14 DA 14 14 14 DA DA A . n 
A 1 15 DG 15 15 15 DG DG A . n 
A 1 16 DG 16 16 16 DG DG A . n 
A 1 17 DG 17 17 17 DG DG A . n 
A 1 18 DT 18 18 18 DT DT A . n 
A 1 19 DT 19 19 19 DT DT A . n 
A 1 20 DA 20 20 20 DA DA A . n 
A 1 21 DG 21 21 21 DG DG A . n 
A 1 22 DG 22 22 22 DG DG A . n 
A 1 23 DG 23 23 23 DG DG A . n 
A 1 24 DT 24 24 24 DT DT A . n 
# 
loop_
_pdbx_nonpoly_scheme.asym_id 
_pdbx_nonpoly_scheme.entity_id 
_pdbx_nonpoly_scheme.mon_id 
_pdbx_nonpoly_scheme.ndb_seq_num 
_pdbx_nonpoly_scheme.pdb_seq_num 
_pdbx_nonpoly_scheme.auth_seq_num 
_pdbx_nonpoly_scheme.pdb_mon_id 
_pdbx_nonpoly_scheme.auth_mon_id 
_pdbx_nonpoly_scheme.pdb_strand_id 
_pdbx_nonpoly_scheme.pdb_ins_code 
B 2 K   1  101 1  K   K   A . 
C 2 K   1  102 2  K   K   A . 
D 2 K   1  103 3  K   K   A . 
E 3 I6K 1  104 1  I6K AUT A . 
F 3 I6K 1  105 1  I6K AUT A . 
G 3 I6K 1  106 1  I6K AUT A . 
H 3 I6K 1  107 1  I6K AUT A . 
I 4 HOH 1  201 6  HOH HOH A . 
I 4 HOH 2  202 3  HOH HOH A . 
I 4 HOH 3  203 39 HOH HOH A . 
I 4 HOH 4  204 10 HOH HOH A . 
I 4 HOH 5  205 15 HOH HOH A . 
I 4 HOH 6  206 24 HOH HOH A . 
I 4 HOH 7  207 49 HOH HOH A . 
I 4 HOH 8  208 38 HOH HOH A . 
I 4 HOH 9  209 40 HOH HOH A . 
I 4 HOH 10 210 31 HOH HOH A . 
I 4 HOH 11 211 50 HOH HOH A . 
I 4 HOH 12 212 34 HOH HOH A . 
I 4 HOH 13 213 9  HOH HOH A . 
I 4 HOH 14 214 17 HOH HOH A . 
I 4 HOH 15 215 45 HOH HOH A . 
I 4 HOH 16 216 13 HOH HOH A . 
I 4 HOH 17 217 42 HOH HOH A . 
I 4 HOH 18 218 47 HOH HOH A . 
I 4 HOH 19 219 43 HOH HOH A . 
I 4 HOH 20 220 4  HOH HOH A . 
I 4 HOH 21 221 16 HOH HOH A . 
I 4 HOH 22 222 53 HOH HOH A . 
I 4 HOH 23 223 37 HOH HOH A . 
I 4 HOH 24 224 51 HOH HOH A . 
I 4 HOH 25 225 36 HOH HOH A . 
I 4 HOH 26 226 26 HOH HOH A . 
I 4 HOH 27 227 27 HOH HOH A . 
I 4 HOH 28 228 41 HOH HOH A . 
I 4 HOH 29 229 7  HOH HOH A . 
I 4 HOH 30 230 25 HOH HOH A . 
I 4 HOH 31 231 8  HOH HOH A . 
I 4 HOH 32 232 32 HOH HOH A . 
I 4 HOH 33 233 48 HOH HOH A . 
I 4 HOH 34 234 14 HOH HOH A . 
I 4 HOH 35 235 33 HOH HOH A . 
I 4 HOH 36 236 18 HOH HOH A . 
I 4 HOH 37 237 5  HOH HOH A . 
I 4 HOH 38 238 2  HOH HOH A . 
I 4 HOH 39 239 11 HOH HOH A . 
I 4 HOH 40 240 30 HOH HOH A . 
I 4 HOH 41 241 29 HOH HOH A . 
I 4 HOH 42 242 21 HOH HOH A . 
I 4 HOH 43 243 12 HOH HOH A . 
I 4 HOH 44 244 28 HOH HOH A . 
I 4 HOH 45 245 52 HOH HOH A . 
I 4 HOH 46 246 20 HOH HOH A . 
I 4 HOH 47 247 23 HOH HOH A . 
I 4 HOH 48 248 1  HOH HOH A . 
I 4 HOH 49 249 22 HOH HOH A . 
I 4 HOH 50 250 44 HOH HOH A . 
I 4 HOH 51 251 46 HOH HOH A . 
I 4 HOH 52 252 19 HOH HOH A . 
# 
loop_
_pdbx_unobs_or_zero_occ_atoms.id 
_pdbx_unobs_or_zero_occ_atoms.PDB_model_num 
_pdbx_unobs_or_zero_occ_atoms.polymer_flag 
_pdbx_unobs_or_zero_occ_atoms.occupancy_flag 
_pdbx_unobs_or_zero_occ_atoms.auth_asym_id 
_pdbx_unobs_or_zero_occ_atoms.auth_comp_id 
_pdbx_unobs_or_zero_occ_atoms.auth_seq_id 
_pdbx_unobs_or_zero_occ_atoms.PDB_ins_code 
_pdbx_unobs_or_zero_occ_atoms.auth_atom_id 
_pdbx_unobs_or_zero_occ_atoms.label_alt_id 
_pdbx_unobs_or_zero_occ_atoms.label_asym_id 
_pdbx_unobs_or_zero_occ_atoms.label_comp_id 
_pdbx_unobs_or_zero_occ_atoms.label_seq_id 
_pdbx_unobs_or_zero_occ_atoms.label_atom_id 
1  1 Y 1 A DT 24 ? "C5'" ? A DT 24 "C5'" 
2  1 Y 1 A DT 24 ? "C4'" ? A DT 24 "C4'" 
3  1 Y 1 A DT 24 ? "O4'" ? A DT 24 "O4'" 
4  1 Y 1 A DT 24 ? "C3'" ? A DT 24 "C3'" 
5  1 Y 1 A DT 24 ? "O3'" ? A DT 24 "O3'" 
6  1 Y 1 A DT 24 ? "C2'" ? A DT 24 "C2'" 
7  1 Y 1 A DT 24 ? "C1'" ? A DT 24 "C1'" 
8  1 Y 1 A DT 24 ? N1    ? A DT 24 N1    
9  1 Y 1 A DT 24 ? C2    ? A DT 24 C2    
10 1 Y 1 A DT 24 ? N3    ? A DT 24 N3    
11 1 Y 1 A DT 24 ? C4    ? A DT 24 C4    
12 1 Y 1 A DT 24 ? O4    ? A DT 24 O4    
13 1 Y 1 A DT 24 ? C5    ? A DT 24 C5    
14 1 Y 1 A DT 24 ? C7    ? A DT 24 C7    
15 1 Y 1 A DT 24 ? C6    ? A DT 24 C6    
# 
loop_
_software.citation_id 
_software.classification 
_software.compiler_name 
_software.compiler_version 
_software.contact_author 
_software.contact_author_email 
_software.date 
_software.description 
_software.dependencies 
_software.hardware 
_software.language 
_software.location 
_software.mods 
_software.name 
_software.os 
_software.os_version 
_software.type 
_software.version 
_software.pdbx_ordinal 
? 'data reduction'  ? ? ? ? ? ? ? ? ? ? ? XDS         ? ? ? .        1 
? 'data extraction' ? ? ? ? ? ? ? ? ? ? ? PDB_EXTRACT ? ? ? 3.27     2 
? refinement        ? ? ? ? ? ? ? ? ? ? ? nCNS        ? ? ? ComQum-X 3 
? 'data scaling'    ? ? ? ? ? ? ? ? ? ? ? XSCALE      ? ? ? .        4 
? phasing           ? ? ? ? ? ? ? ? ? ? ? MOLREP      ? ? ? .        5 
# 
_cell.angle_alpha                  90.000 
_cell.angle_alpha_esd              ? 
_cell.angle_beta                   92.080 
_cell.angle_beta_esd               ? 
_cell.angle_gamma                  90.000 
_cell.angle_gamma_esd              ? 
_cell.entry_id                     7QVQ 
_cell.details                      ? 
_cell.formula_units_Z              ? 
_cell.length_a                     36.780 
_cell.length_a_esd                 ? 
_cell.length_b                     71.530 
_cell.length_b_esd                 ? 
_cell.length_c                     26.240 
_cell.length_c_esd                 ? 
_cell.volume                       ? 
_cell.volume_esd                   ? 
_cell.Z_PDB                        4 
_cell.reciprocal_angle_alpha       ? 
_cell.reciprocal_angle_beta        ? 
_cell.reciprocal_angle_gamma       ? 
_cell.reciprocal_angle_alpha_esd   ? 
_cell.reciprocal_angle_beta_esd    ? 
_cell.reciprocal_angle_gamma_esd   ? 
_cell.reciprocal_length_a          ? 
_cell.reciprocal_length_b          ? 
_cell.reciprocal_length_c          ? 
_cell.reciprocal_length_a_esd      ? 
_cell.reciprocal_length_b_esd      ? 
_cell.reciprocal_length_c_esd      ? 
_cell.pdbx_unique_axis             ? 
# 
_symmetry.entry_id                         7QVQ 
_symmetry.cell_setting                     ? 
_symmetry.Int_Tables_number                5 
_symmetry.space_group_name_Hall            ? 
_symmetry.space_group_name_H-M             'C 1 2 1' 
_symmetry.pdbx_full_space_group_name_H-M   ? 
# 
_exptl.absorpt_coefficient_mu     ? 
_exptl.absorpt_correction_T_max   ? 
_exptl.absorpt_correction_T_min   ? 
_exptl.absorpt_correction_type    ? 
_exptl.absorpt_process_details    ? 
_exptl.entry_id                   7QVQ 
_exptl.crystals_number            1 
_exptl.details                    ? 
_exptl.method                     'X-RAY DIFFRACTION' 
_exptl.method_details             ? 
# 
_exptl_crystal.colour                      ? 
_exptl_crystal.density_diffrn              ? 
_exptl_crystal.density_Matthews            2.2 
_exptl_crystal.density_method              ? 
_exptl_crystal.density_percent_sol         62 
_exptl_crystal.description                 ? 
_exptl_crystal.F_000                       ? 
_exptl_crystal.id                          1 
_exptl_crystal.preparation                 ? 
_exptl_crystal.size_max                    ? 
_exptl_crystal.size_mid                    ? 
_exptl_crystal.size_min                    ? 
_exptl_crystal.size_rad                    ? 
_exptl_crystal.colour_lustre               ? 
_exptl_crystal.colour_modifier             ? 
_exptl_crystal.colour_primary              ? 
_exptl_crystal.density_meas                ? 
_exptl_crystal.density_meas_esd            ? 
_exptl_crystal.density_meas_gt             ? 
_exptl_crystal.density_meas_lt             ? 
_exptl_crystal.density_meas_temp           ? 
_exptl_crystal.density_meas_temp_esd       ? 
_exptl_crystal.density_meas_temp_gt        ? 
_exptl_crystal.density_meas_temp_lt        ? 
_exptl_crystal.pdbx_crystal_image_url      ? 
_exptl_crystal.pdbx_crystal_image_format   ? 
_exptl_crystal.pdbx_mosaicity              ? 
_exptl_crystal.pdbx_mosaicity_esd          ? 
# 
_exptl_crystal_grow.apparatus       ? 
_exptl_crystal_grow.atmosphere      ? 
_exptl_crystal_grow.crystal_id      1 
_exptl_crystal_grow.details         ? 
_exptl_crystal_grow.method          'VAPOR DIFFUSION, SITTING DROP' 
_exptl_crystal_grow.method_ref      ? 
_exptl_crystal_grow.pH              6.5 
_exptl_crystal_grow.pressure        ? 
_exptl_crystal_grow.pressure_esd    ? 
_exptl_crystal_grow.seeding         ? 
_exptl_crystal_grow.seeding_ref     ? 
_exptl_crystal_grow.temp            296 
_exptl_crystal_grow.temp_details    ? 
_exptl_crystal_grow.temp_esd        ? 
_exptl_crystal_grow.time            ? 
_exptl_crystal_grow.pdbx_details    'isopropanol, potassium cacodylate, Li2SO4, MgSO4' 
_exptl_crystal_grow.pdbx_pH_range   ? 
# 
_diffrn.ambient_environment              ? 
_diffrn.ambient_temp                     100 
_diffrn.ambient_temp_details             ? 
_diffrn.ambient_temp_esd                 ? 
_diffrn.crystal_id                       1 
_diffrn.crystal_support                  ? 
_diffrn.crystal_treatment                ? 
_diffrn.details                          ? 
_diffrn.id                               1 
_diffrn.ambient_pressure                 ? 
_diffrn.ambient_pressure_esd             ? 
_diffrn.ambient_pressure_gt              ? 
_diffrn.ambient_pressure_lt              ? 
_diffrn.ambient_temp_gt                  ? 
_diffrn.ambient_temp_lt                  ? 
_diffrn.pdbx_serial_crystal_experiment   N 
# 
_diffrn_detector.details                      ? 
_diffrn_detector.detector                     PIXEL 
_diffrn_detector.diffrn_id                    1 
_diffrn_detector.type                         'DECTRIS PILATUS3 2M' 
_diffrn_detector.area_resol_mean              ? 
_diffrn_detector.dtime                        ? 
_diffrn_detector.pdbx_frames_total            ? 
_diffrn_detector.pdbx_collection_time_total   ? 
_diffrn_detector.pdbx_collection_date         2018-01-28 
_diffrn_detector.pdbx_frequency               ? 
# 
_diffrn_radiation.collimation                      ? 
_diffrn_radiation.diffrn_id                        1 
_diffrn_radiation.filter_edge                      ? 
_diffrn_radiation.inhomogeneity                    ? 
_diffrn_radiation.monochromator                    ? 
_diffrn_radiation.polarisn_norm                    ? 
_diffrn_radiation.polarisn_ratio                   ? 
_diffrn_radiation.probe                            ? 
_diffrn_radiation.type                             ? 
_diffrn_radiation.xray_symbol                      ? 
_diffrn_radiation.wavelength_id                    1 
_diffrn_radiation.pdbx_monochromatic_or_laue_m_l   M 
_diffrn_radiation.pdbx_wavelength_list             ? 
_diffrn_radiation.pdbx_wavelength                  ? 
_diffrn_radiation.pdbx_diffrn_protocol             'SINGLE WAVELENGTH' 
_diffrn_radiation.pdbx_analyzer                    ? 
_diffrn_radiation.pdbx_scattering_type             x-ray 
# 
_diffrn_radiation_wavelength.id           1 
_diffrn_radiation_wavelength.wavelength   0.87313 
_diffrn_radiation_wavelength.wt           1.0 
# 
_diffrn_source.current                     ? 
_diffrn_source.details                     ? 
_diffrn_source.diffrn_id                   1 
_diffrn_source.power                       ? 
_diffrn_source.size                        ? 
_diffrn_source.source                      SYNCHROTRON 
_diffrn_source.target                      ? 
_diffrn_source.type                        'ESRF BEAMLINE ID23-2' 
_diffrn_source.voltage                     ? 
_diffrn_source.take-off_angle              ? 
_diffrn_source.pdbx_wavelength_list        0.87313 
_diffrn_source.pdbx_wavelength             ? 
_diffrn_source.pdbx_synchrotron_beamline   ID23-2 
_diffrn_source.pdbx_synchrotron_site       ESRF 
# 
_reflns.B_iso_Wilson_estimate                          ? 
_reflns.entry_id                                       7QVQ 
_reflns.data_reduction_details                         ? 
_reflns.data_reduction_method                          ? 
_reflns.d_resolution_high                              2.4 
_reflns.d_resolution_low                               35.76 
_reflns.details                                        ? 
_reflns.limit_h_max                                    ? 
_reflns.limit_h_min                                    ? 
_reflns.limit_k_max                                    ? 
_reflns.limit_k_min                                    ? 
_reflns.limit_l_max                                    ? 
_reflns.limit_l_min                                    ? 
_reflns.number_all                                     ? 
_reflns.number_obs                                     2753 
_reflns.observed_criterion                             ? 
_reflns.observed_criterion_F_max                       ? 
_reflns.observed_criterion_F_min                       ? 
_reflns.observed_criterion_I_max                       ? 
_reflns.observed_criterion_I_min                       ? 
_reflns.observed_criterion_sigma_F                     ? 
_reflns.observed_criterion_sigma_I                     ? 
_reflns.percent_possible_obs                           98.4 
_reflns.R_free_details                                 ? 
_reflns.Rmerge_F_all                                   ? 
_reflns.Rmerge_F_obs                                   ? 
_reflns.Friedel_coverage                               ? 
_reflns.number_gt                                      ? 
_reflns.threshold_expression                           ? 
_reflns.pdbx_redundancy                                6.3 
_reflns.pdbx_Rmerge_I_obs                              0.20 
_reflns.pdbx_Rmerge_I_all                              ? 
_reflns.pdbx_Rsym_value                                ? 
_reflns.pdbx_netI_over_av_sigmaI                       ? 
_reflns.pdbx_netI_over_sigmaI                          5.68 
_reflns.pdbx_res_netI_over_av_sigmaI_2                 ? 
_reflns.pdbx_res_netI_over_sigmaI_2                    ? 
_reflns.pdbx_chi_squared                               ? 
_reflns.pdbx_scaling_rejects                           ? 
_reflns.pdbx_d_res_high_opt                            ? 
_reflns.pdbx_d_res_low_opt                             ? 
_reflns.pdbx_d_res_opt_method                          ? 
_reflns.phase_calculation_details                      ? 
_reflns.pdbx_Rrim_I_all                                0.222 
_reflns.pdbx_Rpim_I_all                                ? 
_reflns.pdbx_d_opt                                     ? 
_reflns.pdbx_number_measured_all                       ? 
_reflns.pdbx_diffrn_id                                 1 
_reflns.pdbx_ordinal                                   1 
_reflns.pdbx_CC_half                                   0.957 
_reflns.pdbx_CC_star                                   ? 
_reflns.pdbx_R_split                                   ? 
_reflns.pdbx_aniso_diffraction_limit_axis_1_ortho[1]   ? 
_reflns.pdbx_aniso_diffraction_limit_axis_1_ortho[2]   ? 
_reflns.pdbx_aniso_diffraction_limit_axis_1_ortho[3]   ? 
_reflns.pdbx_aniso_diffraction_limit_axis_2_ortho[1]   ? 
_reflns.pdbx_aniso_diffraction_limit_axis_2_ortho[2]   ? 
_reflns.pdbx_aniso_diffraction_limit_axis_2_ortho[3]   ? 
_reflns.pdbx_aniso_diffraction_limit_axis_3_ortho[1]   ? 
_reflns.pdbx_aniso_diffraction_limit_axis_3_ortho[2]   ? 
_reflns.pdbx_aniso_diffraction_limit_axis_3_ortho[3]   ? 
_reflns.pdbx_aniso_diffraction_limit_1                 ? 
_reflns.pdbx_aniso_diffraction_limit_2                 ? 
_reflns.pdbx_aniso_diffraction_limit_3                 ? 
_reflns.pdbx_aniso_B_tensor_eigenvector_1_ortho[1]     ? 
_reflns.pdbx_aniso_B_tensor_eigenvector_1_ortho[2]     ? 
_reflns.pdbx_aniso_B_tensor_eigenvector_1_ortho[3]     ? 
_reflns.pdbx_aniso_B_tensor_eigenvector_2_ortho[1]     ? 
_reflns.pdbx_aniso_B_tensor_eigenvector_2_ortho[2]     ? 
_reflns.pdbx_aniso_B_tensor_eigenvector_2_ortho[3]     ? 
_reflns.pdbx_aniso_B_tensor_eigenvector_3_ortho[1]     ? 
_reflns.pdbx_aniso_B_tensor_eigenvector_3_ortho[2]     ? 
_reflns.pdbx_aniso_B_tensor_eigenvector_3_ortho[3]     ? 
_reflns.pdbx_aniso_B_tensor_eigenvalue_1               ? 
_reflns.pdbx_aniso_B_tensor_eigenvalue_2               ? 
_reflns.pdbx_aniso_B_tensor_eigenvalue_3               ? 
_reflns.pdbx_orthogonalization_convention              ? 
_reflns.pdbx_percent_possible_ellipsoidal              ? 
_reflns.pdbx_percent_possible_spherical                ? 
_reflns.pdbx_percent_possible_ellipsoidal_anomalous    ? 
_reflns.pdbx_percent_possible_spherical_anomalous      ? 
_reflns.pdbx_redundancy_anomalous                      ? 
_reflns.pdbx_CC_half_anomalous                         ? 
_reflns.pdbx_absDiff_over_sigma_anomalous              ? 
_reflns.pdbx_percent_possible_anomalous                ? 
_reflns.pdbx_observed_signal_threshold                 ? 
_reflns.pdbx_signal_type                               ? 
_reflns.pdbx_signal_details                            ? 
_reflns.pdbx_signal_software_id                        ? 
# 
_reflns_shell.d_res_high                                    2.4 
_reflns_shell.d_res_low                                     2.5 
_reflns_shell.meanI_over_sigI_all                           ? 
_reflns_shell.meanI_over_sigI_obs                           ? 
_reflns_shell.number_measured_all                           ? 
_reflns_shell.number_measured_obs                           ? 
_reflns_shell.number_possible                               ? 
_reflns_shell.number_unique_all                             ? 
_reflns_shell.number_unique_obs                             404 
_reflns_shell.percent_possible_all                          90.4 
_reflns_shell.percent_possible_obs                          ? 
_reflns_shell.Rmerge_F_all                                  ? 
_reflns_shell.Rmerge_F_obs                                  ? 
_reflns_shell.Rmerge_I_all                                  ? 
_reflns_shell.Rmerge_I_obs                                  1.103 
_reflns_shell.meanI_over_sigI_gt                            ? 
_reflns_shell.meanI_over_uI_all                             ? 
_reflns_shell.meanI_over_uI_gt                              ? 
_reflns_shell.number_measured_gt                            ? 
_reflns_shell.number_unique_gt                              ? 
_reflns_shell.percent_possible_gt                           ? 
_reflns_shell.Rmerge_F_gt                                   ? 
_reflns_shell.Rmerge_I_gt                                   ? 
_reflns_shell.pdbx_redundancy                               6.1 
_reflns_shell.pdbx_Rsym_value                               ? 
_reflns_shell.pdbx_chi_squared                              ? 
_reflns_shell.pdbx_netI_over_sigmaI_all                     ? 
_reflns_shell.pdbx_netI_over_sigmaI_obs                     ? 
_reflns_shell.pdbx_Rrim_I_all                               ? 
_reflns_shell.pdbx_Rpim_I_all                               ? 
_reflns_shell.pdbx_rejects                                  ? 
_reflns_shell.pdbx_ordinal                                  1 
_reflns_shell.pdbx_diffrn_id                                1 
_reflns_shell.pdbx_CC_half                                  0.712 
_reflns_shell.pdbx_CC_star                                  ? 
_reflns_shell.pdbx_R_split                                  ? 
_reflns_shell.pdbx_percent_possible_ellipsoidal             ? 
_reflns_shell.pdbx_percent_possible_spherical               ? 
_reflns_shell.pdbx_percent_possible_ellipsoidal_anomalous   ? 
_reflns_shell.pdbx_percent_possible_spherical_anomalous     ? 
_reflns_shell.pdbx_redundancy_anomalous                     ? 
_reflns_shell.pdbx_CC_half_anomalous                        ? 
_reflns_shell.pdbx_absDiff_over_sigma_anomalous             ? 
_reflns_shell.pdbx_percent_possible_anomalous               ? 
# 
_refine.aniso_B[1][1]                            3.1500 
_refine.aniso_B[1][2]                            0.0000 
_refine.aniso_B[1][3]                            0.4100 
_refine.aniso_B[2][2]                            -0.7000 
_refine.aniso_B[2][3]                            -0.0000 
_refine.aniso_B[3][3]                            -2.4800 
_refine.B_iso_max                                315.830 
_refine.B_iso_mean                               57.0720 
_refine.B_iso_min                                23.980 
_refine.correlation_coeff_Fo_to_Fc               0.9330 
_refine.correlation_coeff_Fo_to_Fc_free          0.9300 
_refine.details                                  
'HYDROGENS HAVE BEEN ADDED IN THE RIDING POSITIONS U VALUES      : REFINED INDIVIDUALLY' 
_refine.diff_density_max                         ? 
_refine.diff_density_max_esd                     ? 
_refine.diff_density_min                         ? 
_refine.diff_density_min_esd                     ? 
_refine.diff_density_rms                         ? 
_refine.diff_density_rms_esd                     ? 
_refine.entry_id                                 7QVQ 
_refine.pdbx_refine_id                           'X-RAY DIFFRACTION' 
_refine.ls_abs_structure_details                 ? 
_refine.ls_abs_structure_Flack                   ? 
_refine.ls_abs_structure_Flack_esd               ? 
_refine.ls_abs_structure_Rogers                  ? 
_refine.ls_abs_structure_Rogers_esd              ? 
_refine.ls_d_res_high                            2.4000 
_refine.ls_d_res_low                             35.7600 
_refine.ls_extinction_coef                       ? 
_refine.ls_extinction_coef_esd                   ? 
_refine.ls_extinction_expression                 ? 
_refine.ls_extinction_method                     ? 
_refine.ls_goodness_of_fit_all                   ? 
_refine.ls_goodness_of_fit_all_esd               ? 
_refine.ls_goodness_of_fit_obs                   ? 
_refine.ls_goodness_of_fit_obs_esd               ? 
_refine.ls_hydrogen_treatment                    ? 
_refine.ls_matrix_type                           ? 
_refine.ls_number_constraints                    ? 
_refine.ls_number_parameters                     ? 
_refine.ls_number_reflns_all                     ? 
_refine.ls_number_reflns_obs                     2419 
_refine.ls_number_reflns_R_free                  260 
_refine.ls_number_reflns_R_work                  ? 
_refine.ls_number_restraints                     ? 
_refine.ls_percent_reflns_obs                    99.6300 
_refine.ls_percent_reflns_R_free                 9.7000 
_refine.ls_R_factor_all                          ? 
_refine.ls_R_factor_obs                          0.2627 
_refine.ls_R_factor_R_free                       0.2874 
_refine.ls_R_factor_R_free_error                 ? 
_refine.ls_R_factor_R_free_error_details         ? 
_refine.ls_R_factor_R_work                       0.2597 
_refine.ls_R_Fsqd_factor_obs                     ? 
_refine.ls_R_I_factor_obs                        ? 
_refine.ls_redundancy_reflns_all                 ? 
_refine.ls_redundancy_reflns_obs                 ? 
_refine.ls_restrained_S_all                      ? 
_refine.ls_restrained_S_obs                      ? 
_refine.ls_shift_over_esd_max                    ? 
_refine.ls_shift_over_esd_mean                   ? 
_refine.ls_structure_factor_coef                 ? 
_refine.ls_weighting_details                     ? 
_refine.ls_weighting_scheme                      ? 
_refine.ls_wR_factor_all                         ? 
_refine.ls_wR_factor_obs                         ? 
_refine.ls_wR_factor_R_free                      ? 
_refine.ls_wR_factor_R_work                      ? 
_refine.occupancy_max                            ? 
_refine.occupancy_min                            ? 
_refine.solvent_model_details                    MASK 
_refine.solvent_model_param_bsol                 ? 
_refine.solvent_model_param_ksol                 ? 
_refine.pdbx_R_complete                          ? 
_refine.ls_R_factor_gt                           ? 
_refine.ls_goodness_of_fit_gt                    ? 
_refine.ls_goodness_of_fit_ref                   ? 
_refine.ls_shift_over_su_max                     ? 
_refine.ls_shift_over_su_max_lt                  ? 
_refine.ls_shift_over_su_mean                    ? 
_refine.ls_shift_over_su_mean_lt                 ? 
_refine.pdbx_ls_sigma_I                          ? 
_refine.pdbx_ls_sigma_F                          0.000 
_refine.pdbx_ls_sigma_Fsqd                       ? 
_refine.pdbx_data_cutoff_high_absF               ? 
_refine.pdbx_data_cutoff_high_rms_absF           ? 
_refine.pdbx_data_cutoff_low_absF                ? 
_refine.pdbx_isotropic_thermal_model             ? 
_refine.pdbx_ls_cross_valid_method               THROUGHOUT 
_refine.pdbx_method_to_determine_struct          'MOLECULAR REPLACEMENT' 
_refine.pdbx_starting_model                      6H5R 
_refine.pdbx_stereochemistry_target_values       'MAXIMUM LIKELIHOOD' 
_refine.pdbx_R_Free_selection_details            RANDOM 
_refine.pdbx_stereochem_target_val_spec_case     ? 
_refine.pdbx_overall_ESU_R                       ? 
_refine.pdbx_overall_ESU_R_Free                  0.3700 
_refine.pdbx_solvent_vdw_probe_radii             1.2000 
_refine.pdbx_solvent_ion_probe_radii             0.8000 
_refine.pdbx_solvent_shrinkage_radii             0.8000 
_refine.pdbx_real_space_R                        ? 
_refine.pdbx_density_correlation                 ? 
_refine.pdbx_pd_number_of_powder_patterns        ? 
_refine.pdbx_pd_number_of_points                 ? 
_refine.pdbx_pd_meas_number_of_points            ? 
_refine.pdbx_pd_proc_ls_prof_R_factor            ? 
_refine.pdbx_pd_proc_ls_prof_wR_factor           ? 
_refine.pdbx_pd_Marquardt_correlation_coeff      ? 
_refine.pdbx_pd_Fsqrd_R_factor                   ? 
_refine.pdbx_pd_ls_matrix_band_width             ? 
_refine.pdbx_overall_phase_error                 ? 
_refine.pdbx_overall_SU_R_free_Cruickshank_DPI   ? 
_refine.pdbx_overall_SU_R_free_Blow_DPI          ? 
_refine.pdbx_overall_SU_R_Blow_DPI               ? 
_refine.pdbx_TLS_residual_ADP_flag               ? 
_refine.pdbx_diffrn_id                           1 
_refine.overall_SU_B                             16.9820 
_refine.overall_SU_ML                            0.3560 
_refine.overall_SU_R_Cruickshank_DPI             ? 
_refine.overall_SU_R_free                        ? 
_refine.overall_FOM_free_R_set                   ? 
_refine.overall_FOM_work_R_set                   ? 
_refine.pdbx_average_fsc_overall                 ? 
_refine.pdbx_average_fsc_work                    ? 
_refine.pdbx_average_fsc_free                    ? 
# 
_refine_hist.pdbx_refine_id                   'X-RAY DIFFRACTION' 
_refine_hist.cycle_id                         final 
_refine_hist.details                          ? 
_refine_hist.d_res_high                       2.4000 
_refine_hist.d_res_low                        35.7600 
_refine_hist.number_atoms_solvent             52 
_refine_hist.number_atoms_total               649 
_refine_hist.number_reflns_all                ? 
_refine_hist.number_reflns_obs                ? 
_refine_hist.number_reflns_R_free             ? 
_refine_hist.number_reflns_R_work             ? 
_refine_hist.R_factor_all                     ? 
_refine_hist.R_factor_obs                     ? 
_refine_hist.R_factor_R_free                  ? 
_refine_hist.R_factor_R_work                  ? 
_refine_hist.pdbx_number_residues_total       24 
_refine_hist.pdbx_B_iso_mean_ligand           58.34 
_refine_hist.pdbx_B_iso_mean_solvent          59.65 
_refine_hist.pdbx_number_atoms_protein        0 
_refine_hist.pdbx_number_atoms_nucleic_acid   490 
_refine_hist.pdbx_number_atoms_ligand         107 
_refine_hist.pdbx_number_atoms_lipid          ? 
_refine_hist.pdbx_number_atoms_carb           ? 
_refine_hist.pdbx_pseudo_atom_details         ? 
# 
_refine_ls_shell.pdbx_refine_id                   'X-RAY DIFFRACTION' 
_refine_ls_shell.d_res_high                       2.4000 
_refine_ls_shell.d_res_low                        2.4620 
_refine_ls_shell.number_reflns_all                198 
_refine_ls_shell.number_reflns_obs                ? 
_refine_ls_shell.number_reflns_R_free             14 
_refine_ls_shell.number_reflns_R_work             184 
_refine_ls_shell.percent_reflns_obs               100.0000 
_refine_ls_shell.percent_reflns_R_free            ? 
_refine_ls_shell.R_factor_all                     ? 
_refine_ls_shell.R_factor_obs                     ? 
_refine_ls_shell.R_factor_R_free                  0.6250 
_refine_ls_shell.R_factor_R_free_error            0.0000 
_refine_ls_shell.R_factor_R_work                  0.7260 
_refine_ls_shell.redundancy_reflns_all            ? 
_refine_ls_shell.redundancy_reflns_obs            ? 
_refine_ls_shell.wR_factor_all                    ? 
_refine_ls_shell.wR_factor_obs                    ? 
_refine_ls_shell.wR_factor_R_free                 ? 
_refine_ls_shell.wR_factor_R_work                 ? 
_refine_ls_shell.pdbx_R_complete                  ? 
_refine_ls_shell.pdbx_total_number_of_bins_used   20 
_refine_ls_shell.pdbx_phase_error                 ? 
_refine_ls_shell.pdbx_fsc_work                    ? 
_refine_ls_shell.pdbx_fsc_free                    ? 
# 
_struct.entry_id                     7QVQ 
_struct.title                        
'Human telomeric DNA G-quadruplex of a gold(III) complex containing the 2,4,6-tris (2-pyrimidyl)-1,3,5-triazine ligand' 
_struct.pdbx_model_details           ? 
_struct.pdbx_formula_weight          ? 
_struct.pdbx_formula_weight_method   ? 
_struct.pdbx_model_type_details      ? 
_struct.pdbx_CASP_flag               N 
# 
_struct_keywords.entry_id        7QVQ 
_struct_keywords.text            'DRUG-DNA COMPLEX, telomeric G-quadruplex, DNA' 
_struct_keywords.pdbx_keywords   DNA 
# 
loop_
_struct_asym.id 
_struct_asym.pdbx_blank_PDB_chainid_flag 
_struct_asym.pdbx_modified 
_struct_asym.entity_id 
_struct_asym.details 
A N N 1 ? 
B N N 2 ? 
C N N 2 ? 
D N N 2 ? 
E N N 3 ? 
F N N 3 ? 
G N N 3 ? 
H N N 3 ? 
I N N 4 ? 
# 
_struct_ref.id                         1 
_struct_ref.db_name                    PDB 
_struct_ref.db_code                    7QVQ 
_struct_ref.pdbx_db_accession          7QVQ 
_struct_ref.pdbx_db_isoform            ? 
_struct_ref.entity_id                  1 
_struct_ref.pdbx_seq_one_letter_code   ? 
_struct_ref.pdbx_align_begin           1 
# 
_struct_ref_seq.align_id                      1 
_struct_ref_seq.ref_id                        1 
_struct_ref_seq.pdbx_PDB_id_code              7QVQ 
_struct_ref_seq.pdbx_strand_id                A 
_struct_ref_seq.seq_align_beg                 1 
_struct_ref_seq.pdbx_seq_align_beg_ins_code   ? 
_struct_ref_seq.seq_align_end                 24 
_struct_ref_seq.pdbx_seq_align_end_ins_code   ? 
_struct_ref_seq.pdbx_db_accession             7QVQ 
_struct_ref_seq.db_align_beg                  1 
_struct_ref_seq.pdbx_db_align_beg_ins_code    ? 
_struct_ref_seq.db_align_end                  24 
_struct_ref_seq.pdbx_db_align_end_ins_code    ? 
_struct_ref_seq.pdbx_auth_seq_align_beg       1 
_struct_ref_seq.pdbx_auth_seq_align_end       24 
# 
_pdbx_struct_assembly.id                   1 
_pdbx_struct_assembly.details              author_and_software_defined_assembly 
_pdbx_struct_assembly.method_details       PISA 
_pdbx_struct_assembly.oligomeric_details   monomeric 
_pdbx_struct_assembly.oligomeric_count     1 
# 
loop_
_pdbx_struct_assembly_prop.biol_id 
_pdbx_struct_assembly_prop.type 
_pdbx_struct_assembly_prop.value 
_pdbx_struct_assembly_prop.details 
1 'ABSA (A^2)' 440  ? 
1 MORE         0    ? 
1 'SSA (A^2)'  4640 ? 
# 
_pdbx_struct_assembly_gen.assembly_id       1 
_pdbx_struct_assembly_gen.oper_expression   1 
_pdbx_struct_assembly_gen.asym_id_list      A,B,C,D,E,F,G,H,I 
# 
_pdbx_struct_assembly_auth_evidence.id                     1 
_pdbx_struct_assembly_auth_evidence.assembly_id            1 
_pdbx_struct_assembly_auth_evidence.experimental_support   none 
_pdbx_struct_assembly_auth_evidence.details                ? 
# 
_pdbx_struct_oper_list.id                   1 
_pdbx_struct_oper_list.type                 'identity operation' 
_pdbx_struct_oper_list.name                 1_555 
_pdbx_struct_oper_list.symmetry_operation   x,y,z 
_pdbx_struct_oper_list.matrix[1][1]         1.0000000000 
_pdbx_struct_oper_list.matrix[1][2]         0.0000000000 
_pdbx_struct_oper_list.matrix[1][3]         0.0000000000 
_pdbx_struct_oper_list.vector[1]            0.0000000000 
_pdbx_struct_oper_list.matrix[2][1]         0.0000000000 
_pdbx_struct_oper_list.matrix[2][2]         1.0000000000 
_pdbx_struct_oper_list.matrix[2][3]         0.0000000000 
_pdbx_struct_oper_list.vector[2]            0.0000000000 
_pdbx_struct_oper_list.matrix[3][1]         0.0000000000 
_pdbx_struct_oper_list.matrix[3][2]         0.0000000000 
_pdbx_struct_oper_list.matrix[3][3]         1.0000000000 
_pdbx_struct_oper_list.vector[3]            0.0000000000 
# 
loop_
_struct_conn.id 
_struct_conn.conn_type_id 
_struct_conn.pdbx_leaving_atom_flag 
_struct_conn.pdbx_PDB_id 
_struct_conn.ptnr1_label_asym_id 
_struct_conn.ptnr1_label_comp_id 
_struct_conn.ptnr1_label_seq_id 
_struct_conn.ptnr1_label_atom_id 
_struct_conn.pdbx_ptnr1_label_alt_id 
_struct_conn.pdbx_ptnr1_PDB_ins_code 
_struct_conn.pdbx_ptnr1_standard_comp_id 
_struct_conn.ptnr1_symmetry 
_struct_conn.ptnr2_label_asym_id 
_struct_conn.ptnr2_label_comp_id 
_struct_conn.ptnr2_label_seq_id 
_struct_conn.ptnr2_label_atom_id 
_struct_conn.pdbx_ptnr2_label_alt_id 
_struct_conn.pdbx_ptnr2_PDB_ins_code 
_struct_conn.ptnr1_auth_asym_id 
_struct_conn.ptnr1_auth_comp_id 
_struct_conn.ptnr1_auth_seq_id 
_struct_conn.ptnr2_auth_asym_id 
_struct_conn.ptnr2_auth_comp_id 
_struct_conn.ptnr2_auth_seq_id 
_struct_conn.ptnr2_symmetry 
_struct_conn.pdbx_ptnr3_label_atom_id 
_struct_conn.pdbx_ptnr3_label_seq_id 
_struct_conn.pdbx_ptnr3_label_comp_id 
_struct_conn.pdbx_ptnr3_label_asym_id 
_struct_conn.pdbx_ptnr3_label_alt_id 
_struct_conn.pdbx_ptnr3_PDB_ins_code 
_struct_conn.details 
_struct_conn.pdbx_dist_value 
_struct_conn.pdbx_value_order 
_struct_conn.pdbx_role 
metalc1  metalc ? ? A DG 3  O6 ? ? ? 1_555 C K  .  K  ? ? A DG 3  A K  102 1_555 ? ? ? ? ? ? ?               2.699 ? ? 
metalc2  metalc ? ? A DG 3  O6 ? ? ? 1_555 D K  .  K  ? ? A DG 3  A K  103 1_555 ? ? ? ? ? ? ?               3.012 ? ? 
metalc3  metalc ? ? A DG 3  O6 ? ? ? 1_555 D K  .  K  ? ? A DG 3  A K  103 2_456 ? ? ? ? ? ? ?               2.499 ? ? 
metalc4  metalc ? ? A DG 4  O6 ? ? ? 1_555 B K  .  K  ? ? A DG 4  A K  101 1_555 ? ? ? ? ? ? ?               2.767 ? ? 
metalc5  metalc ? ? A DG 4  O6 ? ? ? 1_555 C K  .  K  ? ? A DG 4  A K  102 1_555 ? ? ? ? ? ? ?               2.704 ? ? 
metalc6  metalc ? ? A DG 5  O6 ? ? ? 1_555 B K  .  K  ? ? A DG 5  A K  101 1_555 ? ? ? ? ? ? ?               2.516 ? ? 
metalc7  metalc ? ? A DG 9  O6 ? ? ? 1_555 C K  .  K  ? ? A DG 9  A K  102 1_555 ? ? ? ? ? ? ?               2.608 ? ? 
metalc8  metalc ? ? A DG 9  O6 ? ? ? 1_555 D K  .  K  ? ? A DG 9  A K  103 1_555 ? ? ? ? ? ? ?               3.293 ? ? 
metalc9  metalc ? ? A DG 9  O6 ? ? ? 1_555 D K  .  K  ? ? A DG 9  A K  103 2_456 ? ? ? ? ? ? ?               2.632 ? ? 
metalc10 metalc ? ? A DG 10 O6 ? ? ? 1_555 B K  .  K  ? ? A DG 10 A K  101 1_555 ? ? ? ? ? ? ?               2.721 ? ? 
metalc11 metalc ? ? A DG 10 O6 ? ? ? 1_555 C K  .  K  ? ? A DG 10 A K  102 1_555 ? ? ? ? ? ? ?               2.963 ? ? 
metalc12 metalc ? ? A DG 11 O6 ? ? ? 1_555 B K  .  K  ? ? A DG 11 A K  101 1_555 ? ? ? ? ? ? ?               2.669 ? ? 
metalc13 metalc ? ? A DG 15 O6 ? ? ? 1_555 C K  .  K  ? ? A DG 15 A K  102 1_555 ? ? ? ? ? ? ?               2.713 ? ? 
metalc14 metalc ? ? A DG 15 O6 ? ? ? 1_555 D K  .  K  ? ? A DG 15 A K  103 1_555 ? ? ? ? ? ? ?               3.165 ? ? 
metalc15 metalc ? ? A DG 15 O6 ? ? ? 1_555 D K  .  K  ? ? A DG 15 A K  103 2_456 ? ? ? ? ? ? ?               2.397 ? ? 
metalc16 metalc ? ? A DG 16 O6 ? ? ? 1_555 B K  .  K  ? ? A DG 16 A K  101 1_555 ? ? ? ? ? ? ?               2.709 ? ? 
metalc17 metalc ? ? A DG 16 O6 ? ? ? 1_555 C K  .  K  ? ? A DG 16 A K  102 1_555 ? ? ? ? ? ? ?               2.718 ? ? 
metalc18 metalc ? ? A DG 17 O6 ? ? ? 1_555 B K  .  K  ? ? A DG 17 A K  101 1_555 ? ? ? ? ? ? ?               2.633 ? ? 
metalc19 metalc ? ? A DG 21 O6 ? ? ? 1_555 C K  .  K  ? ? A DG 21 A K  102 1_555 ? ? ? ? ? ? ?               2.718 ? ? 
metalc20 metalc ? ? A DG 21 O6 ? ? ? 1_555 D K  .  K  ? ? A DG 21 A K  103 1_555 ? ? ? ? ? ? ?               3.253 ? ? 
metalc21 metalc ? ? A DG 21 O6 ? ? ? 1_555 D K  .  K  ? ? A DG 21 A K  103 2_456 ? ? ? ? ? ? ?               2.578 ? ? 
metalc22 metalc ? ? A DG 22 O6 ? ? ? 1_555 B K  .  K  ? ? A DG 22 A K  101 1_555 ? ? ? ? ? ? ?               2.793 ? ? 
metalc23 metalc ? ? A DG 22 O6 ? ? ? 1_555 C K  .  K  ? ? A DG 22 A K  102 1_555 ? ? ? ? ? ? ?               2.698 ? ? 
metalc24 metalc ? ? A DG 23 O6 ? ? ? 1_555 B K  .  K  ? ? A DG 23 A K  101 1_555 ? ? ? ? ? ? ?               2.536 ? ? 
hydrog1  hydrog ? ? A DA 2  N1 ? ? ? 1_555 A DG 23 N2 ? ? A DA 2  A DG 23  1_555 ? ? ? ? ? ? 'DA-DG MISPAIR' ?     ? ? 
hydrog2  hydrog ? ? A DG 3  N1 ? ? ? 1_555 A DG 9  O6 ? ? A DG 3  A DG 9   1_555 ? ? ? ? ? ? TYPE_6_PAIR     ?     ? ? 
hydrog3  hydrog ? ? A DG 3  N2 ? ? ? 1_555 A DG 9  N7 ? ? A DG 3  A DG 9   1_555 ? ? ? ? ? ? TYPE_6_PAIR     ?     ? ? 
hydrog4  hydrog ? ? A DG 3  N7 ? ? ? 1_555 A DG 21 N2 ? ? A DG 3  A DG 21  1_555 ? ? ? ? ? ? TYPE_6_PAIR     ?     ? ? 
hydrog5  hydrog ? ? A DG 3  O6 ? ? ? 1_555 A DG 21 N1 ? ? A DG 3  A DG 21  1_555 ? ? ? ? ? ? TYPE_6_PAIR     ?     ? ? 
hydrog6  hydrog ? ? A DG 4  N1 ? ? ? 1_555 A DG 10 O6 ? ? A DG 4  A DG 10  1_555 ? ? ? ? ? ? TYPE_6_PAIR     ?     ? ? 
hydrog7  hydrog ? ? A DG 4  N2 ? ? ? 1_555 A DG 10 N7 ? ? A DG 4  A DG 10  1_555 ? ? ? ? ? ? TYPE_6_PAIR     ?     ? ? 
hydrog8  hydrog ? ? A DG 4  N7 ? ? ? 1_555 A DG 22 N2 ? ? A DG 4  A DG 22  1_555 ? ? ? ? ? ? TYPE_6_PAIR     ?     ? ? 
hydrog9  hydrog ? ? A DG 4  O6 ? ? ? 1_555 A DG 22 N1 ? ? A DG 4  A DG 22  1_555 ? ? ? ? ? ? TYPE_6_PAIR     ?     ? ? 
hydrog10 hydrog ? ? A DG 5  N2 ? ? ? 1_555 A DA 8  N1 ? ? A DG 5  A DA 8   1_555 ? ? ? ? ? ? 'DG-DA MISPAIR' ?     ? ? 
hydrog11 hydrog ? ? A DG 5  N1 ? ? ? 1_555 A DG 11 O6 ? ? A DG 5  A DG 11  1_555 ? ? ? ? ? ? TYPE_6_PAIR     ?     ? ? 
hydrog12 hydrog ? ? A DG 5  N2 ? ? ? 1_555 A DG 11 N7 ? ? A DG 5  A DG 11  1_555 ? ? ? ? ? ? TYPE_6_PAIR     ?     ? ? 
hydrog13 hydrog ? ? A DG 5  N7 ? ? ? 1_555 A DG 23 N2 ? ? A DG 5  A DG 23  1_555 ? ? ? ? ? ? TYPE_6_PAIR     ?     ? ? 
hydrog14 hydrog ? ? A DG 5  O6 ? ? ? 1_555 A DG 23 N1 ? ? A DG 5  A DG 23  1_555 ? ? ? ? ? ? TYPE_6_PAIR     ?     ? ? 
hydrog15 hydrog ? ? A DG 9  N1 ? ? ? 1_555 A DG 15 O6 ? ? A DG 9  A DG 15  1_555 ? ? ? ? ? ? TYPE_6_PAIR     ?     ? ? 
hydrog16 hydrog ? ? A DG 9  N2 ? ? ? 1_555 A DG 15 N7 ? ? A DG 9  A DG 15  1_555 ? ? ? ? ? ? TYPE_6_PAIR     ?     ? ? 
hydrog17 hydrog ? ? A DG 10 N1 ? ? ? 1_555 A DG 16 O6 ? ? A DG 10 A DG 16  1_555 ? ? ? ? ? ? TYPE_6_PAIR     ?     ? ? 
hydrog18 hydrog ? ? A DG 10 N2 ? ? ? 1_555 A DG 16 N7 ? ? A DG 10 A DG 16  1_555 ? ? ? ? ? ? TYPE_6_PAIR     ?     ? ? 
hydrog19 hydrog ? ? A DG 11 N2 ? ? ? 1_555 A DA 14 N1 ? ? A DG 11 A DA 14  1_555 ? ? ? ? ? ? 'DG-DA MISPAIR' ?     ? ? 
hydrog20 hydrog ? ? A DG 11 N1 ? ? ? 1_555 A DG 17 O6 ? ? A DG 11 A DG 17  1_555 ? ? ? ? ? ? TYPE_6_PAIR     ?     ? ? 
hydrog21 hydrog ? ? A DG 11 N2 ? ? ? 1_555 A DG 17 N7 ? ? A DG 11 A DG 17  1_555 ? ? ? ? ? ? TYPE_6_PAIR     ?     ? ? 
hydrog22 hydrog ? ? A DG 15 N1 ? ? ? 1_555 A DG 21 O6 ? ? A DG 15 A DG 21  1_555 ? ? ? ? ? ? TYPE_6_PAIR     ?     ? ? 
hydrog23 hydrog ? ? A DG 15 N2 ? ? ? 1_555 A DG 21 N7 ? ? A DG 15 A DG 21  1_555 ? ? ? ? ? ? TYPE_6_PAIR     ?     ? ? 
hydrog24 hydrog ? ? A DG 16 N1 ? ? ? 1_555 A DG 22 O6 ? ? A DG 16 A DG 22  1_555 ? ? ? ? ? ? TYPE_6_PAIR     ?     ? ? 
hydrog25 hydrog ? ? A DG 16 N2 ? ? ? 1_555 A DG 22 N7 ? ? A DG 16 A DG 22  1_555 ? ? ? ? ? ? TYPE_6_PAIR     ?     ? ? 
hydrog26 hydrog ? ? A DG 17 N2 ? ? ? 1_555 A DA 20 N1 ? ? A DG 17 A DA 20  1_555 ? ? ? ? ? ? 'DG-DA MISPAIR' ?     ? ? 
hydrog27 hydrog ? ? A DG 17 N1 ? ? ? 1_555 A DG 23 O6 ? ? A DG 17 A DG 23  1_555 ? ? ? ? ? ? TYPE_6_PAIR     ?     ? ? 
hydrog28 hydrog ? ? A DG 17 N2 ? ? ? 1_555 A DG 23 N7 ? ? A DG 17 A DG 23  1_555 ? ? ? ? ? ? TYPE_6_PAIR     ?     ? ? 
# 
loop_
_struct_conn_type.id 
_struct_conn_type.criteria 
_struct_conn_type.reference 
metalc ? ? 
hydrog ? ? 
# 
loop_
_pdbx_struct_conn_angle.id 
_pdbx_struct_conn_angle.ptnr1_label_atom_id 
_pdbx_struct_conn_angle.ptnr1_label_alt_id 
_pdbx_struct_conn_angle.ptnr1_label_asym_id 
_pdbx_struct_conn_angle.ptnr1_label_comp_id 
_pdbx_struct_conn_angle.ptnr1_label_seq_id 
_pdbx_struct_conn_angle.ptnr1_auth_atom_id 
_pdbx_struct_conn_angle.ptnr1_auth_asym_id 
_pdbx_struct_conn_angle.ptnr1_auth_comp_id 
_pdbx_struct_conn_angle.ptnr1_auth_seq_id 
_pdbx_struct_conn_angle.ptnr1_PDB_ins_code 
_pdbx_struct_conn_angle.ptnr1_symmetry 
_pdbx_struct_conn_angle.ptnr2_label_atom_id 
_pdbx_struct_conn_angle.ptnr2_label_alt_id 
_pdbx_struct_conn_angle.ptnr2_label_asym_id 
_pdbx_struct_conn_angle.ptnr2_label_comp_id 
_pdbx_struct_conn_angle.ptnr2_label_seq_id 
_pdbx_struct_conn_angle.ptnr2_auth_atom_id 
_pdbx_struct_conn_angle.ptnr2_auth_asym_id 
_pdbx_struct_conn_angle.ptnr2_auth_comp_id 
_pdbx_struct_conn_angle.ptnr2_auth_seq_id 
_pdbx_struct_conn_angle.ptnr2_PDB_ins_code 
_pdbx_struct_conn_angle.ptnr2_symmetry 
_pdbx_struct_conn_angle.ptnr3_label_atom_id 
_pdbx_struct_conn_angle.ptnr3_label_alt_id 
_pdbx_struct_conn_angle.ptnr3_label_asym_id 
_pdbx_struct_conn_angle.ptnr3_label_comp_id 
_pdbx_struct_conn_angle.ptnr3_label_seq_id 
_pdbx_struct_conn_angle.ptnr3_auth_atom_id 
_pdbx_struct_conn_angle.ptnr3_auth_asym_id 
_pdbx_struct_conn_angle.ptnr3_auth_comp_id 
_pdbx_struct_conn_angle.ptnr3_auth_seq_id 
_pdbx_struct_conn_angle.ptnr3_PDB_ins_code 
_pdbx_struct_conn_angle.ptnr3_symmetry 
_pdbx_struct_conn_angle.value 
_pdbx_struct_conn_angle.value_esd 
1  O6 ? A DG 3  ? A DG 3  ? 1_555 K ? C K . ? A K 102 ? 1_555 O6 ? A DG 4  ? A DG 4  ? 1_555 80.2  ? 
2  O6 ? A DG 3  ? A DG 3  ? 1_555 K ? C K . ? A K 102 ? 1_555 O6 ? A DG 9  ? A DG 9  ? 1_555 70.7  ? 
3  O6 ? A DG 4  ? A DG 4  ? 1_555 K ? C K . ? A K 102 ? 1_555 O6 ? A DG 9  ? A DG 9  ? 1_555 86.4  ? 
4  O6 ? A DG 3  ? A DG 3  ? 1_555 K ? C K . ? A K 102 ? 1_555 O6 ? A DG 10 ? A DG 10 ? 1_555 132.6 ? 
5  O6 ? A DG 4  ? A DG 4  ? 1_555 K ? C K . ? A K 102 ? 1_555 O6 ? A DG 10 ? A DG 10 ? 1_555 64.9  ? 
6  O6 ? A DG 9  ? A DG 9  ? 1_555 K ? C K . ? A K 102 ? 1_555 O6 ? A DG 10 ? A DG 10 ? 1_555 75.7  ? 
7  O6 ? A DG 3  ? A DG 3  ? 1_555 K ? C K . ? A K 102 ? 1_555 O6 ? A DG 15 ? A DG 15 ? 1_555 105.1 ? 
8  O6 ? A DG 4  ? A DG 4  ? 1_555 K ? C K . ? A K 102 ? 1_555 O6 ? A DG 15 ? A DG 15 ? 1_555 151.6 ? 
9  O6 ? A DG 9  ? A DG 9  ? 1_555 K ? C K . ? A K 102 ? 1_555 O6 ? A DG 15 ? A DG 15 ? 1_555 69.9  ? 
10 O6 ? A DG 10 ? A DG 10 ? 1_555 K ? C K . ? A K 102 ? 1_555 O6 ? A DG 15 ? A DG 15 ? 1_555 93.4  ? 
11 O6 ? A DG 3  ? A DG 3  ? 1_555 K ? C K . ? A K 102 ? 1_555 O6 ? A DG 16 ? A DG 16 ? 1_555 153.6 ? 
12 O6 ? A DG 4  ? A DG 4  ? 1_555 K ? C K . ? A K 102 ? 1_555 O6 ? A DG 16 ? A DG 16 ? 1_555 103.5 ? 
13 O6 ? A DG 9  ? A DG 9  ? 1_555 K ? C K . ? A K 102 ? 1_555 O6 ? A DG 16 ? A DG 16 ? 1_555 135.1 ? 
14 O6 ? A DG 10 ? A DG 10 ? 1_555 K ? C K . ? A K 102 ? 1_555 O6 ? A DG 16 ? A DG 16 ? 1_555 69.7  ? 
15 O6 ? A DG 15 ? A DG 15 ? 1_555 K ? C K . ? A K 102 ? 1_555 O6 ? A DG 16 ? A DG 16 ? 1_555 84.2  ? 
16 O6 ? A DG 3  ? A DG 3  ? 1_555 K ? C K . ? A K 102 ? 1_555 O6 ? A DG 21 ? A DG 21 ? 1_555 69.9  ? 
17 O6 ? A DG 4  ? A DG 4  ? 1_555 K ? C K . ? A K 102 ? 1_555 O6 ? A DG 21 ? A DG 21 ? 1_555 134.7 ? 
18 O6 ? A DG 9  ? A DG 9  ? 1_555 K ? C K . ? A K 102 ? 1_555 O6 ? A DG 21 ? A DG 21 ? 1_555 113.3 ? 
19 O6 ? A DG 10 ? A DG 10 ? 1_555 K ? C K . ? A K 102 ? 1_555 O6 ? A DG 21 ? A DG 21 ? 1_555 156.6 ? 
20 O6 ? A DG 15 ? A DG 15 ? 1_555 K ? C K . ? A K 102 ? 1_555 O6 ? A DG 21 ? A DG 21 ? 1_555 71.3  ? 
21 O6 ? A DG 16 ? A DG 16 ? 1_555 K ? C K . ? A K 102 ? 1_555 O6 ? A DG 21 ? A DG 21 ? 1_555 90.7  ? 
22 O6 ? A DG 3  ? A DG 3  ? 1_555 K ? C K . ? A K 102 ? 1_555 O6 ? A DG 22 ? A DG 22 ? 1_555 92.4  ? 
23 O6 ? A DG 4  ? A DG 4  ? 1_555 K ? C K . ? A K 102 ? 1_555 O6 ? A DG 22 ? A DG 22 ? 1_555 68.8  ? 
24 O6 ? A DG 9  ? A DG 9  ? 1_555 K ? C K . ? A K 102 ? 1_555 O6 ? A DG 22 ? A DG 22 ? 1_555 152.3 ? 
25 O6 ? A DG 10 ? A DG 10 ? 1_555 K ? C K . ? A K 102 ? 1_555 O6 ? A DG 22 ? A DG 22 ? 1_555 103.0 ? 
26 O6 ? A DG 15 ? A DG 15 ? 1_555 K ? C K . ? A K 102 ? 1_555 O6 ? A DG 22 ? A DG 22 ? 1_555 137.2 ? 
27 O6 ? A DG 16 ? A DG 16 ? 1_555 K ? C K . ? A K 102 ? 1_555 O6 ? A DG 22 ? A DG 22 ? 1_555 65.7  ? 
28 O6 ? A DG 21 ? A DG 21 ? 1_555 K ? C K . ? A K 102 ? 1_555 O6 ? A DG 22 ? A DG 22 ? 1_555 79.0  ? 
29 O6 ? A DG 3  ? A DG 3  ? 1_555 K ? D K . ? A K 103 ? 1_555 O6 ? A DG 3  ? A DG 3  ? 1_555 0.0   ? 
30 O6 ? A DG 3  ? A DG 3  ? 1_555 K ? D K . ? A K 103 ? 1_555 O6 ? A DG 9  ? A DG 9  ? 1_555 58.1  ? 
31 O6 ? A DG 3  ? A DG 3  ? 1_555 K ? D K . ? A K 103 ? 1_555 O6 ? A DG 9  ? A DG 9  ? 1_555 58.1  ? 
32 O6 ? A DG 3  ? A DG 3  ? 1_555 K ? D K . ? A K 103 ? 1_555 O6 ? A DG 9  ? A DG 9  ? 1_555 58.1  ? 
33 O6 ? A DG 3  ? A DG 3  ? 1_555 K ? D K . ? A K 103 ? 1_555 O6 ? A DG 9  ? A DG 9  ? 1_555 58.1  ? 
34 O6 ? A DG 9  ? A DG 9  ? 1_555 K ? D K . ? A K 103 ? 1_555 O6 ? A DG 9  ? A DG 9  ? 1_555 0.0   ? 
35 O6 ? A DG 3  ? A DG 3  ? 1_555 K ? D K . ? A K 103 ? 1_555 O6 ? A DG 15 ? A DG 15 ? 1_555 88.1  ? 
36 O6 ? A DG 3  ? A DG 3  ? 1_555 K ? D K . ? A K 103 ? 1_555 O6 ? A DG 15 ? A DG 15 ? 1_555 88.1  ? 
37 O6 ? A DG 9  ? A DG 9  ? 1_555 K ? D K . ? A K 103 ? 1_555 O6 ? A DG 15 ? A DG 15 ? 1_555 56.3  ? 
38 O6 ? A DG 9  ? A DG 9  ? 1_555 K ? D K . ? A K 103 ? 1_555 O6 ? A DG 15 ? A DG 15 ? 1_555 56.3  ? 
39 O6 ? A DG 3  ? A DG 3  ? 1_555 K ? D K . ? A K 103 ? 1_555 O6 ? A DG 15 ? A DG 15 ? 1_555 88.1  ? 
40 O6 ? A DG 3  ? A DG 3  ? 1_555 K ? D K . ? A K 103 ? 1_555 O6 ? A DG 15 ? A DG 15 ? 1_555 88.1  ? 
41 O6 ? A DG 9  ? A DG 9  ? 1_555 K ? D K . ? A K 103 ? 1_555 O6 ? A DG 15 ? A DG 15 ? 1_555 56.3  ? 
42 O6 ? A DG 9  ? A DG 9  ? 1_555 K ? D K . ? A K 103 ? 1_555 O6 ? A DG 15 ? A DG 15 ? 1_555 56.3  ? 
43 O6 ? A DG 15 ? A DG 15 ? 1_555 K ? D K . ? A K 103 ? 1_555 O6 ? A DG 15 ? A DG 15 ? 1_555 0.0   ? 
44 O6 ? A DG 3  ? A DG 3  ? 1_555 K ? D K . ? A K 103 ? 1_555 O6 ? A DG 21 ? A DG 21 ? 1_555 59.2  ? 
45 O6 ? A DG 3  ? A DG 3  ? 1_555 K ? D K . ? A K 103 ? 1_555 O6 ? A DG 21 ? A DG 21 ? 1_555 59.2  ? 
46 O6 ? A DG 9  ? A DG 9  ? 1_555 K ? D K . ? A K 103 ? 1_555 O6 ? A DG 21 ? A DG 21 ? 1_555 85.7  ? 
47 O6 ? A DG 9  ? A DG 9  ? 1_555 K ? D K . ? A K 103 ? 1_555 O6 ? A DG 21 ? A DG 21 ? 1_555 85.7  ? 
48 O6 ? A DG 15 ? A DG 15 ? 1_555 K ? D K . ? A K 103 ? 1_555 O6 ? A DG 21 ? A DG 21 ? 1_555 59.1  ? 
49 O6 ? A DG 15 ? A DG 15 ? 1_555 K ? D K . ? A K 103 ? 1_555 O6 ? A DG 21 ? A DG 21 ? 1_555 59.1  ? 
50 O6 ? A DG 3  ? A DG 3  ? 1_555 K ? D K . ? A K 103 ? 1_555 O6 ? A DG 21 ? A DG 21 ? 1_555 59.2  ? 
51 O6 ? A DG 3  ? A DG 3  ? 1_555 K ? D K . ? A K 103 ? 1_555 O6 ? A DG 21 ? A DG 21 ? 1_555 59.2  ? 
52 O6 ? A DG 9  ? A DG 9  ? 1_555 K ? D K . ? A K 103 ? 1_555 O6 ? A DG 21 ? A DG 21 ? 1_555 85.7  ? 
53 O6 ? A DG 9  ? A DG 9  ? 1_555 K ? D K . ? A K 103 ? 1_555 O6 ? A DG 21 ? A DG 21 ? 1_555 85.7  ? 
54 O6 ? A DG 15 ? A DG 15 ? 1_555 K ? D K . ? A K 103 ? 1_555 O6 ? A DG 21 ? A DG 21 ? 1_555 59.1  ? 
55 O6 ? A DG 15 ? A DG 15 ? 1_555 K ? D K . ? A K 103 ? 1_555 O6 ? A DG 21 ? A DG 21 ? 1_555 59.1  ? 
56 O6 ? A DG 21 ? A DG 21 ? 1_555 K ? D K . ? A K 103 ? 1_555 O6 ? A DG 21 ? A DG 21 ? 1_555 0.0   ? 
57 O6 ? A DG 4  ? A DG 4  ? 1_555 K ? B K . ? A K 101 ? 1_555 O6 ? A DG 5  ? A DG 5  ? 1_555 77.6  ? 
58 O6 ? A DG 4  ? A DG 4  ? 1_555 K ? B K . ? A K 101 ? 1_555 O6 ? A DG 10 ? A DG 10 ? 1_555 67.5  ? 
59 O6 ? A DG 5  ? A DG 5  ? 1_555 K ? B K . ? A K 101 ? 1_555 O6 ? A DG 10 ? A DG 10 ? 1_555 89.4  ? 
60 O6 ? A DG 4  ? A DG 4  ? 1_555 K ? B K . ? A K 101 ? 1_555 O6 ? A DG 11 ? A DG 11 ? 1_555 127.0 ? 
61 O6 ? A DG 5  ? A DG 5  ? 1_555 K ? B K . ? A K 101 ? 1_555 O6 ? A DG 11 ? A DG 11 ? 1_555 74.0  ? 
62 O6 ? A DG 10 ? A DG 10 ? 1_555 K ? B K . ? A K 101 ? 1_555 O6 ? A DG 11 ? A DG 11 ? 1_555 68.5  ? 
63 O6 ? A DG 4  ? A DG 4  ? 1_555 K ? B K . ? A K 101 ? 1_555 O6 ? A DG 16 ? A DG 16 ? 1_555 102.0 ? 
64 O6 ? A DG 5  ? A DG 5  ? 1_555 K ? B K . ? A K 101 ? 1_555 O6 ? A DG 16 ? A DG 16 ? 1_555 161.5 ? 
65 O6 ? A DG 10 ? A DG 10 ? 1_555 K ? B K . ? A K 101 ? 1_555 O6 ? A DG 16 ? A DG 16 ? 1_555 73.6  ? 
66 O6 ? A DG 11 ? A DG 11 ? 1_555 K ? B K . ? A K 101 ? 1_555 O6 ? A DG 16 ? A DG 16 ? 1_555 92.4  ? 
67 O6 ? A DG 4  ? A DG 4  ? 1_555 K ? B K . ? A K 101 ? 1_555 O6 ? A DG 17 ? A DG 17 ? 1_555 157.1 ? 
68 O6 ? A DG 5  ? A DG 5  ? 1_555 K ? B K . ? A K 101 ? 1_555 O6 ? A DG 17 ? A DG 17 ? 1_555 118.7 ? 
69 O6 ? A DG 10 ? A DG 10 ? 1_555 K ? B K . ? A K 101 ? 1_555 O6 ? A DG 17 ? A DG 17 ? 1_555 124.9 ? 
70 O6 ? A DG 11 ? A DG 11 ? 1_555 K ? B K . ? A K 101 ? 1_555 O6 ? A DG 17 ? A DG 17 ? 1_555 75.2  ? 
71 O6 ? A DG 16 ? A DG 16 ? 1_555 K ? B K . ? A K 101 ? 1_555 O6 ? A DG 17 ? A DG 17 ? 1_555 67.9  ? 
72 O6 ? A DG 4  ? A DG 4  ? 1_555 K ? B K . ? A K 101 ? 1_555 O6 ? A DG 22 ? A DG 22 ? 1_555 66.6  ? 
73 O6 ? A DG 5  ? A DG 5  ? 1_555 K ? B K . ? A K 101 ? 1_555 O6 ? A DG 22 ? A DG 22 ? 1_555 129.6 ? 
74 O6 ? A DG 10 ? A DG 10 ? 1_555 K ? B K . ? A K 101 ? 1_555 O6 ? A DG 22 ? A DG 22 ? 1_555 107.0 ? 
75 O6 ? A DG 11 ? A DG 11 ? 1_555 K ? B K . ? A K 101 ? 1_555 O6 ? A DG 22 ? A DG 22 ? 1_555 156.4 ? 
76 O6 ? A DG 16 ? A DG 16 ? 1_555 K ? B K . ? A K 101 ? 1_555 O6 ? A DG 22 ? A DG 22 ? 1_555 64.6  ? 
77 O6 ? A DG 17 ? A DG 17 ? 1_555 K ? B K . ? A K 101 ? 1_555 O6 ? A DG 22 ? A DG 22 ? 1_555 90.6  ? 
78 O6 ? A DG 4  ? A DG 4  ? 1_555 K ? B K . ? A K 101 ? 1_555 O6 ? A DG 23 ? A DG 23 ? 1_555 93.7  ? 
79 O6 ? A DG 5  ? A DG 5  ? 1_555 K ? B K . ? A K 101 ? 1_555 O6 ? A DG 23 ? A DG 23 ? 1_555 74.8  ? 
80 O6 ? A DG 10 ? A DG 10 ? 1_555 K ? B K . ? A K 101 ? 1_555 O6 ? A DG 23 ? A DG 23 ? 1_555 158.0 ? 
81 O6 ? A DG 11 ? A DG 11 ? 1_555 K ? B K . ? A K 101 ? 1_555 O6 ? A DG 23 ? A DG 23 ? 1_555 119.8 ? 
82 O6 ? A DG 16 ? A DG 16 ? 1_555 K ? B K . ? A K 101 ? 1_555 O6 ? A DG 23 ? A DG 23 ? 1_555 123.5 ? 
83 O6 ? A DG 17 ? A DG 17 ? 1_555 K ? B K . ? A K 101 ? 1_555 O6 ? A DG 23 ? A DG 23 ? 1_555 76.8  ? 
84 O6 ? A DG 22 ? A DG 22 ? 1_555 K ? B K . ? A K 101 ? 1_555 O6 ? A DG 23 ? A DG 23 ? 1_555 73.4  ? 
# 
_pdbx_validate_close_contact.id               1 
_pdbx_validate_close_contact.PDB_model_num    1 
_pdbx_validate_close_contact.auth_atom_id_1   "O5'" 
_pdbx_validate_close_contact.auth_asym_id_1   A 
_pdbx_validate_close_contact.auth_comp_id_1   DT 
_pdbx_validate_close_contact.auth_seq_id_1    24 
_pdbx_validate_close_contact.PDB_ins_code_1   ? 
_pdbx_validate_close_contact.label_alt_id_1   ? 
_pdbx_validate_close_contact.auth_atom_id_2   O 
_pdbx_validate_close_contact.auth_asym_id_2   A 
_pdbx_validate_close_contact.auth_comp_id_2   HOH 
_pdbx_validate_close_contact.auth_seq_id_2    201 
_pdbx_validate_close_contact.PDB_ins_code_2   ? 
_pdbx_validate_close_contact.label_alt_id_2   ? 
_pdbx_validate_close_contact.dist             2.17 
# 
_pdbx_validate_rmsd_angle.id                         1 
_pdbx_validate_rmsd_angle.PDB_model_num              1 
_pdbx_validate_rmsd_angle.auth_atom_id_1             "O4'" 
_pdbx_validate_rmsd_angle.auth_asym_id_1             A 
_pdbx_validate_rmsd_angle.auth_comp_id_1             DT 
_pdbx_validate_rmsd_angle.auth_seq_id_1              1 
_pdbx_validate_rmsd_angle.PDB_ins_code_1             ? 
_pdbx_validate_rmsd_angle.label_alt_id_1             ? 
_pdbx_validate_rmsd_angle.auth_atom_id_2             "C1'" 
_pdbx_validate_rmsd_angle.auth_asym_id_2             A 
_pdbx_validate_rmsd_angle.auth_comp_id_2             DT 
_pdbx_validate_rmsd_angle.auth_seq_id_2              1 
_pdbx_validate_rmsd_angle.PDB_ins_code_2             ? 
_pdbx_validate_rmsd_angle.label_alt_id_2             ? 
_pdbx_validate_rmsd_angle.auth_atom_id_3             N1 
_pdbx_validate_rmsd_angle.auth_asym_id_3             A 
_pdbx_validate_rmsd_angle.auth_comp_id_3             DT 
_pdbx_validate_rmsd_angle.auth_seq_id_3              1 
_pdbx_validate_rmsd_angle.PDB_ins_code_3             ? 
_pdbx_validate_rmsd_angle.label_alt_id_3             ? 
_pdbx_validate_rmsd_angle.angle_value                110.13 
_pdbx_validate_rmsd_angle.angle_target_value         108.30 
_pdbx_validate_rmsd_angle.angle_deviation            1.83 
_pdbx_validate_rmsd_angle.angle_standard_deviation   0.30 
_pdbx_validate_rmsd_angle.linker_flag                N 
# 
_pdbx_entry_details.entry_id                 7QVQ 
_pdbx_entry_details.has_ligand_of_interest   Y 
_pdbx_entry_details.compound_details         ? 
_pdbx_entry_details.source_details           ? 
_pdbx_entry_details.nonpolymer_details       ? 
_pdbx_entry_details.sequence_details         ? 
# 
loop_
_chem_comp_atom.comp_id 
_chem_comp_atom.atom_id 
_chem_comp_atom.type_symbol 
_chem_comp_atom.pdbx_aromatic_flag 
_chem_comp_atom.pdbx_stereo_config 
_chem_comp_atom.pdbx_ordinal 
DA  OP3    O  N N 1   
DA  P      P  N N 2   
DA  OP1    O  N N 3   
DA  OP2    O  N N 4   
DA  "O5'"  O  N N 5   
DA  "C5'"  C  N N 6   
DA  "C4'"  C  N R 7   
DA  "O4'"  O  N N 8   
DA  "C3'"  C  N S 9   
DA  "O3'"  O  N N 10  
DA  "C2'"  C  N N 11  
DA  "C1'"  C  N R 12  
DA  N9     N  Y N 13  
DA  C8     C  Y N 14  
DA  N7     N  Y N 15  
DA  C5     C  Y N 16  
DA  C6     C  Y N 17  
DA  N6     N  N N 18  
DA  N1     N  Y N 19  
DA  C2     C  Y N 20  
DA  N3     N  Y N 21  
DA  C4     C  Y N 22  
DA  HOP3   H  N N 23  
DA  HOP2   H  N N 24  
DA  "H5'"  H  N N 25  
DA  "H5''" H  N N 26  
DA  "H4'"  H  N N 27  
DA  "H3'"  H  N N 28  
DA  "HO3'" H  N N 29  
DA  "H2'"  H  N N 30  
DA  "H2''" H  N N 31  
DA  "H1'"  H  N N 32  
DA  H8     H  N N 33  
DA  H61    H  N N 34  
DA  H62    H  N N 35  
DA  H2     H  N N 36  
DG  OP3    O  N N 37  
DG  P      P  N N 38  
DG  OP1    O  N N 39  
DG  OP2    O  N N 40  
DG  "O5'"  O  N N 41  
DG  "C5'"  C  N N 42  
DG  "C4'"  C  N R 43  
DG  "O4'"  O  N N 44  
DG  "C3'"  C  N S 45  
DG  "O3'"  O  N N 46  
DG  "C2'"  C  N N 47  
DG  "C1'"  C  N R 48  
DG  N9     N  Y N 49  
DG  C8     C  Y N 50  
DG  N7     N  Y N 51  
DG  C5     C  Y N 52  
DG  C6     C  N N 53  
DG  O6     O  N N 54  
DG  N1     N  N N 55  
DG  C2     C  N N 56  
DG  N2     N  N N 57  
DG  N3     N  N N 58  
DG  C4     C  Y N 59  
DG  HOP3   H  N N 60  
DG  HOP2   H  N N 61  
DG  "H5'"  H  N N 62  
DG  "H5''" H  N N 63  
DG  "H4'"  H  N N 64  
DG  "H3'"  H  N N 65  
DG  "HO3'" H  N N 66  
DG  "H2'"  H  N N 67  
DG  "H2''" H  N N 68  
DG  "H1'"  H  N N 69  
DG  H8     H  N N 70  
DG  H1     H  N N 71  
DG  H21    H  N N 72  
DG  H22    H  N N 73  
DT  OP3    O  N N 74  
DT  P      P  N N 75  
DT  OP1    O  N N 76  
DT  OP2    O  N N 77  
DT  "O5'"  O  N N 78  
DT  "C5'"  C  N N 79  
DT  "C4'"  C  N R 80  
DT  "O4'"  O  N N 81  
DT  "C3'"  C  N S 82  
DT  "O3'"  O  N N 83  
DT  "C2'"  C  N N 84  
DT  "C1'"  C  N R 85  
DT  N1     N  N N 86  
DT  C2     C  N N 87  
DT  O2     O  N N 88  
DT  N3     N  N N 89  
DT  C4     C  N N 90  
DT  O4     O  N N 91  
DT  C5     C  N N 92  
DT  C7     C  N N 93  
DT  C6     C  N N 94  
DT  HOP3   H  N N 95  
DT  HOP2   H  N N 96  
DT  "H5'"  H  N N 97  
DT  "H5''" H  N N 98  
DT  "H4'"  H  N N 99  
DT  "H3'"  H  N N 100 
DT  "HO3'" H  N N 101 
DT  "H2'"  H  N N 102 
DT  "H2''" H  N N 103 
DT  "H1'"  H  N N 104 
DT  H3     H  N N 105 
DT  H71    H  N N 106 
DT  H72    H  N N 107 
DT  H73    H  N N 108 
DT  H6     H  N N 109 
HOH O      O  N N 110 
HOH H1     H  N N 111 
HOH H2     H  N N 112 
I6K C12    C  Y N 113 
I6K C13    C  Y N 114 
I6K C9     C  Y N 115 
I6K C8     C  Y N 116 
I6K C3     C  Y N 117 
I6K C7     C  Y N 118 
I6K CL1    CL N N 119 
I6K C10    C  Y N 120 
I6K C5     C  Y N 121 
I6K C2     C  Y N 122 
I6K C1     C  Y N 123 
I6K AU1    AU N S 124 
I6K N1     N  Y N 125 
I6K N2     N  Y N 126 
I6K N3     N  Y N 127 
I6K N8     N  Y N 128 
I6K N9     N  Y N 129 
I6K N4     N  Y N 130 
I6K N5     N  Y N 131 
I6K C15    C  Y N 132 
I6K N6     N  Y N 133 
I6K C16    C  Y N 134 
I6K C17    C  Y N 135 
I6K N7     N  Y N 136 
I6K C19    C  Y N 137 
I6K C20    C  Y N 138 
I6K H1     H  N N 139 
I6K H2     H  N N 140 
I6K H3     H  N N 141 
I6K H4     H  N N 142 
I6K H5     H  N N 143 
I6K H6     H  N N 144 
I6K H7     H  N N 145 
I6K H8     H  N N 146 
I6K H9     H  N N 147 
K   K      K  N N 148 
# 
loop_
_chem_comp_bond.comp_id 
_chem_comp_bond.atom_id_1 
_chem_comp_bond.atom_id_2 
_chem_comp_bond.value_order 
_chem_comp_bond.pdbx_aromatic_flag 
_chem_comp_bond.pdbx_stereo_config 
_chem_comp_bond.pdbx_ordinal 
DA  OP3   P      sing N N 1   
DA  OP3   HOP3   sing N N 2   
DA  P     OP1    doub N N 3   
DA  P     OP2    sing N N 4   
DA  P     "O5'"  sing N N 5   
DA  OP2   HOP2   sing N N 6   
DA  "O5'" "C5'"  sing N N 7   
DA  "C5'" "C4'"  sing N N 8   
DA  "C5'" "H5'"  sing N N 9   
DA  "C5'" "H5''" sing N N 10  
DA  "C4'" "O4'"  sing N N 11  
DA  "C4'" "C3'"  sing N N 12  
DA  "C4'" "H4'"  sing N N 13  
DA  "O4'" "C1'"  sing N N 14  
DA  "C3'" "O3'"  sing N N 15  
DA  "C3'" "C2'"  sing N N 16  
DA  "C3'" "H3'"  sing N N 17  
DA  "O3'" "HO3'" sing N N 18  
DA  "C2'" "C1'"  sing N N 19  
DA  "C2'" "H2'"  sing N N 20  
DA  "C2'" "H2''" sing N N 21  
DA  "C1'" N9     sing N N 22  
DA  "C1'" "H1'"  sing N N 23  
DA  N9    C8     sing Y N 24  
DA  N9    C4     sing Y N 25  
DA  C8    N7     doub Y N 26  
DA  C8    H8     sing N N 27  
DA  N7    C5     sing Y N 28  
DA  C5    C6     sing Y N 29  
DA  C5    C4     doub Y N 30  
DA  C6    N6     sing N N 31  
DA  C6    N1     doub Y N 32  
DA  N6    H61    sing N N 33  
DA  N6    H62    sing N N 34  
DA  N1    C2     sing Y N 35  
DA  C2    N3     doub Y N 36  
DA  C2    H2     sing N N 37  
DA  N3    C4     sing Y N 38  
DG  OP3   P      sing N N 39  
DG  OP3   HOP3   sing N N 40  
DG  P     OP1    doub N N 41  
DG  P     OP2    sing N N 42  
DG  P     "O5'"  sing N N 43  
DG  OP2   HOP2   sing N N 44  
DG  "O5'" "C5'"  sing N N 45  
DG  "C5'" "C4'"  sing N N 46  
DG  "C5'" "H5'"  sing N N 47  
DG  "C5'" "H5''" sing N N 48  
DG  "C4'" "O4'"  sing N N 49  
DG  "C4'" "C3'"  sing N N 50  
DG  "C4'" "H4'"  sing N N 51  
DG  "O4'" "C1'"  sing N N 52  
DG  "C3'" "O3'"  sing N N 53  
DG  "C3'" "C2'"  sing N N 54  
DG  "C3'" "H3'"  sing N N 55  
DG  "O3'" "HO3'" sing N N 56  
DG  "C2'" "C1'"  sing N N 57  
DG  "C2'" "H2'"  sing N N 58  
DG  "C2'" "H2''" sing N N 59  
DG  "C1'" N9     sing N N 60  
DG  "C1'" "H1'"  sing N N 61  
DG  N9    C8     sing Y N 62  
DG  N9    C4     sing Y N 63  
DG  C8    N7     doub Y N 64  
DG  C8    H8     sing N N 65  
DG  N7    C5     sing Y N 66  
DG  C5    C6     sing N N 67  
DG  C5    C4     doub Y N 68  
DG  C6    O6     doub N N 69  
DG  C6    N1     sing N N 70  
DG  N1    C2     sing N N 71  
DG  N1    H1     sing N N 72  
DG  C2    N2     sing N N 73  
DG  C2    N3     doub N N 74  
DG  N2    H21    sing N N 75  
DG  N2    H22    sing N N 76  
DG  N3    C4     sing N N 77  
DT  OP3   P      sing N N 78  
DT  OP3   HOP3   sing N N 79  
DT  P     OP1    doub N N 80  
DT  P     OP2    sing N N 81  
DT  P     "O5'"  sing N N 82  
DT  OP2   HOP2   sing N N 83  
DT  "O5'" "C5'"  sing N N 84  
DT  "C5'" "C4'"  sing N N 85  
DT  "C5'" "H5'"  sing N N 86  
DT  "C5'" "H5''" sing N N 87  
DT  "C4'" "O4'"  sing N N 88  
DT  "C4'" "C3'"  sing N N 89  
DT  "C4'" "H4'"  sing N N 90  
DT  "O4'" "C1'"  sing N N 91  
DT  "C3'" "O3'"  sing N N 92  
DT  "C3'" "C2'"  sing N N 93  
DT  "C3'" "H3'"  sing N N 94  
DT  "O3'" "HO3'" sing N N 95  
DT  "C2'" "C1'"  sing N N 96  
DT  "C2'" "H2'"  sing N N 97  
DT  "C2'" "H2''" sing N N 98  
DT  "C1'" N1     sing N N 99  
DT  "C1'" "H1'"  sing N N 100 
DT  N1    C2     sing N N 101 
DT  N1    C6     sing N N 102 
DT  C2    O2     doub N N 103 
DT  C2    N3     sing N N 104 
DT  N3    C4     sing N N 105 
DT  N3    H3     sing N N 106 
DT  C4    O4     doub N N 107 
DT  C4    C5     sing N N 108 
DT  C5    C7     sing N N 109 
DT  C5    C6     doub N N 110 
DT  C7    H71    sing N N 111 
DT  C7    H72    sing N N 112 
DT  C7    H73    sing N N 113 
DT  C6    H6     sing N N 114 
HOH O     H1     sing N N 115 
HOH O     H2     sing N N 116 
I6K C15   C8     doub Y N 117 
I6K C15   C7     sing Y N 118 
I6K C8    N2     sing Y N 119 
I6K C7    N5     doub Y N 120 
I6K N2    C13    doub Y N 121 
I6K N2    AU1    sing N N 122 
I6K C10   C12    doub Y N 123 
I6K C10   C9     sing Y N 124 
I6K N5    C13    sing Y N 125 
I6K CL1   AU1    sing N N 126 
I6K C12   N4     sing Y N 127 
I6K C13   C3     sing N N 128 
I6K C9    N3     doub Y N 129 
I6K N4    C2     doub Y N 130 
I6K N3    AU1    sing N N 131 
I6K N3    C2     sing Y N 132 
I6K AU1   N1     sing N N 133 
I6K C3    N1     doub Y N 134 
I6K C3    N9     sing Y N 135 
I6K C2    C1     sing N N 136 
I6K N1    C1     sing Y N 137 
I6K C17   N6     doub Y N 138 
I6K C17   C20    sing Y N 139 
I6K N6    C16    sing Y N 140 
I6K N9    C5     doub Y N 141 
I6K C1    N8     doub Y N 142 
I6K C5    N8     sing Y N 143 
I6K C5    C16    sing N N 144 
I6K C20   C19    doub Y N 145 
I6K C16   N7     doub Y N 146 
I6K C19   N7     sing Y N 147 
I6K C12   H1     sing N N 148 
I6K C9    H2     sing N N 149 
I6K C8    H3     sing N N 150 
I6K C7    H4     sing N N 151 
I6K C10   H5     sing N N 152 
I6K C15   H6     sing N N 153 
I6K C17   H7     sing N N 154 
I6K C19   H8     sing N N 155 
I6K C20   H9     sing N N 156 
# 
loop_
_ndb_struct_conf_na.entry_id 
_ndb_struct_conf_na.feature 
7QVQ 'double helix'    
7QVQ 'quadruple helix' 
# 
loop_
_ndb_struct_na_base_pair.model_number 
_ndb_struct_na_base_pair.i_label_asym_id 
_ndb_struct_na_base_pair.i_label_comp_id 
_ndb_struct_na_base_pair.i_label_seq_id 
_ndb_struct_na_base_pair.i_symmetry 
_ndb_struct_na_base_pair.j_label_asym_id 
_ndb_struct_na_base_pair.j_label_comp_id 
_ndb_struct_na_base_pair.j_label_seq_id 
_ndb_struct_na_base_pair.j_symmetry 
_ndb_struct_na_base_pair.shear 
_ndb_struct_na_base_pair.stretch 
_ndb_struct_na_base_pair.stagger 
_ndb_struct_na_base_pair.buckle 
_ndb_struct_na_base_pair.propeller 
_ndb_struct_na_base_pair.opening 
_ndb_struct_na_base_pair.pair_number 
_ndb_struct_na_base_pair.pair_name 
_ndb_struct_na_base_pair.i_auth_asym_id 
_ndb_struct_na_base_pair.i_auth_seq_id 
_ndb_struct_na_base_pair.i_PDB_ins_code 
_ndb_struct_na_base_pair.j_auth_asym_id 
_ndb_struct_na_base_pair.j_auth_seq_id 
_ndb_struct_na_base_pair.j_PDB_ins_code 
_ndb_struct_na_base_pair.hbond_type_28 
_ndb_struct_na_base_pair.hbond_type_12 
1 A DG 15 1_555 A DG 21 1_555 1.567  3.397  -0.227 0.704  -0.363 -87.697 1 A_DG15:DG21_A A 15 ? A 21 ? 6 3 
1 A DG 16 1_555 A DG 22 1_555 1.288  3.468  0.026  -1.030 -2.885 -91.881 2 A_DG16:DG22_A A 16 ? A 22 ? 6 3 
1 A DG 17 1_555 A DG 23 1_555 1.619  3.428  -0.178 2.534  -6.204 -89.187 3 A_DG17:DG23_A A 17 ? A 23 ? 6 3 
1 A DG 11 1_555 A DG 5  1_555 -1.570 -3.218 0.044  -2.452 6.468  91.346  4 A_DG11:DG5_A  A 11 ? A 5  ? 6 3 
# 
loop_
_ndb_struct_na_base_pair_step.model_number 
_ndb_struct_na_base_pair_step.i_label_asym_id_1 
_ndb_struct_na_base_pair_step.i_label_comp_id_1 
_ndb_struct_na_base_pair_step.i_label_seq_id_1 
_ndb_struct_na_base_pair_step.i_symmetry_1 
_ndb_struct_na_base_pair_step.j_label_asym_id_1 
_ndb_struct_na_base_pair_step.j_label_comp_id_1 
_ndb_struct_na_base_pair_step.j_label_seq_id_1 
_ndb_struct_na_base_pair_step.j_symmetry_1 
_ndb_struct_na_base_pair_step.i_label_asym_id_2 
_ndb_struct_na_base_pair_step.i_label_comp_id_2 
_ndb_struct_na_base_pair_step.i_label_seq_id_2 
_ndb_struct_na_base_pair_step.i_symmetry_2 
_ndb_struct_na_base_pair_step.j_label_asym_id_2 
_ndb_struct_na_base_pair_step.j_label_comp_id_2 
_ndb_struct_na_base_pair_step.j_label_seq_id_2 
_ndb_struct_na_base_pair_step.j_symmetry_2 
_ndb_struct_na_base_pair_step.shift 
_ndb_struct_na_base_pair_step.slide 
_ndb_struct_na_base_pair_step.rise 
_ndb_struct_na_base_pair_step.tilt 
_ndb_struct_na_base_pair_step.roll 
_ndb_struct_na_base_pair_step.twist 
_ndb_struct_na_base_pair_step.x_displacement 
_ndb_struct_na_base_pair_step.y_displacement 
_ndb_struct_na_base_pair_step.helical_rise 
_ndb_struct_na_base_pair_step.inclination 
_ndb_struct_na_base_pair_step.tip 
_ndb_struct_na_base_pair_step.helical_twist 
_ndb_struct_na_base_pair_step.step_number 
_ndb_struct_na_base_pair_step.step_name 
_ndb_struct_na_base_pair_step.i_auth_asym_id_1 
_ndb_struct_na_base_pair_step.i_auth_seq_id_1 
_ndb_struct_na_base_pair_step.i_PDB_ins_code_1 
_ndb_struct_na_base_pair_step.j_auth_asym_id_1 
_ndb_struct_na_base_pair_step.j_auth_seq_id_1 
_ndb_struct_na_base_pair_step.j_PDB_ins_code_1 
_ndb_struct_na_base_pair_step.i_auth_asym_id_2 
_ndb_struct_na_base_pair_step.i_auth_seq_id_2 
_ndb_struct_na_base_pair_step.i_PDB_ins_code_2 
_ndb_struct_na_base_pair_step.j_auth_asym_id_2 
_ndb_struct_na_base_pair_step.j_auth_seq_id_2 
_ndb_struct_na_base_pair_step.j_PDB_ins_code_2 
1 A DG 15 1_555 A DG 21 1_555 A DG 16 1_555 A DG 22 1_555 -0.269 -1.111 3.282 -0.520 0.649  33.625   -2.025 0.380 3.265 1.122  
0.899   33.635   1 AA_DG15DG16:DG22DG21_AA A 15 ? A 21 ? A 16 ? A 22 ? 
1 A DG 16 1_555 A DG 22 1_555 A DG 17 1_555 A DG 23 1_555 -0.320 -0.701 3.000 5.838  5.002  26.865   -2.511 1.899 2.699 10.497 
-12.249 27.924   2 AA_DG16DG17:DG23DG22_AA A 16 ? A 22 ? A 17 ? A 23 ? 
1 A DG 17 1_555 A DG 23 1_555 A DG 11 1_555 A DG 5  1_555 1.565  3.349  0.139 5.343  -7.023 -178.945 -1.674 0.782 0.140 3.511  
2.672   -178.948 3 AA_DG17DG11:DG5DG23_AA  A 17 ? A 23 ? A 11 ? A 5  ? 
# 
loop_
_pdbx_audit_support.funding_organization 
_pdbx_audit_support.country 
_pdbx_audit_support.grant_number 
_pdbx_audit_support.ordinal 
'Other private'    ?      ?          1 
'Other government' Sweden 2018-05003 2 
'Other government' ?      2020-06176 3 
# 
_pdbx_entity_instance_feature.ordinal        1 
_pdbx_entity_instance_feature.comp_id        I6K 
_pdbx_entity_instance_feature.asym_id        ? 
_pdbx_entity_instance_feature.seq_num        ? 
_pdbx_entity_instance_feature.auth_comp_id   I6K 
_pdbx_entity_instance_feature.auth_asym_id   ? 
_pdbx_entity_instance_feature.auth_seq_num   ? 
_pdbx_entity_instance_feature.feature_type   'SUBJECT OF INVESTIGATION' 
_pdbx_entity_instance_feature.details        ? 
# 
_pdbx_initial_refinement_model.id               1 
_pdbx_initial_refinement_model.entity_id_list   ? 
_pdbx_initial_refinement_model.type             'experimental model' 
_pdbx_initial_refinement_model.source_name      PDB 
_pdbx_initial_refinement_model.accession_code   6H5R 
_pdbx_initial_refinement_model.details          ? 
# 
_atom_sites.entry_id                    7QVQ 
_atom_sites.Cartn_transf_matrix[1][1]   ? 
_atom_sites.Cartn_transf_matrix[1][2]   ? 
_atom_sites.Cartn_transf_matrix[1][3]   ? 
_atom_sites.Cartn_transf_matrix[2][1]   ? 
_atom_sites.Cartn_transf_matrix[2][2]   ? 
_atom_sites.Cartn_transf_matrix[2][3]   ? 
_atom_sites.Cartn_transf_matrix[3][1]   ? 
_atom_sites.Cartn_transf_matrix[3][2]   ? 
_atom_sites.Cartn_transf_matrix[3][3]   ? 
_atom_sites.Cartn_transf_vector[1]      ? 
_atom_sites.Cartn_transf_vector[2]      ? 
_atom_sites.Cartn_transf_vector[3]      ? 
_atom_sites.fract_transf_matrix[1][1]   0.02314974 
_atom_sites.fract_transf_matrix[1][2]   0.00963696 
_atom_sites.fract_transf_matrix[1][3]   -0.01055634 
_atom_sites.fract_transf_matrix[2][1]   0.00540101 
_atom_sites.fract_transf_matrix[2][2]   -0.01289435 
_atom_sites.fract_transf_matrix[2][3]   0.00007290 
_atom_sites.fract_transf_matrix[3][1]   -0.01238966 
_atom_sites.fract_transf_matrix[3][2]   -0.00539124 
_atom_sites.fract_transf_matrix[3][3]   -0.03566103 
_atom_sites.fract_transf_vector[1]      -0.493829 
_atom_sites.fract_transf_vector[2]      0.002054 
_atom_sites.fract_transf_vector[3]      0.210542 
_atom_sites.solution_primary            ? 
_atom_sites.solution_secondary          ? 
_atom_sites.solution_hydrogens          ? 
_atom_sites.special_details             ? 
# 
loop_
_atom_type.symbol 
AU 
C  
CL 
K  
N  
O  
P  
# 
loop_
_atom_site.group_PDB 
_atom_site.id 
_atom_site.type_symbol 
_atom_site.label_atom_id 
_atom_site.label_alt_id 
_atom_site.label_comp_id 
_atom_site.label_asym_id 
_atom_site.label_entity_id 
_atom_site.label_seq_id 
_atom_site.pdbx_PDB_ins_code 
_atom_site.Cartn_x 
_atom_site.Cartn_y 
_atom_site.Cartn_z 
_atom_site.occupancy 
_atom_site.B_iso_or_equiv 
_atom_site.pdbx_formal_charge 
_atom_site.auth_seq_id 
_atom_site.auth_comp_id 
_atom_site.auth_asym_id 
_atom_site.auth_atom_id 
_atom_site.pdbx_PDB_model_num 
ATOM   1   O  "O5'" . DT  A 1 1  ? -16.288 2.910   10.276  1.00 83.38  ?  1   DT  A "O5'" 1 
ATOM   2   C  "C5'" . DT  A 1 1  ? -16.717 1.566   9.970   1.00 90.40  ?  1   DT  A "C5'" 1 
ATOM   3   C  "C4'" . DT  A 1 1  ? -15.911 0.994   8.825   1.00 98.53  ?  1   DT  A "C4'" 1 
ATOM   4   O  "O4'" . DT  A 1 1  ? -14.871 0.122   9.352   1.00 109.98 ?  1   DT  A "O4'" 1 
ATOM   5   C  "C3'" . DT  A 1 1  ? -16.699 0.130   7.828   1.00 109.94 ?  1   DT  A "C3'" 1 
ATOM   6   O  "O3'" . DT  A 1 1  ? -16.268 0.496   6.491   1.00 108.38 ?  1   DT  A "O3'" 1 
ATOM   7   C  "C2'" . DT  A 1 1  ? -16.412 -1.271  8.341   1.00 114.23 ?  1   DT  A "C2'" 1 
ATOM   8   C  "C1'" . DT  A 1 1  ? -14.940 -1.098  8.628   1.00 114.66 ?  1   DT  A "C1'" 1 
ATOM   9   N  N1    . DT  A 1 1  ? -14.271 -2.185  9.392   1.00 113.60 ?  1   DT  A N1    1 
ATOM   10  C  C2    . DT  A 1 1  ? -13.810 -2.008  10.681  1.00 109.23 ?  1   DT  A C2    1 
ATOM   11  O  O2    . DT  A 1 1  ? -13.931 -0.964  11.300  1.00 105.21 ?  1   DT  A O2    1 
ATOM   12  N  N3    . DT  A 1 1  ? -13.207 -3.116  11.230  1.00 110.98 ?  1   DT  A N3    1 
ATOM   13  C  C4    . DT  A 1 1  ? -13.012 -4.346  10.628  1.00 113.93 ?  1   DT  A C4    1 
ATOM   14  O  O4    . DT  A 1 1  ? -12.451 -5.246  11.248  1.00 108.55 ?  1   DT  A O4    1 
ATOM   15  C  C5    . DT  A 1 1  ? -13.508 -4.457  9.272   1.00 117.59 ?  1   DT  A C5    1 
ATOM   16  C  C7    . DT  A 1 1  ? -13.341 -5.749  8.537   1.00 114.51 ?  1   DT  A C7    1 
ATOM   17  C  C6    . DT  A 1 1  ? -14.101 -3.385  8.731   1.00 117.81 ?  1   DT  A C6    1 
ATOM   18  P  P     . DA  A 1 2  ? -15.984 -0.577  5.269   1.00 108.41 ?  2   DA  A P     1 
ATOM   19  O  OP1   . DA  A 1 2  ? -16.881 -0.248  4.132   1.00 104.79 ?  2   DA  A OP1   1 
ATOM   20  O  OP2   . DA  A 1 2  ? -15.942 -1.968  5.788   1.00 106.47 ?  2   DA  A OP2   1 
ATOM   21  O  "O5'" . DA  A 1 2  ? -14.497 -0.215  4.825   1.00 114.88 ?  2   DA  A "O5'" 1 
ATOM   22  C  "C5'" . DA  A 1 2  ? -14.180 1.029   4.162   1.00 108.76 ?  2   DA  A "C5'" 1 
ATOM   23  C  "C4'" . DA  A 1 2  ? -13.220 0.781   3.025   1.00 101.31 ?  2   DA  A "C4'" 1 
ATOM   24  O  "O4'" . DA  A 1 2  ? -12.084 0.041   3.524   1.00 97.19  ?  2   DA  A "O4'" 1 
ATOM   25  C  "C3'" . DA  A 1 2  ? -13.780 -0.059  1.877   1.00 98.10  ?  2   DA  A "C3'" 1 
ATOM   26  O  "O3'" . DA  A 1 2  ? -13.171 0.369   0.656   1.00 93.53  ?  2   DA  A "O3'" 1 
ATOM   27  C  "C2'" . DA  A 1 2  ? -13.325 -1.462  2.230   1.00 97.28  ?  2   DA  A "C2'" 1 
ATOM   28  C  "C1'" . DA  A 1 2  ? -11.947 -1.159  2.780   1.00 98.65  ?  2   DA  A "C1'" 1 
ATOM   29  N  N9    . DA  A 1 2  ? -11.348 -2.162  3.655   1.00 105.90 ?  2   DA  A N9    1 
ATOM   30  C  C8    . DA  A 1 2  ? -11.911 -2.933  4.645   1.00 108.99 ?  2   DA  A C8    1 
ATOM   31  N  N7    . DA  A 1 2  ? -11.054 -3.719  5.252   1.00 107.98 ?  2   DA  A N7    1 
ATOM   32  C  C5    . DA  A 1 2  ? -9.843  -3.431  4.637   1.00 104.61 ?  2   DA  A C5    1 
ATOM   33  C  C6    . DA  A 1 2  ? -8.543  -3.941  4.814   1.00 104.09 ?  2   DA  A C6    1 
ATOM   34  N  N6    . DA  A 1 2  ? -8.228  -4.870  5.719   1.00 106.60 ?  2   DA  A N6    1 
ATOM   35  N  N1    . DA  A 1 2  ? -7.562  -3.446  4.025   1.00 95.50  ?  2   DA  A N1    1 
ATOM   36  C  C2    . DA  A 1 2  ? -7.878  -2.512  3.118   1.00 90.50  ?  2   DA  A C2    1 
ATOM   37  N  N3    . DA  A 1 2  ? -9.058  -1.960  2.854   1.00 91.24  ?  2   DA  A N3    1 
ATOM   38  C  C4    . DA  A 1 2  ? -10.010 -2.471  3.655   1.00 103.68 ?  2   DA  A C4    1 
ATOM   39  P  P     . DG  A 1 3  ? -13.761 -0.100  -0.757  1.00 94.36  ?  3   DG  A P     1 
ATOM   40  O  OP1   . DG  A 1 3  ? -13.883 1.107   -1.613  1.00 91.71  ?  3   DG  A OP1   1 
ATOM   41  O  OP2   . DG  A 1 3  ? -14.962 -0.961  -0.507  1.00 67.62  ?  3   DG  A OP2   1 
ATOM   42  O  "O5'" . DG  A 1 3  ? -12.557 -0.929  -1.394  1.00 70.35  ?  3   DG  A "O5'" 1 
ATOM   43  C  "C5'" . DG  A 1 3  ? -12.804 -2.123  -2.151  1.00 58.65  ?  3   DG  A "C5'" 1 
ATOM   44  C  "C4'" . DG  A 1 3  ? -11.684 -3.111  -1.942  1.00 51.97  ?  3   DG  A "C4'" 1 
ATOM   45  O  "O4'" . DG  A 1 3  ? -10.610 -2.743  -2.837  1.00 44.25  ?  3   DG  A "O4'" 1 
ATOM   46  C  "C3'" . DG  A 1 3  ? -11.083 -3.123  -0.524  1.00 48.41  ?  3   DG  A "C3'" 1 
ATOM   47  O  "O3'" . DG  A 1 3  ? -11.395 -4.217  0.371   1.00 50.65  ?  3   DG  A "O3'" 1 
ATOM   48  C  "C2'" . DG  A 1 3  ? -9.599  -2.867  -0.735  1.00 43.25  ?  3   DG  A "C2'" 1 
ATOM   49  C  "C1'" . DG  A 1 3  ? -9.395  -3.100  -2.217  1.00 41.74  ?  3   DG  A "C1'" 1 
ATOM   50  N  N9    . DG  A 1 3  ? -8.327  -2.292  -2.799  1.00 36.93  ?  3   DG  A N9    1 
ATOM   51  C  C8    . DG  A 1 3  ? -8.307  -0.933  -2.998  1.00 35.45  ?  3   DG  A C8    1 
ATOM   52  N  N7    . DG  A 1 3  ? -7.184  -0.507  -3.509  1.00 32.15  ?  3   DG  A N7    1 
ATOM   53  C  C5    . DG  A 1 3  ? -6.417  -1.654  -3.648  1.00 30.42  ?  3   DG  A C5    1 
ATOM   54  C  C6    . DG  A 1 3  ? -5.118  -1.823  -4.152  1.00 29.38  ?  3   DG  A C6    1 
ATOM   55  O  O6    . DG  A 1 3  ? -4.351  -0.967  -4.592  1.00 28.93  ?  3   DG  A O6    1 
ATOM   56  N  N1    . DG  A 1 3  ? -4.725  -3.156  -4.121  1.00 29.90  ?  3   DG  A N1    1 
ATOM   57  C  C2    . DG  A 1 3  ? -5.486  -4.191  -3.653  1.00 27.74  ?  3   DG  A C2    1 
ATOM   58  N  N2    . DG  A 1 3  ? -4.928  -5.402  -3.692  1.00 30.30  ?  3   DG  A N2    1 
ATOM   59  N  N3    . DG  A 1 3  ? -6.703  -4.049  -3.187  1.00 29.25  ?  3   DG  A N3    1 
ATOM   60  C  C4    . DG  A 1 3  ? -7.105  -2.761  -3.213  1.00 32.27  ?  3   DG  A C4    1 
ATOM   61  P  P     . DG  A 1 4  ? -11.077 -5.754  0.022   1.00 56.61  ?  4   DG  A P     1 
ATOM   62  O  OP1   . DG  A 1 4  ? -11.264 -5.939  -1.424  1.00 68.26  ?  4   DG  A OP1   1 
ATOM   63  O  OP2   . DG  A 1 4  ? -11.881 -6.599  0.926   1.00 64.10  ?  4   DG  A OP2   1 
ATOM   64  O  "O5'" . DG  A 1 4  ? -9.570  -5.988  0.503   1.00 52.48  ?  4   DG  A "O5'" 1 
ATOM   65  C  "C5'" . DG  A 1 4  ? -8.533  -6.320  -0.453  1.00 51.49  ?  4   DG  A "C5'" 1 
ATOM   66  C  "C4'" . DG  A 1 4  ? -7.591  -7.426  -0.016  1.00 47.94  ?  4   DG  A "C4'" 1 
ATOM   67  O  "O4'" . DG  A 1 4  ? -6.281  -7.087  -0.521  1.00 47.03  ?  4   DG  A "O4'" 1 
ATOM   68  C  "C3'" . DG  A 1 4  ? -7.351  -7.690  1.472   1.00 46.07  ?  4   DG  A "C3'" 1 
ATOM   69  O  "O3'" . DG  A 1 4  ? -6.915  -9.073  1.492   1.00 47.76  ?  4   DG  A "O3'" 1 
ATOM   70  C  "C2'" . DG  A 1 4  ? -6.328  -6.623  1.825   1.00 40.55  ?  4   DG  A "C2'" 1 
ATOM   71  C  "C1'" . DG  A 1 4  ? -5.507  -6.497  0.530   1.00 41.69  ?  4   DG  A "C1'" 1 
ATOM   72  N  N9    . DG  A 1 4  ? -5.113  -5.150  0.106   1.00 35.33  ?  4   DG  A N9    1 
ATOM   73  C  C8    . DG  A 1 4  ? -5.837  -3.988  0.217   1.00 33.30  ?  4   DG  A C8    1 
ATOM   74  N  N7    . DG  A 1 4  ? -5.211  -2.946  -0.257  1.00 29.77  ?  4   DG  A N7    1 
ATOM   75  C  C5    . DG  A 1 4  ? -4.004  -3.452  -0.712  1.00 30.78  ?  4   DG  A C5    1 
ATOM   76  C  C6    . DG  A 1 4  ? -2.899  -2.791  -1.292  1.00 33.37  ?  4   DG  A C6    1 
ATOM   77  O  O6    . DG  A 1 4  ? -2.773  -1.586  -1.551  1.00 35.38  ?  4   DG  A O6    1 
ATOM   78  N  N1    . DG  A 1 4  ? -1.863  -3.678  -1.582  1.00 32.69  ?  4   DG  A N1    1 
ATOM   79  C  C2    . DG  A 1 4  ? -1.889  -5.026  -1.332  1.00 31.72  ?  4   DG  A C2    1 
ATOM   80  N  N2    . DG  A 1 4  ? -0.794  -5.714  -1.694  1.00 30.79  ?  4   DG  A N2    1 
ATOM   81  N  N3    . DG  A 1 4  ? -2.909  -5.652  -0.768  1.00 29.62  ?  4   DG  A N3    1 
ATOM   82  C  C4    . DG  A 1 4  ? -3.925  -4.809  -0.489  1.00 30.86  ?  4   DG  A C4    1 
ATOM   83  P  P     . DG  A 1 5  ? -6.006  -9.724  2.678   1.00 47.43  ?  5   DG  A P     1 
ATOM   84  O  OP1   . DG  A 1 5  ? -5.991  -11.199 2.472   1.00 46.48  ?  5   DG  A OP1   1 
ATOM   85  O  OP2   . DG  A 1 5  ? -6.418  -9.144  3.983   1.00 44.83  ?  5   DG  A OP2   1 
ATOM   86  O  "O5'" . DG  A 1 5  ? -4.528  -9.217  2.355   1.00 50.22  ?  5   DG  A "O5'" 1 
ATOM   87  C  "C5'" . DG  A 1 5  ? -3.472  -10.155 2.103   1.00 48.75  ?  5   DG  A "C5'" 1 
ATOM   88  C  "C4'" . DG  A 1 5  ? -2.124  -9.542  2.392   1.00 48.89  ?  5   DG  A "C4'" 1 
ATOM   89  O  "O4'" . DG  A 1 5  ? -2.057  -8.202  1.858   1.00 42.62  ?  5   DG  A "O4'" 1 
ATOM   90  C  "C3'" . DG  A 1 5  ? -1.753  -9.432  3.881   1.00 49.01  ?  5   DG  A "C3'" 1 
ATOM   91  O  "O3'" . DG  A 1 5  ? -0.445  -9.961  4.114   1.00 51.09  ?  5   DG  A "O3'" 1 
ATOM   92  C  "C2'" . DG  A 1 5  ? -1.681  -7.938  4.130   1.00 44.39  ?  5   DG  A "C2'" 1 
ATOM   93  C  "C1'" . DG  A 1 5  ? -1.270  -7.451  2.762   1.00 40.50  ?  5   DG  A "C1'" 1 
ATOM   94  N  N9    . DG  A 1 5  ? -1.501  -6.036  2.505   1.00 37.65  ?  5   DG  A N9    1 
ATOM   95  C  C8    . DG  A 1 5  ? -2.627  -5.295  2.783   1.00 35.90  ?  5   DG  A C8    1 
ATOM   96  N  N7    . DG  A 1 5  ? -2.511  -4.041  2.438   1.00 31.51  ?  5   DG  A N7    1 
ATOM   97  C  C5    . DG  A 1 5  ? -1.238  -3.955  1.890   1.00 30.73  ?  5   DG  A C5    1 
ATOM   98  C  C6    . DG  A 1 5  ? -0.556  -2.851  1.341   1.00 29.05  ?  5   DG  A C6    1 
ATOM   99  O  O6    . DG  A 1 5  ? -0.951  -1.691  1.218   1.00 28.44  ?  5   DG  A O6    1 
ATOM   100 N  N1    . DG  A 1 5  ? 0.706   -3.208  0.878   1.00 29.86  ?  5   DG  A N1    1 
ATOM   101 C  C2    . DG  A 1 5  ? 1.255   -4.462  0.966   1.00 31.23  ?  5   DG  A C2    1 
ATOM   102 N  N2    . DG  A 1 5  ? 2.499   -4.604  0.473   1.00 32.88  ?  5   DG  A N2    1 
ATOM   103 N  N3    . DG  A 1 5  ? 0.628   -5.502  1.484   1.00 27.88  ?  5   DG  A N3    1 
ATOM   104 C  C4    . DG  A 1 5  ? -0.605  -5.178  1.922   1.00 31.34  ?  5   DG  A C4    1 
ATOM   105 P  P     . DT  A 1 6  ? -0.164  -10.879 5.372   1.00 56.06  ?  6   DT  A P     1 
ATOM   106 O  OP1   . DT  A 1 6  ? -1.264  -11.871 5.477   1.00 61.54  ?  6   DT  A OP1   1 
ATOM   107 O  OP2   . DT  A 1 6  ? 0.200   -10.020 6.544   1.00 53.07  ?  6   DT  A OP2   1 
ATOM   108 O  "O5'" . DT  A 1 6  ? 1.103   -11.703 4.894   1.00 60.08  ?  6   DT  A "O5'" 1 
ATOM   109 C  "C5'" . DT  A 1 6  ? 1.115   -12.347 3.618   1.00 62.77  ?  6   DT  A "C5'" 1 
ATOM   110 C  "C4'" . DT  A 1 6  ? 2.438   -13.044 3.422   1.00 65.86  ?  6   DT  A "C4'" 1 
ATOM   111 O  "O4'" . DT  A 1 6  ? 3.372   -12.140 2.786   1.00 67.99  ?  6   DT  A "O4'" 1 
ATOM   112 C  "C3'" . DT  A 1 6  ? 3.095   -13.488 4.727   1.00 69.38  ?  6   DT  A "C3'" 1 
ATOM   113 O  "O3'" . DT  A 1 6  ? 3.765   -14.741 4.551   1.00 76.45  ?  6   DT  A "O3'" 1 
ATOM   114 C  "C2'" . DT  A 1 6  ? 4.043   -12.344 5.039   1.00 71.62  ?  6   DT  A "C2'" 1 
ATOM   115 C  "C1'" . DT  A 1 6  ? 4.463   -11.862 3.654   1.00 72.56  ?  6   DT  A "C1'" 1 
ATOM   116 N  N1    . DT  A 1 6  ? 4.796   -10.414 3.546   1.00 73.33  ?  6   DT  A N1    1 
ATOM   117 C  C2    . DT  A 1 6  ? 3.801   -9.474  3.716   1.00 77.24  ?  6   DT  A C2    1 
ATOM   118 O  O2    . DT  A 1 6  ? 2.640   -9.763  3.946   1.00 86.07  ?  6   DT  A O2    1 
ATOM   119 N  N3    . DT  A 1 6  ? 4.219   -8.171  3.602   1.00 74.69  ?  6   DT  A N3    1 
ATOM   120 C  C4    . DT  A 1 6  ? 5.499   -7.725  3.345   1.00 76.40  ?  6   DT  A C4    1 
ATOM   121 O  O4    . DT  A 1 6  ? 5.722   -6.519  3.266   1.00 83.74  ?  6   DT  A O4    1 
ATOM   122 C  C5    . DT  A 1 6  ? 6.495   -8.764  3.184   1.00 77.62  ?  6   DT  A C5    1 
ATOM   123 C  C7    . DT  A 1 6  ? 7.908   -8.373  2.883   1.00 81.90  ?  6   DT  A C7    1 
ATOM   124 C  C6    . DT  A 1 6  ? 6.097   -10.039 3.290   1.00 72.03  ?  6   DT  A C6    1 
ATOM   125 P  P     . DT  A 1 7  ? 3.954   -15.755 5.784   1.00 71.81  ?  7   DT  A P     1 
ATOM   126 O  OP1   . DT  A 1 7  ? 3.824   -15.004 7.064   1.00 64.80  ?  7   DT  A OP1   1 
ATOM   127 O  OP2   . DT  A 1 7  ? 5.147   -16.592 5.505   1.00 74.45  ?  7   DT  A OP2   1 
ATOM   128 O  "O5'" . DT  A 1 7  ? 2.683   -16.703 5.676   1.00 76.43  ?  7   DT  A "O5'" 1 
ATOM   129 C  "C5'" . DT  A 1 7  ? 2.531   -17.613 4.582   1.00 70.69  ?  7   DT  A "C5'" 1 
ATOM   130 C  "C4'" . DT  A 1 7  ? 1.055   -17.805 4.344   1.00 67.85  ?  7   DT  A "C4'" 1 
ATOM   131 O  "O4'" . DT  A 1 7  ? 0.441   -18.224 5.578   1.00 62.68  ?  7   DT  A "O4'" 1 
ATOM   132 C  "C3'" . DT  A 1 7  ? 0.331   -16.528 3.916   1.00 64.69  ?  7   DT  A "C3'" 1 
ATOM   133 O  "O3'" . DT  A 1 7  ? -0.299  -16.795 2.670   1.00 65.62  ?  7   DT  A "O3'" 1 
ATOM   134 C  "C2'" . DT  A 1 7  ? -0.606  -16.199 5.066   1.00 62.86  ?  7   DT  A "C2'" 1 
ATOM   135 C  "C1'" . DT  A 1 7  ? -0.758  -17.509 5.800   1.00 60.73  ?  7   DT  A "C1'" 1 
ATOM   136 N  N1    . DT  A 1 7  ? -0.939  -17.395 7.258   1.00 57.74  ?  7   DT  A N1    1 
ATOM   137 C  C2    . DT  A 1 7  ? -2.199  -17.570 7.785   1.00 58.49  ?  7   DT  A C2    1 
ATOM   138 O  O2    . DT  A 1 7  ? -3.188  -17.780 7.102   1.00 57.91  ?  7   DT  A O2    1 
ATOM   139 N  N3    . DT  A 1 7  ? -2.263  -17.483 9.153   1.00 60.08  ?  7   DT  A N3    1 
ATOM   140 C  C4    . DT  A 1 7  ? -1.216  -17.242 10.024  1.00 59.75  ?  7   DT  A C4    1 
ATOM   141 O  O4    . DT  A 1 7  ? -1.426  -17.185 11.230  1.00 70.90  ?  7   DT  A O4    1 
ATOM   142 C  C5    . DT  A 1 7  ? 0.077   -17.071 9.402   1.00 56.63  ?  7   DT  A C5    1 
ATOM   143 C  C7    . DT  A 1 7  ? 1.270   -16.805 10.267  1.00 57.06  ?  7   DT  A C7    1 
ATOM   144 C  C6    . DT  A 1 7  ? 0.151   -17.158 8.069   1.00 54.47  ?  7   DT  A C6    1 
ATOM   145 P  P     . DA  A 1 8  ? 0.467   -16.386 1.344   1.00 75.77  ?  8   DA  A P     1 
ATOM   146 O  OP1   . DA  A 1 8  ? -0.261  -16.968 0.195   1.00 70.47  ?  8   DA  A OP1   1 
ATOM   147 O  OP2   . DA  A 1 8  ? 1.914   -16.683 1.526   1.00 70.32  ?  8   DA  A OP2   1 
ATOM   148 O  "O5'" . DA  A 1 8  ? 0.286   -14.806 1.365   1.00 72.71  ?  8   DA  A "O5'" 1 
ATOM   149 C  "C5'" . DA  A 1 8  ? -1.021  -14.217 1.497   1.00 62.35  ?  8   DA  A "C5'" 1 
ATOM   150 C  "C4'" . DA  A 1 8  ? -1.162  -13.161 0.433   1.00 58.40  ?  8   DA  A "C4'" 1 
ATOM   151 O  "O4'" . DA  A 1 8  ? -0.107  -12.183 0.608   1.00 60.46  ?  8   DA  A "O4'" 1 
ATOM   152 C  "C3'" . DA  A 1 8  ? -0.986  -13.738 -0.974  1.00 55.38  ?  8   DA  A "C3'" 1 
ATOM   153 O  "O3'" . DA  A 1 8  ? -2.063  -13.293 -1.801  1.00 52.94  ?  8   DA  A "O3'" 1 
ATOM   154 C  "C2'" . DA  A 1 8  ? 0.427   -13.326 -1.349  1.00 59.00  ?  8   DA  A "C2'" 1 
ATOM   155 C  "C1'" . DA  A 1 8  ? 0.556   -12.005 -0.628  1.00 60.93  ?  8   DA  A "C1'" 1 
ATOM   156 N  N9    . DA  A 1 8  ? 1.924   -11.557 -0.367  1.00 63.58  ?  8   DA  A N9    1 
ATOM   157 C  C8    . DA  A 1 8  ? 3.079   -12.294 -0.254  1.00 64.61  ?  8   DA  A C8    1 
ATOM   158 N  N7    . DA  A 1 8  ? 4.153   -11.564 -0.071  1.00 61.62  ?  8   DA  A N7    1 
ATOM   159 C  C5    . DA  A 1 8  ? 3.679   -10.260 -0.088  1.00 60.85  ?  8   DA  A C5    1 
ATOM   160 C  C6    . DA  A 1 8  ? 4.320   -9.016  0.045   1.00 64.96  ?  8   DA  A C6    1 
ATOM   161 N  N6    . DA  A 1 8  ? 5.634   -8.878  0.237   1.00 69.65  ?  8   DA  A N6    1 
ATOM   162 N  N1    . DA  A 1 8  ? 3.554   -7.904  -0.013  1.00 63.00  ?  8   DA  A N1    1 
ATOM   163 C  C2    . DA  A 1 8  ? 2.236   -8.042  -0.207  1.00 62.68  ?  8   DA  A C2    1 
ATOM   164 N  N3    . DA  A 1 8  ? 1.518   -9.155  -0.352  1.00 62.44  ?  8   DA  A N3    1 
ATOM   165 C  C4    . DA  A 1 8  ? 2.308   -10.241 -0.278  1.00 63.86  ?  8   DA  A C4    1 
ATOM   166 P  P     . DG  A 1 9  ? -2.006  -13.471 -3.394  1.00 53.30  ?  9   DG  A P     1 
ATOM   167 O  OP1   . DG  A 1 9  ? -3.409  -13.545 -3.884  1.00 53.74  ?  9   DG  A OP1   1 
ATOM   168 O  OP2   . DG  A 1 9  ? -1.050  -14.563 -3.726  1.00 46.15  ?  9   DG  A OP2   1 
ATOM   169 O  "O5'" . DG  A 1 9  ? -1.305  -12.109 -3.822  1.00 50.03  ?  9   DG  A "O5'" 1 
ATOM   170 C  "C5'" . DG  A 1 9  ? -1.680  -11.356 -4.974  1.00 50.58  ?  9   DG  A "C5'" 1 
ATOM   171 C  "C4'" . DG  A 1 9  ? -0.430  -10.775 -5.587  1.00 48.28  ?  9   DG  A "C4'" 1 
ATOM   172 O  "O4'" . DG  A 1 9  ? -0.678  -9.418  -6.034  1.00 43.91  ?  9   DG  A "O4'" 1 
ATOM   173 C  "C3'" . DG  A 1 9  ? 0.735   -10.667 -4.611  1.00 48.47  ?  9   DG  A "C3'" 1 
ATOM   174 O  "O3'" . DG  A 1 9  ? 1.940   -10.819 -5.366  1.00 52.49  ?  9   DG  A "O3'" 1 
ATOM   175 C  "C2'" . DG  A 1 9  ? 0.516   -9.287  -4.014  1.00 43.83  ?  9   DG  A "C2'" 1 
ATOM   176 C  "C1'" . DG  A 1 9  ? 0.108   -8.520  -5.264  1.00 40.36  ?  9   DG  A "C1'" 1 
ATOM   177 N  N9    . DG  A 1 9  ? -0.673  -7.307  -5.044  1.00 35.99  ?  9   DG  A N9    1 
ATOM   178 C  C8    . DG  A 1 9  ? -1.925  -7.203  -4.489  1.00 36.05  ?  9   DG  A C8    1 
ATOM   179 N  N7    . DG  A 1 9  ? -2.352  -5.973  -4.417  1.00 33.79  ?  9   DG  A N7    1 
ATOM   180 C  C5    . DG  A 1 9  ? -1.314  -5.219  -4.945  1.00 32.82  ?  9   DG  A C5    1 
ATOM   181 C  C6    . DG  A 1 9  ? -1.192  -3.823  -5.114  1.00 33.77  ?  9   DG  A C6    1 
ATOM   182 O  O6    . DG  A 1 9  ? -2.010  -2.942  -4.838  1.00 38.78  ?  9   DG  A O6    1 
ATOM   183 N  N1    . DG  A 1 9  ? 0.030   -3.478  -5.684  1.00 33.85  ?  9   DG  A N1    1 
ATOM   184 C  C2    . DG  A 1 9  ? 1.008   -4.367  -6.046  1.00 33.16  ?  9   DG  A C2    1 
ATOM   185 N  N2    . DG  A 1 9  ? 2.120   -3.840  -6.572  1.00 34.24  ?  9   DG  A N2    1 
ATOM   186 N  N3    . DG  A 1 9  ? 0.903   -5.676  -5.903  1.00 32.14  ?  9   DG  A N3    1 
ATOM   187 C  C4    . DG  A 1 9  ? -0.270  -6.028  -5.334  1.00 32.52  ?  9   DG  A C4    1 
ATOM   188 P  P     . DG  A 1 10 ? 3.322   -10.699 -4.623  1.00 53.07  ?  10  DG  A P     1 
ATOM   189 O  OP1   . DG  A 1 10 ? 4.398   -11.215 -5.502  1.00 55.43  ?  10  DG  A OP1   1 
ATOM   190 O  OP2   . DG  A 1 10 ? 3.133   -11.200 -3.225  1.00 49.89  ?  10  DG  A OP2   1 
ATOM   191 O  "O5'" . DG  A 1 10 ? 3.588   -9.137  -4.600  1.00 53.43  ?  10  DG  A "O5'" 1 
ATOM   192 C  "C5'" . DG  A 1 10 ? 4.566   -8.631  -3.693  1.00 50.81  ?  10  DG  A "C5'" 1 
ATOM   193 C  "C4'" . DG  A 1 10 ? 5.443   -7.626  -4.399  1.00 46.13  ?  10  DG  A "C4'" 1 
ATOM   194 O  "O4'" . DG  A 1 10 ? 4.650   -6.492  -4.842  1.00 39.86  ?  10  DG  A "O4'" 1 
ATOM   195 C  "C3'" . DG  A 1 10 ? 6.504   -7.064  -3.467  1.00 42.44  ?  10  DG  A "C3'" 1 
ATOM   196 O  "O3'" . DG  A 1 10 ? 7.709   -6.749  -4.173  1.00 45.60  ?  10  DG  A "O3'" 1 
ATOM   197 C  "C2'" . DG  A 1 10 ? 5.804   -5.856  -2.873  1.00 42.04  ?  10  DG  A "C2'" 1 
ATOM   198 C  "C1'" . DG  A 1 10 ? 4.890   -5.373  -3.994  1.00 37.54  ?  10  DG  A "C1'" 1 
ATOM   199 N  N9    . DG  A 1 10 ? 3.606   -4.869  -3.513  1.00 33.52  ?  10  DG  A N9    1 
ATOM   200 C  C8    . DG  A 1 10 ? 2.616   -5.589  -2.889  1.00 31.31  ?  10  DG  A C8    1 
ATOM   201 N  N7    . DG  A 1 10 ? 1.605   -4.854  -2.518  1.00 29.14  ?  10  DG  A N7    1 
ATOM   202 C  C5    . DG  A 1 10 ? 1.958   -3.567  -2.899  1.00 30.43  ?  10  DG  A C5    1 
ATOM   203 C  C6    . DG  A 1 10 ? 1.251   -2.350  -2.771  1.00 31.08  ?  10  DG  A C6    1 
ATOM   204 O  O6    . DG  A 1 10 ? 0.134   -2.157  -2.276  1.00 34.87  ?  10  DG  A O6    1 
ATOM   205 N  N1    . DG  A 1 10 ? 1.978   -1.278  -3.278  1.00 28.54  ?  10  DG  A N1    1 
ATOM   206 C  C2    . DG  A 1 10 ? 3.230   -1.367  -3.820  1.00 27.09  ?  10  DG  A C2    1 
ATOM   207 N  N2    . DG  A 1 10 ? 3.766   -0.219  -4.252  1.00 25.55  ?  10  DG  A N2    1 
ATOM   208 N  N3    . DG  A 1 10 ? 3.899   -2.499  -3.953  1.00 28.18  ?  10  DG  A N3    1 
ATOM   209 C  C4    . DG  A 1 10 ? 3.196   -3.555  -3.498  1.00 30.09  ?  10  DG  A C4    1 
ATOM   210 P  P     . DG  A 1 11 ? 9.032   -6.340  -3.357  1.00 50.10  ?  11  DG  A P     1 
ATOM   211 O  OP1   . DG  A 1 11 ? 10.185  -6.448  -4.282  1.00 51.36  ?  11  DG  A OP1   1 
ATOM   212 O  OP2   . DG  A 1 11 ? 9.021   -7.059  -2.052  1.00 39.17  ?  11  DG  A OP2   1 
ATOM   213 O  "O5'" . DG  A 1 11 ? 8.792   -4.810  -2.987  1.00 51.15  ?  11  DG  A "O5'" 1 
ATOM   214 C  "C5'" . DG  A 1 11 ? 9.081   -3.741  -3.897  1.00 49.34  ?  11  DG  A "C5'" 1 
ATOM   215 C  "C4'" . DG  A 1 11 ? 9.038   -2.427  -3.152  1.00 48.55  ?  11  DG  A "C4'" 1 
ATOM   216 O  "O4'" . DG  A 1 11 ? 7.659   -2.070  -2.889  1.00 42.44  ?  11  DG  A "O4'" 1 
ATOM   217 C  "C3'" . DG  A 1 11 ? 9.747   -2.414  -1.787  1.00 48.56  ?  11  DG  A "C3'" 1 
ATOM   218 O  "O3'" . DG  A 1 11 ? 10.476  -1.194  -1.613  1.00 59.25  ?  11  DG  A "O3'" 1 
ATOM   219 C  "C2'" . DG  A 1 11 ? 8.601   -2.424  -0.796  1.00 42.21  ?  11  DG  A "C2'" 1 
ATOM   220 C  "C1'" . DG  A 1 11 ? 7.571   -1.610  -1.551  1.00 38.97  ?  11  DG  A "C1'" 1 
ATOM   221 N  N9    . DG  A 1 11 ? 6.187   -1.755  -1.111  1.00 32.08  ?  11  DG  A N9    1 
ATOM   222 C  C8    . DG  A 1 11 ? 5.564   -2.911  -0.710  1.00 31.21  ?  11  DG  A C8    1 
ATOM   223 N  N7    . DG  A 1 11 ? 4.310   -2.736  -0.400  1.00 28.32  ?  11  DG  A N7    1 
ATOM   224 C  C5    . DG  A 1 11 ? 4.095   -1.380  -0.599  1.00 26.76  ?  11  DG  A C5    1 
ATOM   225 C  C6    . DG  A 1 11 ? 2.933   -0.606  -0.415  1.00 25.50  ?  11  DG  A C6    1 
ATOM   226 O  O6    . DG  A 1 11 ? 1.813   -0.976  -0.045  1.00 25.67  ?  11  DG  A O6    1 
ATOM   227 N  N1    . DG  A 1 11 ? 3.148   0.726   -0.740  1.00 26.85  ?  11  DG  A N1    1 
ATOM   228 C  C2    . DG  A 1 11 ? 4.331   1.248   -1.181  1.00 26.46  ?  11  DG  A C2    1 
ATOM   229 N  N2    . DG  A 1 11 ? 4.327   2.559   -1.448  1.00 27.20  ?  11  DG  A N2    1 
ATOM   230 N  N3    . DG  A 1 11 ? 5.426   0.534   -1.365  1.00 26.27  ?  11  DG  A N3    1 
ATOM   231 C  C4    . DG  A 1 11 ? 5.240   -0.763  -1.045  1.00 27.07  ?  11  DG  A C4    1 
ATOM   232 P  P     . DT  A 1 12 ? 11.859  -1.144  -0.793  1.00 74.10  ?  12  DT  A P     1 
ATOM   233 O  OP1   . DT  A 1 12 ? 12.699  -2.296  -1.219  1.00 71.36  ?  12  DT  A OP1   1 
ATOM   234 O  OP2   . DT  A 1 12 ? 11.544  -0.970  0.660   1.00 66.57  ?  12  DT  A OP2   1 
ATOM   235 O  "O5'" . DT  A 1 12 ? 12.535  0.190   -1.350  1.00 86.26  ?  12  DT  A "O5'" 1 
ATOM   236 C  "C5'" . DT  A 1 12 ? 12.939  0.323   -2.735  1.00 91.62  ?  12  DT  A "C5'" 1 
ATOM   237 C  "C4'" . DT  A 1 12 ? 13.262  1.764   -3.067  1.00 99.29  ?  12  DT  A "C4'" 1 
ATOM   238 O  "O4'" . DT  A 1 12 ? 12.076  2.586   -2.917  1.00 98.31  ?  12  DT  A "O4'" 1 
ATOM   239 C  "C3'" . DT  A 1 12 ? 14.340  2.414   -2.188  1.00 102.06 ?  12  DT  A "C3'" 1 
ATOM   240 O  "O3'" . DT  A 1 12 ? 15.187  3.313   -2.926  1.00 102.19 ?  12  DT  A "O3'" 1 
ATOM   241 C  "C2'" . DT  A 1 12 ? 13.531  3.249   -1.216  1.00 102.80 ?  12  DT  A "C2'" 1 
ATOM   242 C  "C1'" . DT  A 1 12 ? 12.393  3.711   -2.110  1.00 100.04 ?  12  DT  A "C1'" 1 
ATOM   243 N  N1    . DT  A 1 12 ? 11.175  4.121   -1.380  1.00 94.02  ?  12  DT  A N1    1 
ATOM   244 C  C2    . DT  A 1 12 ? 10.937  5.467   -1.182  1.00 93.28  ?  12  DT  A C2    1 
ATOM   245 O  O2    . DT  A 1 12 ? 11.671  6.346   -1.602  1.00 91.48  ?  12  DT  A O2    1 
ATOM   246 N  N3    . DT  A 1 12 ? 9.794   5.747   -0.473  1.00 88.69  ?  12  DT  A N3    1 
ATOM   247 C  C4    . DT  A 1 12 ? 8.895   4.839   0.054   1.00 87.53  ?  12  DT  A C4    1 
ATOM   248 O  O4    . DT  A 1 12 ? 7.915   5.240   0.669   1.00 89.89  ?  12  DT  A O4    1 
ATOM   249 C  C5    . DT  A 1 12 ? 9.216   3.446   -0.179  1.00 87.09  ?  12  DT  A C5    1 
ATOM   250 C  C7    . DT  A 1 12 ? 8.301   2.391   0.351   1.00 85.51  ?  12  DT  A C7    1 
ATOM   251 C  C6    . DT  A 1 12 ? 10.327  3.162   -0.868  1.00 87.84  ?  12  DT  A C6    1 
ATOM   252 P  P     . DT  A 1 13 ? 16.790  3.267   -2.776  1.00 91.85  ?  13  DT  A P     1 
ATOM   253 O  OP1   . DT  A 1 13 ? 17.112  2.612   -1.483  1.00 84.90  ?  13  DT  A OP1   1 
ATOM   254 O  OP2   . DT  A 1 13 ? 17.311  4.633   -3.046  1.00 88.15  ?  13  DT  A OP2   1 
ATOM   255 O  "O5'" . DT  A 1 13 ? 17.219  2.353   -4.015  1.00 101.82 ?  13  DT  A "O5'" 1 
ATOM   256 C  "C5'" . DT  A 1 13 ? 18.360  1.466   -3.980  1.00 101.97 ?  13  DT  A "C5'" 1 
ATOM   257 C  "C4'" . DT  A 1 13 ? 18.001  0.070   -4.440  1.00 101.33 ?  13  DT  A "C4'" 1 
ATOM   258 O  "O4'" . DT  A 1 13 ? 18.920  -0.868  -3.829  1.00 101.82 ?  13  DT  A "O4'" 1 
ATOM   259 C  "C3'" . DT  A 1 13 ? 16.586  -0.429  -4.113  1.00 99.26  ?  13  DT  A "C3'" 1 
ATOM   260 O  "O3'" . DT  A 1 13 ? 15.961  -1.113  -5.217  1.00 96.77  ?  13  DT  A "O3'" 1 
ATOM   261 C  "C2'" . DT  A 1 13 ? 16.788  -1.356  -2.922  1.00 101.26 ?  13  DT  A "C2'" 1 
ATOM   262 C  "C1'" . DT  A 1 13 ? 18.234  -1.836  -3.050  1.00 103.78 ?  13  DT  A "C1'" 1 
ATOM   263 N  N1    . DT  A 1 13 ? 19.005  -2.041  -1.787  1.00 109.57 ?  13  DT  A N1    1 
ATOM   264 C  C2    . DT  A 1 13 ? 19.114  -1.009  -0.875  1.00 102.85 ?  13  DT  A C2    1 
ATOM   265 O  O2    . DT  A 1 13 ? 18.587  0.079   -1.030  1.00 91.56  ?  13  DT  A O2    1 
ATOM   266 N  N3    . DT  A 1 13 ? 19.861  -1.307  0.241   1.00 105.31 ?  13  DT  A N3    1 
ATOM   267 C  C4    . DT  A 1 13 ? 20.509  -2.498  0.522   1.00 113.57 ?  13  DT  A C4    1 
ATOM   268 O  O4    . DT  A 1 13 ? 21.152  -2.614  1.563   1.00 112.37 ?  13  DT  A O4    1 
ATOM   269 C  C5    . DT  A 1 13 ? 20.363  -3.532  -0.483  1.00 120.51 ?  13  DT  A C5    1 
ATOM   270 C  C7    . DT  A 1 13 ? 21.029  -4.854  -0.265  1.00 115.59 ?  13  DT  A C7    1 
ATOM   271 C  C6    . DT  A 1 13 ? 19.633  -3.253  -1.574  1.00 119.59 ?  13  DT  A C6    1 
ATOM   272 P  P     . DA  A 1 14 ? 15.310  -0.299  -6.479  1.00 104.06 ?  14  DA  A P     1 
ATOM   273 O  OP1   . DA  A 1 14 ? 15.528  -1.117  -7.706  1.00 91.45  ?  14  DA  A OP1   1 
ATOM   274 O  OP2   . DA  A 1 14 ? 15.787  1.112   -6.439  1.00 100.44 ?  14  DA  A OP2   1 
ATOM   275 O  "O5'" . DA  A 1 14 ? 13.743  -0.251  -6.159  1.00 102.25 ?  14  DA  A "O5'" 1 
ATOM   276 C  "C5'" . DA  A 1 14 ? 12.889  -1.399  -6.383  1.00 91.02  ?  14  DA  A "C5'" 1 
ATOM   277 C  "C4'" . DA  A 1 14 ? 11.447  -1.013  -6.630  1.00 81.07  ?  14  DA  A "C4'" 1 
ATOM   278 O  "O4'" . DA  A 1 14 ? 11.011  0.078   -5.786  1.00 75.54  ?  14  DA  A "O4'" 1 
ATOM   279 C  "C3'" . DA  A 1 14 ? 11.134  -0.575  -8.064  1.00 79.20  ?  14  DA  A "C3'" 1 
ATOM   280 O  "O3'" . DA  A 1 14 ? 10.016  -1.316  -8.554  1.00 75.89  ?  14  DA  A "O3'" 1 
ATOM   281 C  "C2'" . DA  A 1 14 ? 10.765  0.890   -7.923  1.00 77.51  ?  14  DA  A "C2'" 1 
ATOM   282 C  "C1'" . DA  A 1 14 ? 10.116  0.845   -6.566  1.00 78.86  ?  14  DA  A "C1'" 1 
ATOM   283 N  N9    . DA  A 1 14 ? 9.898   2.127   -5.899  1.00 86.94  ?  14  DA  A N9    1 
ATOM   284 C  C8    . DA  A 1 14 ? 10.644  3.279   -5.971  1.00 92.37  ?  14  DA  A C8    1 
ATOM   285 N  N7    . DA  A 1 14 ? 10.161  4.266   -5.255  1.00 92.10  ?  14  DA  A N7    1 
ATOM   286 C  C5    . DA  A 1 14 ? 9.023   3.728   -4.671  1.00 88.42  ?  14  DA  A C5    1 
ATOM   287 C  C6    . DA  A 1 14 ? 8.063   4.266   -3.791  1.00 90.34  ?  14  DA  A C6    1 
ATOM   288 N  N6    . DA  A 1 14 ? 8.097   5.519   -3.331  1.00 93.60  ?  14  DA  A N6    1 
ATOM   289 N  N1    . DA  A 1 14 ? 7.045   3.464   -3.405  1.00 85.03  ?  14  DA  A N1    1 
ATOM   290 C  C2    . DA  A 1 14 ? 7.004   2.209   -3.872  1.00 81.08  ?  14  DA  A C2    1 
ATOM   291 N  N3    . DA  A 1 14 ? 7.847   1.590   -4.696  1.00 86.61  ?  14  DA  A N3    1 
ATOM   292 C  C4    . DA  A 1 14 ? 8.841   2.417   -5.070  1.00 90.24  ?  14  DA  A C4    1 
ATOM   293 P  P     . DG  A 1 15 ? 9.681   -1.306  -10.113 1.00 79.28  ?  15  DG  A P     1 
ATOM   294 O  OP1   . DG  A 1 15 ? 9.101   -2.622  -10.478 1.00 84.66  ?  15  DG  A OP1   1 
ATOM   295 O  OP2   . DG  A 1 15 ? 10.839  -0.753  -10.851 1.00 83.43  ?  15  DG  A OP2   1 
ATOM   296 O  "O5'" . DG  A 1 15 ? 8.565   -0.187  -10.242 1.00 68.39  ?  15  DG  A "O5'" 1 
ATOM   297 C  "C5'" . DG  A 1 15 ? 7.273   -0.371  -9.660  1.00 56.54  ?  15  DG  A "C5'" 1 
ATOM   298 C  "C4'" . DG  A 1 15 ? 6.567   0.958   -9.724  1.00 49.90  ?  15  DG  A "C4'" 1 
ATOM   299 O  "O4'" . DG  A 1 15 ? 5.132   0.812   -9.623  1.00 41.27  ?  15  DG  A "O4'" 1 
ATOM   300 C  "C3'" . DG  A 1 15 ? 6.968   1.943   -8.635  1.00 45.25  ?  15  DG  A "C3'" 1 
ATOM   301 O  "O3'" . DG  A 1 15 ? 6.937   3.174   -9.347  1.00 50.29  ?  15  DG  A "O3'" 1 
ATOM   302 C  "C2'" . DG  A 1 15 ? 5.882   1.744   -7.595  1.00 40.53  ?  15  DG  A "C2'" 1 
ATOM   303 C  "C1'" . DG  A 1 15 ? 4.670   1.489   -8.469  1.00 39.23  ?  15  DG  A "C1'" 1 
ATOM   304 N  N9    . DG  A 1 15 ? 3.630   0.669   -7.871  1.00 36.94  ?  15  DG  A N9    1 
ATOM   305 C  C8    . DG  A 1 15 ? 3.662   -0.680  -7.599  1.00 36.16  ?  15  DG  A C8    1 
ATOM   306 N  N7    . DG  A 1 15 ? 2.545   -1.125  -7.094  1.00 32.68  ?  15  DG  A N7    1 
ATOM   307 C  C5    . DG  A 1 15 ? 1.722   -0.010  -7.049  1.00 33.55  ?  15  DG  A C5    1 
ATOM   308 C  C6    . DG  A 1 15 ? 0.402   0.130   -6.587  1.00 33.42  ?  15  DG  A C6    1 
ATOM   309 O  O6    . DG  A 1 15 ? -0.346  -0.738  -6.130  1.00 34.76  ?  15  DG  A O6    1 
ATOM   310 N  N1    . DG  A 1 15 ? -0.050  1.439   -6.715  1.00 34.19  ?  15  DG  A N1    1 
ATOM   311 C  C2    . DG  A 1 15 ? 0.692   2.488   -7.199  1.00 31.75  ?  15  DG  A C2    1 
ATOM   312 N  N2    . DG  A 1 15 ? 0.085   3.680   -7.237  1.00 31.84  ?  15  DG  A N2    1 
ATOM   313 N  N3    . DG  A 1 15 ? 1.924   2.368   -7.640  1.00 30.50  ?  15  DG  A N3    1 
ATOM   314 C  C4    . DG  A 1 15 ? 2.376   1.102   -7.534  1.00 33.91  ?  15  DG  A C4    1 
ATOM   315 P  P     . DG  A 1 16 ? 7.379   4.522   -8.676  1.00 55.01  ?  16  DG  A P     1 
ATOM   316 O  OP1   . DG  A 1 16 ? 7.549   5.517   -9.778  1.00 49.65  ?  16  DG  A OP1   1 
ATOM   317 O  OP2   . DG  A 1 16 ? 8.511   4.219   -7.760  1.00 54.61  ?  16  DG  A OP2   1 
ATOM   318 O  "O5'" . DG  A 1 16 ? 6.089   4.947   -7.836  1.00 47.04  ?  16  DG  A "O5'" 1 
ATOM   319 C  "C5'" . DG  A 1 16 ? 5.629   6.300   -7.940  1.00 48.39  ?  16  DG  A "C5'" 1 
ATOM   320 C  "C4'" . DG  A 1 16 ? 4.521   6.615   -6.962  1.00 46.59  ?  16  DG  A "C4'" 1 
ATOM   321 O  "O4'" . DG  A 1 16 ? 3.777   5.439   -6.581  1.00 43.07  ?  16  DG  A "O4'" 1 
ATOM   322 C  "C3'" . DG  A 1 16 ? 4.945   7.311   -5.655  1.00 43.82  ?  16  DG  A "C3'" 1 
ATOM   323 O  "O3'" . DG  A 1 16 ? 4.403   8.641   -5.764  1.00 45.99  ?  16  DG  A "O3'" 1 
ATOM   324 C  "C2'" . DG  A 1 16 ? 4.357   6.426   -4.560  1.00 41.56  ?  16  DG  A "C2'" 1 
ATOM   325 C  "C1'" . DG  A 1 16 ? 3.238   5.691   -5.295  1.00 40.04  ?  16  DG  A "C1'" 1 
ATOM   326 N  N9    . DG  A 1 16 ? 2.781   4.414   -4.749  1.00 34.00  ?  16  DG  A N9    1 
ATOM   327 C  C8    . DG  A 1 16 ? 3.485   3.236   -4.740  1.00 31.51  ?  16  DG  A C8    1 
ATOM   328 N  N7    . DG  A 1 16 ? 2.811   2.242   -4.235  1.00 30.11  ?  16  DG  A N7    1 
ATOM   329 C  C5    . DG  A 1 16 ? 1.574   2.786   -3.928  1.00 31.42  ?  16  DG  A C5    1 
ATOM   330 C  C6    . DG  A 1 16 ? 0.425   2.185   -3.360  1.00 31.77  ?  16  DG  A C6    1 
ATOM   331 O  O6    . DG  A 1 16 ? 0.271   1.014   -2.999  1.00 35.68  ?  16  DG  A O6    1 
ATOM   332 N  N1    . DG  A 1 16 ? -0.603  3.107   -3.185  1.00 30.11  ?  16  DG  A N1    1 
ATOM   333 C  C2    . DG  A 1 16 ? -0.541  4.430   -3.535  1.00 28.79  ?  16  DG  A C2    1 
ATOM   334 N  N2    . DG  A 1 16 ? -1.647  5.155   -3.303  1.00 27.95  ?  16  DG  A N2    1 
ATOM   335 N  N3    . DG  A 1 16 ? 0.529   5.004   -4.062  1.00 29.30  ?  16  DG  A N3    1 
ATOM   336 C  C4    . DG  A 1 16 ? 1.542   4.128   -4.231  1.00 30.96  ?  16  DG  A C4    1 
ATOM   337 P  P     . DG  A 1 17 ? 4.647   9.763   -4.647  1.00 49.60  ?  17  DG  A P     1 
ATOM   338 O  OP1   . DG  A 1 17 ? 4.394   11.086  -5.288  1.00 48.65  ?  17  DG  A OP1   1 
ATOM   339 O  OP2   . DG  A 1 17 ? 5.935   9.487   -3.962  1.00 41.95  ?  17  DG  A OP2   1 
ATOM   340 O  "O5'" . DG  A 1 17 ? 3.518   9.459   -3.563  1.00 47.86  ?  17  DG  A "O5'" 1 
ATOM   341 C  "C5'" . DG  A 1 17 ? 2.198   9.996   -3.682  1.00 46.94  ?  17  DG  A "C5'" 1 
ATOM   342 C  "C4'" . DG  A 1 17 ? 1.433   9.768   -2.401  1.00 46.32  ?  17  DG  A "C4'" 1 
ATOM   343 O  "O4'" . DG  A 1 17 ? 1.171   8.354   -2.254  1.00 42.66  ?  17  DG  A "O4'" 1 
ATOM   344 C  "C3'" . DG  A 1 17 ? 2.150   10.196  -1.115  1.00 46.08  ?  17  DG  A "C3'" 1 
ATOM   345 O  "O3'" . DG  A 1 17 ? 1.191   10.790  -0.227  1.00 50.21  ?  17  DG  A "O3'" 1 
ATOM   346 C  "C2'" . DG  A 1 17 ? 2.644   8.881   -0.542  1.00 42.88  ?  17  DG  A "C2'" 1 
ATOM   347 C  "C1'" . DG  A 1 17 ? 1.473   8.000   -0.917  1.00 39.02  ?  17  DG  A "C1'" 1 
ATOM   348 N  N9    . DG  A 1 17 ? 1.645   6.552   -0.860  1.00 34.55  ?  17  DG  A N9    1 
ATOM   349 C  C8    . DG  A 1 17 ? 2.729   5.797   -1.242  1.00 32.63  ?  17  DG  A C8    1 
ATOM   350 N  N7    . DG  A 1 17 ? 2.543   4.515   -1.081  1.00 29.60  ?  17  DG  A N7    1 
ATOM   351 C  C5    . DG  A 1 17 ? 1.248   4.419   -0.591  1.00 30.80  ?  17  DG  A C5    1 
ATOM   352 C  C6    . DG  A 1 17 ? 0.487   3.282   -0.224  1.00 31.61  ?  17  DG  A C6    1 
ATOM   353 O  O6    . DG  A 1 17 ? 0.812   2.091   -0.269  1.00 32.27  ?  17  DG  A O6    1 
ATOM   354 N  N1    . DG  A 1 17 ? -0.785  3.636   0.220   1.00 32.14  ?  17  DG  A N1    1 
ATOM   355 C  C2    . DG  A 1 17 ? -1.250  4.923   0.334   1.00 31.62  ?  17  DG  A C2    1 
ATOM   356 N  N2    . DG  A 1 17 ? -2.499  5.063   0.806   1.00 32.21  ?  17  DG  A N2    1 
ATOM   357 N  N3    . DG  A 1 17 ? -0.551  5.990   -0.005  1.00 28.79  ?  17  DG  A N3    1 
ATOM   358 C  C4    . DG  A 1 17 ? 0.678   5.667   -0.460  1.00 30.38  ?  17  DG  A C4    1 
ATOM   359 P  P     . DT  A 1 18 ? 1.591   12.051  0.675   1.00 60.33  ?  18  DT  A P     1 
ATOM   360 O  OP1   . DT  A 1 18 ? 2.329   13.010  -0.195  1.00 64.65  ?  18  DT  A OP1   1 
ATOM   361 O  OP2   . DT  A 1 18 ? 2.216   11.557  1.945   1.00 60.29  ?  18  DT  A OP2   1 
ATOM   362 O  "O5'" . DT  A 1 18 ? 0.182   12.673  1.089   1.00 61.82  ?  18  DT  A "O5'" 1 
ATOM   363 C  "C5'" . DT  A 1 18 ? -0.542  13.563  0.225   1.00 63.65  ?  18  DT  A "C5'" 1 
ATOM   364 C  "C4'" . DT  A 1 18 ? -1.758  14.091  0.947   1.00 64.82  ?  18  DT  A "C4'" 1 
ATOM   365 O  "O4'" . DT  A 1 18 ? -2.651  12.998  1.284   1.00 63.31  ?  18  DT  A "O4'" 1 
ATOM   366 C  "C3'" . DT  A 1 18 ? -1.451  14.812  2.261   1.00 66.81  ?  18  DT  A "C3'" 1 
ATOM   367 O  "O3'" . DT  A 1 18 ? -2.329  15.931  2.445   1.00 77.14  ?  18  DT  A "O3'" 1 
ATOM   368 C  "C2'" . DT  A 1 18 ? -1.789  13.779  3.315   1.00 66.14  ?  18  DT  A "C2'" 1 
ATOM   369 C  "C1'" . DT  A 1 18 ? -2.958  13.053  2.673   1.00 66.25  ?  18  DT  A "C1'" 1 
ATOM   370 N  N1    . DT  A 1 18 ? -3.196  11.669  3.159   1.00 62.89  ?  18  DT  A N1    1 
ATOM   371 C  C2    . DT  A 1 18 ? -2.238  10.709  2.919   1.00 64.65  ?  18  DT  A C2    1 
ATOM   372 O  O2    . DT  A 1 18 ? -1.201  10.939  2.321   1.00 65.89  ?  18  DT  A O2    1 
ATOM   373 N  N3    . DT  A 1 18 ? -2.539  9.462   3.408   1.00 63.61  ?  18  DT  A N3    1 
ATOM   374 C  C4    . DT  A 1 18 ? -3.666  9.091   4.113   1.00 67.56  ?  18  DT  A C4    1 
ATOM   375 O  O4    . DT  A 1 18 ? -3.803  7.925   4.475   1.00 72.24  ?  18  DT  A O4    1 
ATOM   376 C  C5    . DT  A 1 18 ? -4.630  10.150  4.336   1.00 66.28  ?  18  DT  A C5    1 
ATOM   377 C  C7    . DT  A 1 18 ? -5.899  9.836   5.064   1.00 68.67  ?  18  DT  A C7    1 
ATOM   378 C  C6    . DT  A 1 18 ? -4.351  11.368  3.852   1.00 61.76  ?  18  DT  A C6    1 
ATOM   379 P  P     . DT  A 1 19 ? -1.761  17.429  2.509   1.00 70.89  ?  19  DT  A P     1 
ATOM   380 O  OP1   . DT  A 1 19 ? -0.749  17.487  3.596   1.00 69.49  ?  19  DT  A OP1   1 
ATOM   381 O  OP2   . DT  A 1 19 ? -2.922  18.360  2.514   1.00 77.14  ?  19  DT  A OP2   1 
ATOM   382 O  "O5'" . DT  A 1 19 ? -1.039  17.586  1.101   1.00 70.53  ?  19  DT  A "O5'" 1 
ATOM   383 C  "C5'" . DT  A 1 19 ? -1.270  18.717  0.255   1.00 68.38  ?  19  DT  A "C5'" 1 
ATOM   384 C  "C4'" . DT  A 1 19 ? -0.508  18.550  -1.038  1.00 67.59  ?  19  DT  A "C4'" 1 
ATOM   385 O  "O4'" . DT  A 1 19 ? 0.772   19.210  -0.943  1.00 67.14  ?  19  DT  A "O4'" 1 
ATOM   386 C  "C3'" . DT  A 1 19 ? -0.184  17.110  -1.419  1.00 66.89  ?  19  DT  A "C3'" 1 
ATOM   387 O  "O3'" . DT  A 1 19 ? -0.191  17.006  -2.843  1.00 67.87  ?  19  DT  A "O3'" 1 
ATOM   388 C  "C2'" . DT  A 1 19 ? 1.192   16.891  -0.815  1.00 67.67  ?  19  DT  A "C2'" 1 
ATOM   389 C  "C1'" . DT  A 1 19 ? 1.833   18.267  -0.881  1.00 65.75  ?  19  DT  A "C1'" 1 
ATOM   390 N  N1    . DT  A 1 19 ? 2.686   18.630  0.276   1.00 67.72  ?  19  DT  A N1    1 
ATOM   391 C  C2    . DT  A 1 19 ? 4.016   18.923  0.051   1.00 65.93  ?  19  DT  A C2    1 
ATOM   392 O  O2    . DT  A 1 19 ? 4.539   18.867  -1.052  1.00 63.30  ?  19  DT  A O2    1 
ATOM   393 N  N3    . DT  A 1 19 ? 4.720   19.277  1.177   1.00 64.10  ?  19  DT  A N3    1 
ATOM   394 C  C4    . DT  A 1 19 ? 4.234   19.387  2.467   1.00 63.27  ?  19  DT  A C4    1 
ATOM   395 O  O4    . DT  A 1 19 ? 4.986   19.732  3.376   1.00 65.48  ?  19  DT  A O4    1 
ATOM   396 C  C5    . DT  A 1 19 ? 2.830   19.075  2.627   1.00 62.81  ?  19  DT  A C5    1 
ATOM   397 C  C7    . DT  A 1 19 ? 2.218   19.160  3.991   1.00 64.36  ?  19  DT  A C7    1 
ATOM   398 C  C6    . DT  A 1 19 ? 2.136   18.723  1.538   1.00 61.75  ?  19  DT  A C6    1 
ATOM   399 P  P     . DA  A 1 20 ? -1.428  16.306  -3.578  1.00 68.39  ?  20  DA  A P     1 
ATOM   400 O  OP1   . DA  A 1 20 ? -1.233  16.458  -5.043  1.00 64.11  ?  20  DA  A OP1   1 
ATOM   401 O  OP2   . DA  A 1 20 ? -2.688  16.796  -2.953  1.00 64.83  ?  20  DA  A OP2   1 
ATOM   402 O  "O5'" . DA  A 1 20 ? -1.251  14.787  -3.131  1.00 72.45  ?  20  DA  A "O5'" 1 
ATOM   403 C  "C5'" . DA  A 1 20 ? -0.167  13.966  -3.620  1.00 67.52  ?  20  DA  A "C5'" 1 
ATOM   404 C  "C4'" . DA  A 1 20 ? -0.732  12.679  -4.168  1.00 62.90  ?  20  DA  A "C4'" 1 
ATOM   405 O  "O4'" . DA  A 1 20 ? -1.270  11.911  -3.064  1.00 64.40  ?  20  DA  A "O4'" 1 
ATOM   406 C  "C3'" . DA  A 1 20 ? -1.897  12.882  -5.140  1.00 57.29  ?  20  DA  A "C3'" 1 
ATOM   407 O  "O3'" . DA  A 1 20 ? -1.841  11.994  -6.255  1.00 55.24  ?  20  DA  A "O3'" 1 
ATOM   408 C  "C2'" . DA  A 1 20 ? -3.116  12.595  -4.286  1.00 58.41  ?  20  DA  A "C2'" 1 
ATOM   409 C  "C1'" . DA  A 1 20 ? -2.579  11.502  -3.400  1.00 56.78  ?  20  DA  A "C1'" 1 
ATOM   410 N  N9    . DA  A 1 20 ? -3.317  11.261  -2.165  1.00 55.84  ?  20  DA  A N9    1 
ATOM   411 C  C8    . DA  A 1 20 ? -4.142  12.100  -1.455  1.00 57.27  ?  20  DA  A C8    1 
ATOM   412 N  N7    . DA  A 1 20 ? -4.678  11.541  -0.398  1.00 56.56  ?  20  DA  A N7    1 
ATOM   413 C  C5    . DA  A 1 20 ? -4.176  10.248  -0.413  1.00 55.84  ?  20  DA  A C5    1 
ATOM   414 C  C6    . DA  A 1 20 ? -4.367  9.149   0.440   1.00 59.02  ?  20  DA  A C6    1 
ATOM   415 N  N6    . DA  A 1 20 ? -5.154  9.177   1.516   1.00 62.39  ?  20  DA  A N6    1 
ATOM   416 N  N1    . DA  A 1 20 ? -3.716  8.000   0.142   1.00 52.16  ?  20  DA  A N1    1 
ATOM   417 C  C2    . DA  A 1 20 ? -2.938  7.969   -0.947  1.00 50.22  ?  20  DA  A C2    1 
ATOM   418 N  N3    . DA  A 1 20 ? -2.682  8.934   -1.827  1.00 51.30  ?  20  DA  A N3    1 
ATOM   419 C  C4    . DA  A 1 20 ? -3.339  10.062  -1.498  1.00 55.77  ?  20  DA  A C4    1 
ATOM   420 P  P     . DG  A 1 21 ? -2.876  12.181  -7.461  1.00 53.53  ?  21  DG  A P     1 
ATOM   421 O  OP1   . DG  A 1 21 ? -2.217  11.743  -8.723  1.00 54.61  ?  21  DG  A OP1   1 
ATOM   422 O  OP2   . DG  A 1 21 ? -3.489  13.527  -7.371  1.00 58.69  ?  21  DG  A OP2   1 
ATOM   423 O  "O5'" . DG  A 1 21 ? -4.014  11.143  -7.095  1.00 54.54  ?  21  DG  A "O5'" 1 
ATOM   424 C  "C5'" . DG  A 1 21 ? -3.862  9.780   -7.505  1.00 54.47  ?  21  DG  A "C5'" 1 
ATOM   425 C  "C4'" . DG  A 1 21 ? -5.026  8.994   -6.967  1.00 49.01  ?  21  DG  A "C4'" 1 
ATOM   426 O  "O4'" . DG  A 1 21 ? -4.784  7.580   -7.144  1.00 46.53  ?  21  DG  A "O4'" 1 
ATOM   427 C  "C3'" . DG  A 1 21 ? -5.232  9.205   -5.471  1.00 46.51  ?  21  DG  A "C3'" 1 
ATOM   428 O  "O3'" . DG  A 1 21 ? -6.636  9.240   -5.300  1.00 49.91  ?  21  DG  A "O3'" 1 
ATOM   429 C  "C2'" . DG  A 1 21 ? -4.565  7.989   -4.851  1.00 44.51  ?  21  DG  A "C2'" 1 
ATOM   430 C  "C1'" . DG  A 1 21 ? -4.899  6.933   -5.886  1.00 43.01  ?  21  DG  A "C1'" 1 
ATOM   431 N  N9    . DG  A 1 21 ? -4.060  5.737   -5.912  1.00 38.83  ?  21  DG  A N9    1 
ATOM   432 C  C8    . DG  A 1 21 ? -2.777  5.613   -6.389  1.00 37.52  ?  21  DG  A C8    1 
ATOM   433 N  N7    . DG  A 1 21 ? -2.312  4.396   -6.295  1.00 34.79  ?  21  DG  A N7    1 
ATOM   434 C  C5    . DG  A 1 21 ? -3.356  3.673   -5.733  1.00 35.02  ?  21  DG  A C5    1 
ATOM   435 C  C6    . DG  A 1 21 ? -3.451  2.297   -5.406  1.00 33.33  ?  21  DG  A C6    1 
ATOM   436 O  O6    . DG  A 1 21 ? -2.602  1.409   -5.555  1.00 33.60  ?  21  DG  A O6    1 
ATOM   437 N  N1    . DG  A 1 21 ? -4.689  1.985   -4.859  1.00 33.63  ?  21  DG  A N1    1 
ATOM   438 C  C2    . DG  A 1 21 ? -5.717  2.872   -4.672  1.00 33.59  ?  21  DG  A C2    1 
ATOM   439 N  N2    . DG  A 1 21 ? -6.843  2.371   -4.143  1.00 33.81  ?  21  DG  A N2    1 
ATOM   440 N  N3    . DG  A 1 21 ? -5.648  4.155   -4.979  1.00 34.66  ?  21  DG  A N3    1 
ATOM   441 C  C4    . DG  A 1 21 ? -4.446  4.484   -5.502  1.00 35.10  ?  21  DG  A C4    1 
ATOM   442 P  P     . DG  A 1 22 ? -7.230  9.564   -3.898  1.00 50.94  ?  22  DG  A P     1 
ATOM   443 O  OP1   . DG  A 1 22 ? -8.576  10.156  -4.093  1.00 63.94  ?  22  DG  A OP1   1 
ATOM   444 O  OP2   . DG  A 1 22 ? -6.191  10.278  -3.110  1.00 51.16  ?  22  DG  A OP2   1 
ATOM   445 O  "O5'" . DG  A 1 22 ? -7.499  8.136   -3.273  1.00 47.45  ?  22  DG  A "O5'" 1 
ATOM   446 C  "C5'" . DG  A 1 22 ? -7.387  7.985   -1.860  1.00 46.80  ?  22  DG  A "C5'" 1 
ATOM   447 C  "C4'" . DG  A 1 22 ? -8.271  6.854   -1.405  1.00 44.18  ?  22  DG  A "C4'" 1 
ATOM   448 O  "O4'" . DG  A 1 22 ? -7.755  5.591   -1.903  1.00 41.65  ?  22  DG  A "O4'" 1 
ATOM   449 C  "C3'" . DG  A 1 22 ? -8.349  6.703   0.107   1.00 42.18  ?  22  DG  A "C3'" 1 
ATOM   450 O  "O3'" . DG  A 1 22 ? -9.653  6.217   0.421   1.00 45.64  ?  22  DG  A "O3'" 1 
ATOM   451 C  "C2'" . DG  A 1 22 ? -7.259  5.686   0.409   1.00 39.55  ?  22  DG  A "C2'" 1 
ATOM   452 C  "C1'" . DG  A 1 22 ? -7.284  4.787   -0.825  1.00 37.85  ?  22  DG  A "C1'" 1 
ATOM   453 N  N9    . DG  A 1 22 ? -5.995  4.226   -1.218  1.00 34.20  ?  22  DG  A N9    1 
ATOM   454 C  C8    . DG  A 1 22 ? -4.946  4.904   -1.785  1.00 33.46  ?  22  DG  A C8    1 
ATOM   455 N  N7    . DG  A 1 22 ? -3.926  4.136   -2.053  1.00 31.96  ?  22  DG  A N7    1 
ATOM   456 C  C5    . DG  A 1 22 ? -4.332  2.873   -1.648  1.00 31.43  ?  22  DG  A C5    1 
ATOM   457 C  C6    . DG  A 1 22 ? -3.644  1.640   -1.682  1.00 33.11  ?  22  DG  A C6    1 
ATOM   458 O  O6    . DG  A 1 22 ? -2.505  1.403   -2.113  1.00 34.51  ?  22  DG  A O6    1 
ATOM   459 N  N1    . DG  A 1 22 ? -4.417  0.606   -1.153  1.00 30.69  ?  22  DG  A N1    1 
ATOM   460 C  C2    . DG  A 1 22 ? -5.697  0.746   -0.681  1.00 28.69  ?  22  DG  A C2    1 
ATOM   461 N  N2    . DG  A 1 22 ? -6.286  -0.368  -0.224  1.00 26.64  ?  22  DG  A N2    1 
ATOM   462 N  N3    . DG  A 1 22 ? -6.345  1.897   -0.636  1.00 28.57  ?  22  DG  A N3    1 
ATOM   463 C  C4    . DG  A 1 22 ? -5.604  2.912   -1.125  1.00 29.82  ?  22  DG  A C4    1 
ATOM   464 P  P     . DG  A 1 23 ? -10.210 6.398   1.873   1.00 48.10  ?  23  DG  A P     1 
ATOM   465 O  OP1   . DG  A 1 23 ? -11.689 6.503   1.769   1.00 48.94  ?  23  DG  A OP1   1 
ATOM   466 O  OP2   . DG  A 1 23 ? -9.408  7.460   2.532   1.00 46.20  ?  23  DG  A OP2   1 
ATOM   467 O  "O5'" . DG  A 1 23 ? -9.751  5.082   2.649   1.00 44.53  ?  23  DG  A "O5'" 1 
ATOM   468 C  "C5'" . DG  A 1 23 ? -9.926  3.756   2.129   1.00 43.06  ?  23  DG  A "C5'" 1 
ATOM   469 C  "C4'" . DG  A 1 23 ? -9.481  2.728   3.147   1.00 43.49  ?  23  DG  A "C4'" 1 
ATOM   470 O  "O4'" . DG  A 1 23 ? -8.269  2.096   2.674   1.00 40.50  ?  23  DG  A "O4'" 1 
ATOM   471 C  "C3'" . DG  A 1 23 ? -9.149  3.238   4.556   1.00 43.21  ?  23  DG  A "C3'" 1 
ATOM   472 O  "O3'" . DG  A 1 23 ? -9.320  2.196   5.514   1.00 47.94  ?  23  DG  A "O3'" 1 
ATOM   473 C  "C2'" . DG  A 1 23 ? -7.648  3.413   4.507   1.00 39.81  ?  23  DG  A "C2'" 1 
ATOM   474 C  "C1'" . DG  A 1 23 ? -7.265  2.201   3.678   1.00 37.16  ?  23  DG  A "C1'" 1 
ATOM   475 N  N9    . DG  A 1 23 ? -5.969  2.273   3.012   1.00 34.63  ?  23  DG  A N9    1 
ATOM   476 C  C8    . DG  A 1 23 ? -5.319  3.400   2.559   1.00 33.99  ?  23  DG  A C8    1 
ATOM   477 N  N7    . DG  A 1 23 ? -4.178  3.136   1.985   1.00 29.49  ?  23  DG  A N7    1 
ATOM   478 C  C5    . DG  A 1 23 ? -4.058  1.756   2.081   1.00 30.36  ?  23  DG  A C5    1 
ATOM   479 C  C6    . DG  A 1 23 ? -3.028  0.897   1.634   1.00 31.70  ?  23  DG  A C6    1 
ATOM   480 O  O6    . DG  A 1 23 ? -1.985  1.191   1.030   1.00 32.84  ?  23  DG  A O6    1 
ATOM   481 N  N1    . DG  A 1 23 ? -3.312  -0.434  1.923   1.00 32.08  ?  23  DG  A N1    1 
ATOM   482 C  C2    . DG  A 1 23 ? -4.457  -0.882  2.531   1.00 31.67  ?  23  DG  A C2    1 
ATOM   483 N  N2    . DG  A 1 23 ? -4.538  -2.210  2.713   1.00 32.28  ?  23  DG  A N2    1 
ATOM   484 N  N3    . DG  A 1 23 ? -5.423  -0.089  2.965   1.00 27.70  ?  23  DG  A N3    1 
ATOM   485 C  C4    . DG  A 1 23 ? -5.163  1.208   2.700   1.00 29.39  ?  23  DG  A C4    1 
ATOM   486 P  P     . DT  A 1 24 ? -9.799  2.519   7.006   1.00 68.42  ?  24  DT  A P     1 
ATOM   487 O  OP1   . DT  A 1 24 ? -10.727 3.687   6.952   1.00 68.48  ?  24  DT  A OP1   1 
ATOM   488 O  OP2   . DT  A 1 24 ? -8.605  2.567   7.919   1.00 56.22  ?  24  DT  A OP2   1 
ATOM   489 O  "O5'" . DT  A 1 24 ? -10.639 1.212   7.372   1.00 64.86  ?  24  DT  A "O5'" 1 
ATOM   490 O  O2    . DT  A 1 24 ? -6.793  -4.513  7.914   1.00 46.52  ?  24  DT  A O2    1 
HETATM 491 K  K     . K   B 2 .  ? -0.618  -0.081  -0.685  1.00 31.72  ?  101 K   A K     1 
HETATM 492 K  K     . K   C 2 .  ? -1.793  -0.541  -3.843  1.00 26.42  ?  102 K   A K     1 
HETATM 493 K  K     . K   D 2 .  ? -3.217  -1.219  -7.371  0.50 23.98  ?  103 K   A K     1 
HETATM 494 C  C12   A I6K E 3 .  ? 3.746   -3.435  3.608   0.25 52.70  ?  104 I6K A C12   1 
HETATM 495 C  C13   A I6K E 3 .  ? -1.710  0.726   4.860   0.25 52.11  ?  104 I6K A C13   1 
HETATM 496 C  C9    A I6K E 3 .  ? 1.593   -4.128  4.411   0.25 54.66  ?  104 I6K A C9    1 
HETATM 497 C  C8    A I6K E 3 .  ? -3.211  -0.595  6.102   0.25 54.01  ?  104 I6K A C8    1 
HETATM 498 C  C3    A I6K E 3 .  ? -0.407  0.767   4.139   0.25 50.97  ?  104 I6K A C3    1 
HETATM 499 C  C7    A I6K E 3 .  ? -3.570  1.759   5.781   0.25 52.21  ?  104 I6K A C7    1 
HETATM 500 CL CL1   A I6K E 3 .  ? -1.700  -4.064  5.658   0.25 54.15  -1 104 I6K A CL1   1 
HETATM 501 C  C10   A I6K E 3 .  ? 2.930   -4.449  4.131   0.25 53.97  ?  104 I6K A C10   1 
HETATM 502 C  C5    A I6K E 3 .  ? 1.477   1.729   3.222   0.25 44.39  ?  104 I6K A C5    1 
HETATM 503 C  C2    A I6K E 3 .  ? 2.019   -1.941  3.699   0.25 52.73  ?  104 I6K A C2    1 
HETATM 504 C  C1    A I6K E 3 .  ? 1.476   -0.538  3.606   0.25 51.38  ?  104 I6K A C1    1 
HETATM 505 AU AU1   A I6K E 3 .  ? -0.792  -2.166  4.759   0.25 64.78  1  104 I6K A AU1   1 
HETATM 506 N  N1    A I6K E 3 .  ? 0.185   -0.456  4.086   0.25 52.99  ?  104 I6K A N1    1 
HETATM 507 N  N2    A I6K E 3 .  ? -2.087  -0.515  5.373   0.25 54.45  ?  104 I6K A N2    1 
HETATM 508 N  N3    A I6K E 3 .  ? 1.151   -2.911  4.201   0.25 54.69  ?  104 I6K A N3    1 
HETATM 509 N  N8    A I6K E 3 .  ? 2.132   0.528   3.168   0.25 47.97  ?  104 I6K A N8    1 
HETATM 510 N  N9    A I6K E 3 .  ? 0.207   1.888   3.695   0.25 46.57  ?  104 I6K A N9    1 
HETATM 511 N  N4    A I6K E 3 .  ? 3.274   -2.195  3.397   0.25 51.61  ?  104 I6K A N4    1 
HETATM 512 N  N5    A I6K E 3 .  ? -2.395  1.835   5.027   0.25 51.73  ?  104 I6K A N5    1 
HETATM 513 C  C15   A I6K E 3 .  ? -3.995  0.547   6.333   0.25 53.06  ?  104 I6K A C15   1 
HETATM 514 N  N6    A I6K E 3 .  ? 1.422   4.110   2.942   0.25 36.88  ?  104 I6K A N6    1 
HETATM 515 C  C16   A I6K E 3 .  ? 2.160   2.980   2.775   0.25 39.58  ?  104 I6K A C16   1 
HETATM 516 C  C17   A I6K E 3 .  ? 2.076   5.220   2.550   0.25 35.33  ?  104 I6K A C17   1 
HETATM 517 N  N7    A I6K E 3 .  ? 3.406   2.879   2.276   0.25 37.47  ?  104 I6K A N7    1 
HETATM 518 C  C19   A I6K E 3 .  ? 4.002   4.004   1.900   0.25 36.34  ?  104 I6K A C19   1 
HETATM 519 C  C20   A I6K E 3 .  ? 3.372   5.222   2.017   0.25 35.64  ?  104 I6K A C20   1 
HETATM 520 C  C12   B I6K F 3 .  ? 1.260   -3.879  4.501   0.25 60.41  ?  105 I6K A C12   1 
HETATM 521 C  C13   B I6K F 3 .  ? 3.896   2.269   2.287   0.25 60.53  ?  105 I6K A C13   1 
HETATM 522 C  C9    B I6K F 3 .  ? 0.059   -1.806  4.326   0.25 62.67  ?  105 I6K A C9    1 
HETATM 523 C  C8    B I6K F 3 .  ? 2.220   3.906   2.561   0.25 60.10  ?  105 I6K A C8    1 
HETATM 524 C  C3    B I6K F 3 .  ? 4.252   0.835   2.417   0.25 61.30  ?  105 I6K A C3    1 
HETATM 525 C  C7    B I6K F 3 .  ? 4.437   4.488   1.840   0.25 57.67  ?  105 I6K A C7    1 
HETATM 526 CL CL1   B I6K F 3 .  ? -0.677  1.687   3.972   0.25 60.82  -1 105 I6K A CL1   1 
HETATM 527 C  C10   B I6K F 3 .  ? 0.073   -3.160  4.707   0.25 61.07  ?  105 I6K A C10   1 
HETATM 528 C  C5    B I6K F 3 .  ? 5.684   -0.990  2.588   0.25 60.08  ?  105 I6K A C5    1 
HETATM 529 C  C2    B I6K F 3 .  ? 2.281   -2.021  3.639   0.25 61.92  ?  105 I6K A C2    1 
HETATM 530 C  C1    B I6K F 3 .  ? 3.478   -1.316  3.095   0.25 62.49  ?  105 I6K A C1    1 
HETATM 531 AU AU1   B I6K F 3 .  ? 1.362   0.868   3.273   0.25 71.20  1  105 I6K A AU1   1 
HETATM 532 N  N1    B I6K F 3 .  ? 3.214   0.059   2.810   0.25 62.80  ?  105 I6K A N1    1 
HETATM 533 N  N2    B I6K F 3 .  ? 2.580   2.597   2.617   0.25 61.64  ?  105 I6K A N2    1 
HETATM 534 N  N3    B I6K F 3 .  ? 1.135   -1.241  3.798   0.25 62.61  ?  105 I6K A N3    1 
HETATM 535 N  N8    B I6K F 3 .  ? 4.685   -1.839  2.971   0.25 61.08  ?  105 I6K A N8    1 
HETATM 536 N  N9    B I6K F 3 .  ? 5.495   0.327   2.283   0.25 60.29  ?  105 I6K A N9    1 
HETATM 537 N  N4    B I6K F 3 .  ? 2.348   -3.296  3.970   0.25 60.83  ?  105 I6K A N4    1 
HETATM 538 N  N5    B I6K F 3 .  ? 4.810   3.141   1.907   0.25 58.72  ?  105 I6K A N5    1 
HETATM 539 C  C15   B I6K F 3 .  ? 3.140   4.893   2.169   0.25 58.36  ?  105 I6K A C15   1 
HETATM 540 N  N6    B I6K F 3 .  ? 7.995   -0.430  2.514   0.25 60.09  ?  105 I6K A N6    1 
HETATM 541 C  C16   B I6K F 3 .  ? 7.092   -1.437  2.621   0.25 59.53  ?  105 I6K A C16   1 
HETATM 542 C  C17   B I6K F 3 .  ? 9.262   -0.859  2.631   0.25 57.94  ?  105 I6K A C17   1 
HETATM 543 N  N7    B I6K F 3 .  ? 7.337   -2.748  2.798   0.25 58.96  ?  105 I6K A N7    1 
HETATM 544 C  C19   B I6K F 3 .  ? 8.607   -3.119  2.904   0.25 56.41  ?  105 I6K A C19   1 
HETATM 545 C  C20   B I6K F 3 .  ? 9.627   -2.198  2.832   0.25 56.42  ?  105 I6K A C20   1 
HETATM 546 C  C12   C I6K G 3 .  ? 4.272   3.842   2.186   0.25 65.35  ?  106 I6K A C12   1 
HETATM 547 C  C13   C I6K G 3 .  ? 1.555   -2.359  3.920   0.25 67.80  ?  106 I6K A C13   1 
HETATM 548 C  C9    C I6K G 3 .  ? 5.398   1.725   2.037   0.25 67.07  ?  106 I6K A C9    1 
HETATM 549 C  C8    C I6K G 3 .  ? 3.307   -3.923  3.883   0.25 70.30  ?  106 I6K A C8    1 
HETATM 550 C  C3    C I6K G 3 .  ? 1.154   -0.952  3.685   0.25 66.18  ?  106 I6K A C3    1 
HETATM 551 C  C7    C I6K G 3 .  ? 1.146   -4.472  4.783   0.25 67.80  ?  106 I6K A C7    1 
HETATM 552 CL CL1   C I6K G 3 .  ? 6.116   -1.821  2.284   0.25 68.04  -1 106 I6K A CL1   1 
HETATM 553 C  C10   C I6K G 3 .  ? 5.460   3.129   1.984   0.25 65.74  ?  106 I6K A C10   1 
HETATM 554 C  C5    C I6K G 3 .  ? -0.170  0.934   3.926   0.25 57.70  ?  106 I6K A C5    1 
HETATM 555 C  C2    C I6K G 3 .  ? 3.128   1.901   2.527   0.25 67.03  ?  106 I6K A C2    1 
HETATM 556 C  C1    C I6K G 3 .  ? 1.909   1.183   3.010   0.25 66.92  ?  106 I6K A C1    1 
HETATM 557 AU AU1   C I6K G 3 .  ? 3.980   -1.031  2.658   0.25 81.11  1  106 I6K A AU1   1 
HETATM 558 N  N1    C I6K G 3 .  ? 2.136   -0.207  3.141   0.25 68.88  ?  106 I6K A N1    1 
HETATM 559 N  N2    C I6K G 3 .  ? 2.867   -2.682  3.584   0.25 69.62  ?  106 I6K A N2    1 
HETATM 560 N  N3    C I6K G 3 .  ? 4.260   1.112   2.296   0.25 68.48  ?  106 I6K A N3    1 
HETATM 561 N  N8    C I6K G 3 .  ? 0.775   1.756   3.379   0.25 61.71  ?  106 I6K A N8    1 
HETATM 562 N  N9    C I6K G 3 .  ? -0.020  -0.413  4.073   0.25 61.18  ?  106 I6K A N9    1 
HETATM 563 N  N4    C I6K G 3 .  ? 3.116   3.214   2.452   0.25 65.68  ?  106 I6K A N4    1 
HETATM 564 N  N5    C I6K G 3 .  ? 0.693   -3.185  4.476   0.25 66.98  ?  106 I6K A N5    1 
HETATM 565 C  C15   C I6K G 3 .  ? 2.461   -4.856  4.506   0.25 69.37  ?  106 I6K A C15   1 
HETATM 566 N  N6    C I6K G 3 .  ? -2.193  0.602   5.151   0.25 49.71  ?  106 I6K A N6    1 
HETATM 567 C  C16   C I6K G 3 .  ? -1.416  1.505   4.500   0.25 52.56  ?  106 I6K A C16   1 
HETATM 568 C  C17   C I6K G 3 .  ? -3.302  1.156   5.676   0.25 48.62  ?  106 I6K A C17   1 
HETATM 569 N  N7    C I6K G 3 .  ? -1.642  2.821   4.340   0.25 50.42  ?  106 I6K A N7    1 
HETATM 570 C  C19   C I6K G 3 .  ? -2.750  3.316   4.878   0.25 48.04  ?  106 I6K A C19   1 
HETATM 571 C  C20   C I6K G 3 .  ? -3.628  2.513   5.567   0.25 48.25  ?  106 I6K A C20   1 
HETATM 572 C  C12   D I6K H 3 .  ? -2.091  -0.796  5.278   0.25 75.38  ?  107 I6K A C12   1 
HETATM 573 C  C13   D I6K H 3 .  ? 1.783   4.495   2.862   0.25 76.33  ?  107 I6K A C13   1 
HETATM 574 C  C9    D I6K H 3 .  ? -2.749  1.509   5.182   0.25 76.51  ?  107 I6K A C9    1 
HETATM 575 C  C8    D I6K H 3 .  ? 0.765   6.387   3.744   0.25 78.58  ?  107 I6K A C8    1 
HETATM 576 C  C3    D I6K H 3 .  ? 1.751   3.028   2.823   0.25 76.52  ?  107 I6K A C3    1 
HETATM 577 C  C7    D I6K H 3 .  ? 2.906   6.500   2.661   0.25 76.56  ?  107 I6K A C7    1 
HETATM 578 CL CL1   D I6K H 3 .  ? -2.768  4.949   4.582   0.25 79.12  -1 107 I6K A CL1   1 
HETATM 579 C  C10   D I6K H 3 .  ? -3.024  0.199   5.606   0.25 75.52  ?  107 I6K A C10   1 
HETATM 580 C  C5    D I6K H 3 .  ? 2.703   0.950   2.743   0.25 74.00  ?  107 I6K A C5    1 
HETATM 581 C  C2    D I6K H 3 .  ? -0.744  0.738   4.230   0.25 76.57  ?  107 I6K A C2    1 
HETATM 582 C  C1    D I6K H 3 .  ? 0.557   1.153   3.556   0.25 77.32  ?  107 I6K A C1    1 
HETATM 583 AU AU1   D I6K H 3 .  ? -0.978  3.695   3.838   0.25 85.94  1  107 I6K A AU1   1 
HETATM 584 N  N1    D I6K H 3 .  ? 0.618   2.490   3.340   0.25 77.44  ?  107 I6K A N1    1 
HETATM 585 N  N2    D I6K H 3 .  ? 0.700   5.078   3.488   0.25 78.34  ?  107 I6K A N2    1 
HETATM 586 N  N3    D I6K H 3 .  ? -1.641  1.763   4.510   0.25 77.72  ?  107 I6K A N3    1 
HETATM 587 N  N8    D I6K H 3 .  ? 1.579   0.364   3.259   0.25 76.50  ?  107 I6K A N8    1 
HETATM 588 N  N9    D I6K H 3 .  ? 2.820   2.282   2.482   0.25 74.69  ?  107 I6K A N9    1 
HETATM 589 N  N4    D I6K H 3 .  ? -0.969  -0.510  4.593   0.25 75.52  ?  107 I6K A N4    1 
HETATM 590 N  N5    D I6K H 3 .  ? 2.850   5.125   2.423   0.25 75.08  ?  107 I6K A N5    1 
HETATM 591 C  C15   D I6K H 3 .  ? 1.873   7.152   3.339   0.25 77.97  ?  107 I6K A C15   1 
HETATM 592 N  N6    D I6K H 3 .  ? 5.047   0.896   2.280   0.25 68.95  ?  107 I6K A N6    1 
HETATM 593 C  C16   D I6K H 3 .  ? 3.943   0.153   2.553   0.25 71.72  ?  107 I6K A C16   1 
HETATM 594 C  C17   D I6K H 3 .  ? 6.166   0.151   2.202   0.25 67.36  ?  107 I6K A C17   1 
HETATM 595 N  N7    D I6K H 3 .  ? 3.868   -1.181  2.708   0.25 71.33  ?  107 I6K A N7    1 
HETATM 596 C  C19   D I6K H 3 .  ? 4.999   -1.868  2.608   0.25 68.89  ?  107 I6K A C19   1 
HETATM 597 C  C20   D I6K H 3 .  ? 6.195   -1.240  2.355   0.25 67.51  ?  107 I6K A C20   1 
HETATM 598 O  O     . HOH I 4 .  ? -12.103 -0.390  7.350   1.00 49.95  ?  201 HOH A O     1 
HETATM 599 O  O     . HOH I 4 .  ? 6.906   5.245   -5.783  1.00 99.19  ?  202 HOH A O     1 
HETATM 600 O  O     . HOH I 4 .  ? -0.598  8.516   2.626   1.00 44.59  ?  203 HOH A O     1 
HETATM 601 O  O     . HOH I 4 .  ? -14.030 1.579   -3.875  1.00 51.28  ?  204 HOH A O     1 
HETATM 602 O  O     . HOH I 4 .  ? 0.405   -17.071 -2.029  1.00 45.01  ?  205 HOH A O     1 
HETATM 603 O  O     . HOH I 4 .  ? 9.578   -6.493  0.141   1.00 40.13  ?  206 HOH A O     1 
HETATM 604 O  O     . HOH I 4 .  ? 12.774  -2.709  -3.518  1.00 58.75  ?  207 HOH A O     1 
HETATM 605 O  O     . HOH I 4 .  ? 11.888  6.768   -3.895  1.00 44.55  ?  208 HOH A O     1 
HETATM 606 O  O     . HOH I 4 .  ? -8.676  -2.956  7.864   1.00 51.85  ?  209 HOH A O     1 
HETATM 607 O  O     . HOH I 4 .  ? -3.926  -17.746 4.765   1.00 47.05  ?  210 HOH A O     1 
HETATM 608 O  O     . HOH I 4 .  ? 9.695   0.767   -2.875  1.00 315.83 ?  211 HOH A O     1 
HETATM 609 O  O     . HOH I 4 .  ? -1.498  -8.669  -0.493  1.00 43.52  ?  212 HOH A O     1 
HETATM 610 O  O     . HOH I 4 .  ? -5.821  -2.389  7.122   1.00 52.17  ?  213 HOH A O     1 
HETATM 611 O  O     . HOH I 4 .  ? -10.514 -5.193  2.642   1.00 61.98  ?  214 HOH A O     1 
HETATM 612 O  O     . HOH I 4 .  ? 7.062   -0.772  -5.061  1.00 46.55  ?  215 HOH A O     1 
HETATM 613 O  O     . HOH I 4 .  ? 8.220   -5.912  -6.493  1.00 45.97  ?  216 HOH A O     1 
HETATM 614 O  O     . HOH I 4 .  ? 6.189   9.430   -1.454  1.00 46.17  ?  217 HOH A O     1 
HETATM 615 O  O     . HOH I 4 .  ? 2.188   -13.268 7.945   1.00 59.06  ?  218 HOH A O     1 
HETATM 616 O  O     . HOH I 4 .  ? -17.110 2.422   4.927   1.00 54.09  ?  219 HOH A O     1 
HETATM 617 O  O     . HOH I 4 .  ? -6.257  -10.878 -0.353  1.00 43.88  ?  220 HOH A O     1 
HETATM 618 O  O     . HOH I 4 .  ? 3.236   9.727   -7.917  1.00 49.24  ?  221 HOH A O     1 
HETATM 619 O  O     . HOH I 4 .  ? -9.472  12.317  -5.413  1.00 52.22  ?  222 HOH A O     1 
HETATM 620 O  O     . HOH I 4 .  ? -17.634 3.688   8.084   1.00 71.71  ?  223 HOH A O     1 
HETATM 621 O  O     . HOH I 4 .  ? -3.968  -11.391 -1.624  1.00 50.67  ?  224 HOH A O     1 
HETATM 622 O  O     . HOH I 4 .  ? 12.089  0.098   3.089   1.00 95.47  ?  225 HOH A O     1 
HETATM 623 O  O     . HOH I 4 .  ? -7.211  6.955   4.083   1.00 43.01  ?  226 HOH A O     1 
HETATM 624 O  O     . HOH I 4 .  ? -9.083  0.628   0.507   1.00 59.74  ?  227 HOH A O     1 
HETATM 625 O  O     . HOH I 4 .  ? -13.994 -5.986  -1.848  1.00 82.57  ?  228 HOH A O     1 
HETATM 626 O  O     . HOH I 4 .  ? -6.107  13.023  -3.595  1.00 50.33  ?  229 HOH A O     1 
HETATM 627 O  O     . HOH I 4 .  ? -15.947 -0.518  -3.099  1.00 67.18  ?  230 HOH A O     1 
HETATM 628 O  O     . HOH I 4 .  ? 6.336   6.517   -1.379  1.00 41.26  ?  231 HOH A O     1 
HETATM 629 O  O     . HOH I 4 .  ? -2.873  7.181   -9.197  1.00 45.68  ?  232 HOH A O     1 
HETATM 630 O  O     . HOH I 4 .  ? -4.362  -8.791  5.923   1.00 63.23  ?  233 HOH A O     1 
HETATM 631 O  O     . HOH I 4 .  ? -9.790  -7.236  6.190   1.00 59.62  ?  234 HOH A O     1 
HETATM 632 O  O     . HOH I 4 .  ? -10.704 -9.055  -0.024  1.00 60.91  ?  235 HOH A O     1 
HETATM 633 O  O     . HOH I 4 .  ? -4.080  -13.425 2.460   1.00 60.52  ?  236 HOH A O     1 
HETATM 634 O  O     . HOH I 4 .  ? 13.965  3.364   -6.985  1.00 51.76  ?  237 HOH A O     1 
HETATM 635 O  O     . HOH I 4 .  ? 7.524   8.373   -9.043  1.00 51.14  ?  238 HOH A O     1 
HETATM 636 O  O     . HOH I 4 .  ? -13.706 8.547   1.055   1.00 38.29  ?  239 HOH A O     1 
HETATM 637 O  O     . HOH I 4 .  ? -10.129 -5.263  7.983   1.00 52.37  ?  240 HOH A O     1 
HETATM 638 O  O     . HOH I 4 .  ? -6.972  12.032  -6.306  1.00 70.66  ?  241 HOH A O     1 
HETATM 639 O  O     . HOH I 4 .  ? -5.356  -5.624  5.126   1.00 50.85  ?  242 HOH A O     1 
HETATM 640 O  O     . HOH I 4 .  ? -11.202 -0.063  -4.172  1.00 56.46  ?  243 HOH A O     1 
HETATM 641 O  O     . HOH I 4 .  ? -3.216  15.458  -9.723  1.00 48.30  ?  244 HOH A O     1 
HETATM 642 O  O     . HOH I 4 .  ? 6.906   -5.518  0.618   1.00 46.96  ?  245 HOH A O     1 
HETATM 643 O  O     . HOH I 4 .  ? -10.747 5.812   -2.973  1.00 53.94  ?  246 HOH A O     1 
HETATM 644 O  O     . HOH I 4 .  ? -15.547 -4.096  -0.649  1.00 71.06  ?  247 HOH A O     1 
HETATM 645 O  O     . HOH I 4 .  ? -11.116 -2.314  8.185   1.00 41.18  ?  248 HOH A O     1 
HETATM 646 O  O     . HOH I 4 .  ? -6.441  -14.816 -3.501  1.00 41.09  ?  249 HOH A O     1 
HETATM 647 O  O     . HOH I 4 .  ? -11.857 -4.159  14.379  1.00 76.01  ?  250 HOH A O     1 
HETATM 648 O  O     . HOH I 4 .  ? -3.546  -8.785  -1.986  1.00 48.20  ?  251 HOH A O     1 
HETATM 649 O  O     . HOH I 4 .  ? 2.574   16.047  2.882   1.00 48.74  ?  252 HOH A O     1 
# 
